data_3WOB
# 
_entry.id   3WOB 
# 
_audit_conform.dict_name       mmcif_pdbx.dic 
_audit_conform.dict_version    5.381 
_audit_conform.dict_location   http://mmcif.pdb.org/dictionaries/ascii/mmcif_pdbx.dic 
# 
loop_
_database_2.database_id 
_database_2.database_code 
_database_2.pdbx_database_accession 
_database_2.pdbx_DOI 
PDB   3WOB         pdb_00003wob 10.2210/pdb3wob/pdb 
RCSB  RCSB096586   ?            ?                   
WWPDB D_1000096586 ?            ?                   
# 
_pdbx_database_related.db_name        PDB 
_pdbx_database_related.db_id          3woc 
_pdbx_database_related.details        . 
_pdbx_database_related.content_type   unspecified 
# 
_pdbx_database_status.status_code                     REL 
_pdbx_database_status.entry_id                        3WOB 
_pdbx_database_status.recvd_initial_deposition_date   2013-12-26 
_pdbx_database_status.deposit_site                    PDBJ 
_pdbx_database_status.process_site                    PDBJ 
_pdbx_database_status.methods_development_category    ? 
_pdbx_database_status.status_code_sf                  REL 
_pdbx_database_status.status_code_mr                  ? 
_pdbx_database_status.SG_entry                        ? 
_pdbx_database_status.status_code_cs                  ? 
_pdbx_database_status.pdb_format_compatible           Y 
_pdbx_database_status.status_code_nmr_data            ? 
# 
loop_
_audit_author.name 
_audit_author.pdbx_ordinal 
'Garenaux, E.'   1  
'Kanagawa, M.'   2  
'Tsuchiyama, T.' 3  
'Hori, K.'       4  
'Kanazawa, T.'   5  
'Goshima, A.'    6  
'Chiba, M.'      7  
'Yasue, H.'      8  
'Ikeda, A.'      9  
'Yamaguchi, Y.'  10 
'Sato, C.'       11 
'Kitajima, K.'   12 
# 
_citation.id                        primary 
_citation.title                     
;Discovery, Primary, and Crystal Structures and Capacitation-related Properties of a Prostate-derived Heparin-binding Protein WGA16 from Boar Sperm
;
_citation.journal_abbrev            J.Biol.Chem. 
_citation.journal_volume            290 
_citation.page_first                5484 
_citation.page_last                 5501 
_citation.year                      2015 
_citation.journal_id_ASTM           JBCHA3 
_citation.country                   US 
_citation.journal_id_ISSN           0021-9258 
_citation.journal_id_CSD            0071 
_citation.book_publisher            ? 
_citation.pdbx_database_id_PubMed   25568322 
_citation.pdbx_database_id_DOI      10.1074/jbc.M114.635268 
# 
loop_
_citation_author.citation_id 
_citation_author.name 
_citation_author.ordinal 
_citation_author.identifier_ORCID 
primary 'Garenaux, E.'   1  ? 
primary 'Kanagawa, M.'   2  ? 
primary 'Tsuchiyama, T.' 3  ? 
primary 'Hori, K.'       4  ? 
primary 'Kanazawa, T.'   5  ? 
primary 'Goshima, A.'    6  ? 
primary 'Chiba, M.'      7  ? 
primary 'Yasue, H.'      8  ? 
primary 'Ikeda, A.'      9  ? 
primary 'Yamaguchi, Y.'  10 ? 
primary 'Sato, C.'       11 ? 
primary 'Kitajima, K.'   12 ? 
# 
_cell.entry_id           3WOB 
_cell.length_a           26.880 
_cell.length_b           52.333 
_cell.length_c           45.300 
_cell.angle_alpha        90.00 
_cell.angle_beta         103.18 
_cell.angle_gamma        90.00 
_cell.Z_PDB              2 
_cell.pdbx_unique_axis   ? 
_cell.length_a_esd       ? 
_cell.length_b_esd       ? 
_cell.length_c_esd       ? 
_cell.angle_alpha_esd    ? 
_cell.angle_beta_esd     ? 
_cell.angle_gamma_esd    ? 
# 
_symmetry.entry_id                         3WOB 
_symmetry.space_group_name_H-M             'P 1 21 1' 
_symmetry.pdbx_full_space_group_name_H-M   ? 
_symmetry.cell_setting                     ? 
_symmetry.Int_Tables_number                4 
_symmetry.space_group_name_Hall            ? 
# 
loop_
_entity.id 
_entity.type 
_entity.src_method 
_entity.pdbx_description 
_entity.formula_weight 
_entity.pdbx_number_of_molecules 
_entity.pdbx_ec 
_entity.pdbx_mutation 
_entity.pdbx_fragment 
_entity.details 
1 polymer man 'hypothetical protein' 14771.708 1  ? ? ? ? 
2 water   nat water                  18.015    61 ? ? ? ? 
# 
_entity_poly.entity_id                      1 
_entity_poly.type                           'polypeptide(L)' 
_entity_poly.nstd_linkage                   no 
_entity_poly.nstd_monomer                   no 
_entity_poly.pdbx_seq_one_letter_code       
;GSGQMFGNGKGSYFITSKDNETGITGIRVFVGPVGLIKSIQVRYGSSWSEKYGIPGGKAHELILHPGEHIISIYGRYRTF
LQHVTLITNQGRSASFGLETGKGFFAAPNLTGQVLEGVYGQFWLYGITGIGFTWGF
;
_entity_poly.pdbx_seq_one_letter_code_can   
;GSGQMFGNGKGSYFITSKDNETGITGIRVFVGPVGLIKSIQVRYGSSWSEKYGIPGGKAHELILHPGEHIISIYGRYRTF
LQHVTLITNQGRSASFGLETGKGFFAAPNLTGQVLEGVYGQFWLYGITGIGFTWGF
;
_entity_poly.pdbx_strand_id                 A 
_entity_poly.pdbx_target_identifier         ? 
# 
loop_
_entity_poly_seq.entity_id 
_entity_poly_seq.num 
_entity_poly_seq.mon_id 
_entity_poly_seq.hetero 
1 1   GLY n 
1 2   SER n 
1 3   GLY n 
1 4   GLN n 
1 5   MET n 
1 6   PHE n 
1 7   GLY n 
1 8   ASN n 
1 9   GLY n 
1 10  LYS n 
1 11  GLY n 
1 12  SER n 
1 13  TYR n 
1 14  PHE n 
1 15  ILE n 
1 16  THR n 
1 17  SER n 
1 18  LYS n 
1 19  ASP n 
1 20  ASN n 
1 21  GLU n 
1 22  THR n 
1 23  GLY n 
1 24  ILE n 
1 25  THR n 
1 26  GLY n 
1 27  ILE n 
1 28  ARG n 
1 29  VAL n 
1 30  PHE n 
1 31  VAL n 
1 32  GLY n 
1 33  PRO n 
1 34  VAL n 
1 35  GLY n 
1 36  LEU n 
1 37  ILE n 
1 38  LYS n 
1 39  SER n 
1 40  ILE n 
1 41  GLN n 
1 42  VAL n 
1 43  ARG n 
1 44  TYR n 
1 45  GLY n 
1 46  SER n 
1 47  SER n 
1 48  TRP n 
1 49  SER n 
1 50  GLU n 
1 51  LYS n 
1 52  TYR n 
1 53  GLY n 
1 54  ILE n 
1 55  PRO n 
1 56  GLY n 
1 57  GLY n 
1 58  LYS n 
1 59  ALA n 
1 60  HIS n 
1 61  GLU n 
1 62  LEU n 
1 63  ILE n 
1 64  LEU n 
1 65  HIS n 
1 66  PRO n 
1 67  GLY n 
1 68  GLU n 
1 69  HIS n 
1 70  ILE n 
1 71  ILE n 
1 72  SER n 
1 73  ILE n 
1 74  TYR n 
1 75  GLY n 
1 76  ARG n 
1 77  TYR n 
1 78  ARG n 
1 79  THR n 
1 80  PHE n 
1 81  LEU n 
1 82  GLN n 
1 83  HIS n 
1 84  VAL n 
1 85  THR n 
1 86  LEU n 
1 87  ILE n 
1 88  THR n 
1 89  ASN n 
1 90  GLN n 
1 91  GLY n 
1 92  ARG n 
1 93  SER n 
1 94  ALA n 
1 95  SER n 
1 96  PHE n 
1 97  GLY n 
1 98  LEU n 
1 99  GLU n 
1 100 THR n 
1 101 GLY n 
1 102 LYS n 
1 103 GLY n 
1 104 PHE n 
1 105 PHE n 
1 106 ALA n 
1 107 ALA n 
1 108 PRO n 
1 109 ASN n 
1 110 LEU n 
1 111 THR n 
1 112 GLY n 
1 113 GLN n 
1 114 VAL n 
1 115 LEU n 
1 116 GLU n 
1 117 GLY n 
1 118 VAL n 
1 119 TYR n 
1 120 GLY n 
1 121 GLN n 
1 122 PHE n 
1 123 TRP n 
1 124 LEU n 
1 125 TYR n 
1 126 GLY n 
1 127 ILE n 
1 128 THR n 
1 129 GLY n 
1 130 ILE n 
1 131 GLY n 
1 132 PHE n 
1 133 THR n 
1 134 TRP n 
1 135 GLY n 
1 136 PHE n 
# 
_entity_src_gen.entity_id                          1 
_entity_src_gen.pdbx_src_id                        1 
_entity_src_gen.pdbx_alt_source_flag               sample 
_entity_src_gen.pdbx_seq_type                      ? 
_entity_src_gen.pdbx_beg_seq_num                   ? 
_entity_src_gen.pdbx_end_seq_num                   ? 
_entity_src_gen.gene_src_common_name               ? 
_entity_src_gen.gene_src_genus                     ? 
_entity_src_gen.pdbx_gene_src_gene                 ? 
_entity_src_gen.gene_src_species                   ? 
_entity_src_gen.gene_src_strain                    ? 
_entity_src_gen.gene_src_tissue                    ? 
_entity_src_gen.gene_src_tissue_fraction           ? 
_entity_src_gen.gene_src_details                   ? 
_entity_src_gen.pdbx_gene_src_fragment             ? 
_entity_src_gen.pdbx_gene_src_scientific_name      'Sus scrofa' 
_entity_src_gen.pdbx_gene_src_ncbi_taxonomy_id     9823 
_entity_src_gen.pdbx_gene_src_variant              ? 
_entity_src_gen.pdbx_gene_src_cell_line            ? 
_entity_src_gen.pdbx_gene_src_atcc                 ? 
_entity_src_gen.pdbx_gene_src_organ                ? 
_entity_src_gen.pdbx_gene_src_organelle            ? 
_entity_src_gen.pdbx_gene_src_cell                 ? 
_entity_src_gen.pdbx_gene_src_cellular_location    ? 
_entity_src_gen.host_org_common_name               ? 
_entity_src_gen.pdbx_host_org_scientific_name      'Escherichia coli' 
_entity_src_gen.pdbx_host_org_ncbi_taxonomy_id     562 
_entity_src_gen.host_org_genus                     ? 
_entity_src_gen.pdbx_host_org_gene                 ? 
_entity_src_gen.pdbx_host_org_organ                ? 
_entity_src_gen.host_org_species                   ? 
_entity_src_gen.pdbx_host_org_tissue               ? 
_entity_src_gen.pdbx_host_org_tissue_fraction      ? 
_entity_src_gen.pdbx_host_org_strain               ? 
_entity_src_gen.pdbx_host_org_variant              ? 
_entity_src_gen.pdbx_host_org_cell_line            ? 
_entity_src_gen.pdbx_host_org_atcc                 ? 
_entity_src_gen.pdbx_host_org_culture_collection   ? 
_entity_src_gen.pdbx_host_org_cell                 ? 
_entity_src_gen.pdbx_host_org_organelle            ? 
_entity_src_gen.pdbx_host_org_cellular_location    ? 
_entity_src_gen.pdbx_host_org_vector_type          ? 
_entity_src_gen.pdbx_host_org_vector               ? 
_entity_src_gen.host_org_details                   ? 
_entity_src_gen.expression_system_id               ? 
_entity_src_gen.plasmid_name                       ? 
_entity_src_gen.plasmid_details                    ? 
_entity_src_gen.pdbx_description                   ? 
# 
_struct_ref.id                         1 
_struct_ref.db_name                    PDB 
_struct_ref.db_code                    3WOB 
_struct_ref.pdbx_db_accession          3WOB 
_struct_ref.entity_id                  1 
_struct_ref.pdbx_align_begin           ? 
_struct_ref.pdbx_seq_one_letter_code   ? 
_struct_ref.pdbx_db_isoform            ? 
# 
_struct_ref_seq.align_id                      1 
_struct_ref_seq.ref_id                        1 
_struct_ref_seq.pdbx_PDB_id_code              3WOB 
_struct_ref_seq.pdbx_strand_id                A 
_struct_ref_seq.seq_align_beg                 1 
_struct_ref_seq.pdbx_seq_align_beg_ins_code   ? 
_struct_ref_seq.seq_align_end                 136 
_struct_ref_seq.pdbx_seq_align_end_ins_code   ? 
_struct_ref_seq.pdbx_db_accession             3WOB 
_struct_ref_seq.db_align_beg                  16 
_struct_ref_seq.pdbx_db_align_beg_ins_code    ? 
_struct_ref_seq.db_align_end                  151 
_struct_ref_seq.pdbx_db_align_end_ins_code    ? 
_struct_ref_seq.pdbx_auth_seq_align_beg       16 
_struct_ref_seq.pdbx_auth_seq_align_end       151 
# 
loop_
_chem_comp.id 
_chem_comp.type 
_chem_comp.mon_nstd_flag 
_chem_comp.name 
_chem_comp.pdbx_synonyms 
_chem_comp.formula 
_chem_comp.formula_weight 
ALA 'L-peptide linking' y ALANINE         ? 'C3 H7 N O2'     89.093  
ARG 'L-peptide linking' y ARGININE        ? 'C6 H15 N4 O2 1' 175.209 
ASN 'L-peptide linking' y ASPARAGINE      ? 'C4 H8 N2 O3'    132.118 
ASP 'L-peptide linking' y 'ASPARTIC ACID' ? 'C4 H7 N O4'     133.103 
GLN 'L-peptide linking' y GLUTAMINE       ? 'C5 H10 N2 O3'   146.144 
GLU 'L-peptide linking' y 'GLUTAMIC ACID' ? 'C5 H9 N O4'     147.129 
GLY 'peptide linking'   y GLYCINE         ? 'C2 H5 N O2'     75.067  
HIS 'L-peptide linking' y HISTIDINE       ? 'C6 H10 N3 O2 1' 156.162 
HOH non-polymer         . WATER           ? 'H2 O'           18.015  
ILE 'L-peptide linking' y ISOLEUCINE      ? 'C6 H13 N O2'    131.173 
LEU 'L-peptide linking' y LEUCINE         ? 'C6 H13 N O2'    131.173 
LYS 'L-peptide linking' y LYSINE          ? 'C6 H15 N2 O2 1' 147.195 
MET 'L-peptide linking' y METHIONINE      ? 'C5 H11 N O2 S'  149.211 
PHE 'L-peptide linking' y PHENYLALANINE   ? 'C9 H11 N O2'    165.189 
PRO 'L-peptide linking' y PROLINE         ? 'C5 H9 N O2'     115.130 
SER 'L-peptide linking' y SERINE          ? 'C3 H7 N O3'     105.093 
THR 'L-peptide linking' y THREONINE       ? 'C4 H9 N O3'     119.119 
TRP 'L-peptide linking' y TRYPTOPHAN      ? 'C11 H12 N2 O2'  204.225 
TYR 'L-peptide linking' y TYROSINE        ? 'C9 H11 N O3'    181.189 
VAL 'L-peptide linking' y VALINE          ? 'C5 H11 N O2'    117.146 
# 
_exptl.entry_id          3WOB 
_exptl.method            'X-RAY DIFFRACTION' 
_exptl.crystals_number   1 
# 
_exptl_crystal.id                    1 
_exptl_crystal.density_meas          ? 
_exptl_crystal.density_Matthews      2.10 
_exptl_crystal.density_percent_sol   41.43 
_exptl_crystal.description           ? 
_exptl_crystal.F_000                 ? 
_exptl_crystal.preparation           ? 
# 
_exptl_crystal_grow.crystal_id      1 
_exptl_crystal_grow.method          'VAPOR DIFFUSION, SITTING DROP' 
_exptl_crystal_grow.temp            293 
_exptl_crystal_grow.temp_details    ? 
_exptl_crystal_grow.pH              5.6 
_exptl_crystal_grow.pdbx_details    
;0.5M Sodium chloride, 0.1M Sodium citrate tribasic dihydrate pH 5.6, 2%(v/v) Ethylene imine polymer, VAPOR DIFFUSION, SITTING DROP, temperature 293K
;
_exptl_crystal_grow.pdbx_pH_range   ? 
# 
_diffrn.id                     1 
_diffrn.ambient_temp           100 
_diffrn.ambient_temp_details   ? 
_diffrn.crystal_id             1 
# 
_diffrn_detector.diffrn_id              1 
_diffrn_detector.detector               CCD 
_diffrn_detector.type                   'ADSC QUANTUM 270' 
_diffrn_detector.pdbx_collection_date   2013-05-13 
_diffrn_detector.details                ? 
# 
_diffrn_radiation.diffrn_id                        1 
_diffrn_radiation.wavelength_id                    1 
_diffrn_radiation.pdbx_monochromatic_or_laue_m_l   M 
_diffrn_radiation.monochromator                    'Si(111)' 
_diffrn_radiation.pdbx_diffrn_protocol             'SINGLE WAVELENGTH' 
_diffrn_radiation.pdbx_scattering_type             x-ray 
# 
_diffrn_radiation_wavelength.id           1 
_diffrn_radiation_wavelength.wavelength   1.00000 
_diffrn_radiation_wavelength.wt           1.0 
# 
_diffrn_source.diffrn_id                   1 
_diffrn_source.source                      SYNCHROTRON 
_diffrn_source.type                        'PHOTON FACTORY BEAMLINE AR-NE3A' 
_diffrn_source.pdbx_synchrotron_site       'Photon Factory' 
_diffrn_source.pdbx_synchrotron_beamline   AR-NE3A 
_diffrn_source.pdbx_wavelength             ? 
_diffrn_source.pdbx_wavelength_list        1.00000 
# 
_reflns.entry_id                     3WOB 
_reflns.observed_criterion_sigma_I   ? 
_reflns.observed_criterion_sigma_F   ? 
_reflns.d_resolution_low             50 
_reflns.d_resolution_high            2.60 
_reflns.number_obs                   3847 
_reflns.number_all                   ? 
_reflns.percent_possible_obs         99.8 
_reflns.pdbx_Rmerge_I_obs            0.162 
_reflns.pdbx_Rsym_value              ? 
_reflns.pdbx_netI_over_sigmaI        7.3 
_reflns.B_iso_Wilson_estimate        ? 
_reflns.pdbx_redundancy              3.7 
_reflns.R_free_details               ? 
_reflns.limit_h_max                  ? 
_reflns.limit_h_min                  ? 
_reflns.limit_k_max                  ? 
_reflns.limit_k_min                  ? 
_reflns.limit_l_max                  ? 
_reflns.limit_l_min                  ? 
_reflns.observed_criterion_F_max     ? 
_reflns.observed_criterion_F_min     ? 
_reflns.pdbx_chi_squared             ? 
_reflns.pdbx_scaling_rejects         ? 
_reflns.pdbx_ordinal                 1 
_reflns.pdbx_diffrn_id               1 
# 
_reflns_shell.d_res_high                  2.60 
_reflns_shell.d_res_low                   2.64 
_reflns_shell.percent_possible_all        100.0 
_reflns_shell.Rmerge_I_obs                0.510 
_reflns_shell.pdbx_Rsym_value             ? 
_reflns_shell.meanI_over_sigI_obs         2.1 
_reflns_shell.pdbx_redundancy             3.6 
_reflns_shell.percent_possible_obs        ? 
_reflns_shell.number_unique_all           ? 
_reflns_shell.number_measured_all         ? 
_reflns_shell.number_measured_obs         ? 
_reflns_shell.number_unique_obs           ? 
_reflns_shell.pdbx_chi_squared            ? 
_reflns_shell.pdbx_rejects                ? 
_reflns_shell.pdbx_netI_over_sigmaI_obs   ? 
_reflns_shell.number_possible             ? 
_reflns_shell.Rmerge_F_all                ? 
_reflns_shell.Rmerge_F_obs                ? 
_reflns_shell.Rmerge_I_all                ? 
_reflns_shell.meanI_over_sigI_all         ? 
_reflns_shell.pdbx_Rrim_I_all             ? 
_reflns_shell.pdbx_Rpim_I_all             ? 
_reflns_shell.pdbx_ordinal                1 
_reflns_shell.pdbx_diffrn_id              1 
# 
_refine.entry_id                                 3WOB 
_refine.ls_number_reflns_obs                     3654 
_refine.ls_number_reflns_all                     ? 
_refine.pdbx_ls_sigma_I                          ? 
_refine.pdbx_ls_sigma_F                          ? 
_refine.pdbx_data_cutoff_high_absF               ? 
_refine.pdbx_data_cutoff_low_absF                ? 
_refine.pdbx_data_cutoff_high_rms_absF           ? 
_refine.ls_d_res_low                             44.11 
_refine.ls_d_res_high                            2.6 
_refine.ls_percent_reflns_obs                    99.04 
_refine.ls_R_factor_obs                          0.21712 
_refine.ls_R_factor_all                          ? 
_refine.ls_R_factor_R_work                       0.21404 
_refine.ls_R_factor_R_free                       0.28317 
_refine.ls_R_factor_R_free_error                 ? 
_refine.ls_R_factor_R_free_error_details         ? 
_refine.ls_percent_reflns_R_free                 4.5 
_refine.ls_number_reflns_R_free                  172 
_refine.ls_number_parameters                     ? 
_refine.ls_number_restraints                     ? 
_refine.occupancy_min                            ? 
_refine.occupancy_max                            ? 
_refine.correlation_coeff_Fo_to_Fc               0.923 
_refine.correlation_coeff_Fo_to_Fc_free          0.884 
_refine.B_iso_mean                               24.673 
_refine.aniso_B[1][1]                            -1.85 
_refine.aniso_B[2][2]                            0.94 
_refine.aniso_B[3][3]                            1.20 
_refine.aniso_B[1][2]                            0.00 
_refine.aniso_B[1][3]                            0.61 
_refine.aniso_B[2][3]                            0.00 
_refine.solvent_model_details                    MASK 
_refine.solvent_model_param_ksol                 ? 
_refine.solvent_model_param_bsol                 ? 
_refine.pdbx_solvent_vdw_probe_radii             1.40 
_refine.pdbx_solvent_ion_probe_radii             0.80 
_refine.pdbx_solvent_shrinkage_radii             0.80 
_refine.pdbx_ls_cross_valid_method               THROUGHOUT 
_refine.details                                  'HYDROGENS HAVE BEEN ADDED IN THE RIDING POSITIONS' 
_refine.pdbx_starting_model                      3AQG 
_refine.pdbx_method_to_determine_struct          'MOLECULAR REPLACEMENT' 
_refine.pdbx_isotropic_thermal_model             ? 
_refine.pdbx_stereochemistry_target_values       'MAXIMUM LIKELIHOOD' 
_refine.pdbx_stereochem_target_val_spec_case     ? 
_refine.pdbx_R_Free_selection_details            RANDOM 
_refine.pdbx_overall_ESU_R                       ? 
_refine.pdbx_overall_ESU_R_Free                  0.410 
_refine.overall_SU_ML                            0.296 
_refine.pdbx_overall_phase_error                 ? 
_refine.overall_SU_B                             13.978 
_refine.overall_SU_R_Cruickshank_DPI             ? 
_refine.ls_redundancy_reflns_obs                 ? 
_refine.B_iso_min                                ? 
_refine.B_iso_max                                ? 
_refine.overall_SU_R_free                        ? 
_refine.ls_wR_factor_R_free                      ? 
_refine.ls_wR_factor_R_work                      ? 
_refine.overall_FOM_free_R_set                   ? 
_refine.overall_FOM_work_R_set                   ? 
_refine.pdbx_diffrn_id                           1 
_refine.pdbx_refine_id                           'X-RAY DIFFRACTION' 
_refine.pdbx_TLS_residual_ADP_flag               ? 
_refine.pdbx_overall_SU_R_free_Cruickshank_DPI   ? 
_refine.pdbx_overall_SU_R_Blow_DPI               ? 
_refine.pdbx_overall_SU_R_free_Blow_DPI          ? 
# 
_refine_hist.pdbx_refine_id                   'X-RAY DIFFRACTION' 
_refine_hist.cycle_id                         LAST 
_refine_hist.pdbx_number_atoms_protein        1039 
_refine_hist.pdbx_number_atoms_nucleic_acid   0 
_refine_hist.pdbx_number_atoms_ligand         0 
_refine_hist.number_atoms_solvent             61 
_refine_hist.number_atoms_total               1100 
_refine_hist.d_res_high                       2.6 
_refine_hist.d_res_low                        44.11 
# 
loop_
_refine_ls_restr.type 
_refine_ls_restr.dev_ideal 
_refine_ls_restr.dev_ideal_target 
_refine_ls_restr.weight 
_refine_ls_restr.number 
_refine_ls_restr.pdbx_restraint_function 
_refine_ls_restr.pdbx_refine_id 
r_bond_refined_d             0.006  0.022  ? 1069 ? 'X-RAY DIFFRACTION' 
r_bond_other_d               ?      ?      ? ?    ? 'X-RAY DIFFRACTION' 
r_angle_refined_deg          0.935  1.928  ? 1444 ? 'X-RAY DIFFRACTION' 
r_angle_other_deg            ?      ?      ? ?    ? 'X-RAY DIFFRACTION' 
r_dihedral_angle_1_deg       5.718  5.000  ? 133  ? 'X-RAY DIFFRACTION' 
r_dihedral_angle_2_deg       28.052 22.609 ? 46   ? 'X-RAY DIFFRACTION' 
r_dihedral_angle_3_deg       18.128 15.000 ? 165  ? 'X-RAY DIFFRACTION' 
r_dihedral_angle_4_deg       24.235 15.000 ? 5    ? 'X-RAY DIFFRACTION' 
r_chiral_restr               0.059  0.200  ? 148  ? 'X-RAY DIFFRACTION' 
r_gen_planes_refined         0.002  0.020  ? 825  ? 'X-RAY DIFFRACTION' 
r_gen_planes_other           ?      ?      ? ?    ? 'X-RAY DIFFRACTION' 
r_nbd_refined                0.165  0.200  ? 423  ? 'X-RAY DIFFRACTION' 
r_nbd_other                  ?      ?      ? ?    ? 'X-RAY DIFFRACTION' 
r_nbtor_refined              0.310  0.200  ? 714  ? 'X-RAY DIFFRACTION' 
r_nbtor_other                ?      ?      ? ?    ? 'X-RAY DIFFRACTION' 
r_xyhbond_nbd_refined        0.111  0.200  ? 45   ? 'X-RAY DIFFRACTION' 
r_xyhbond_nbd_other          ?      ?      ? ?    ? 'X-RAY DIFFRACTION' 
r_metal_ion_refined          ?      ?      ? ?    ? 'X-RAY DIFFRACTION' 
r_metal_ion_other            ?      ?      ? ?    ? 'X-RAY DIFFRACTION' 
r_symmetry_vdw_refined       0.195  0.200  ? 20   ? 'X-RAY DIFFRACTION' 
r_symmetry_vdw_other         ?      ?      ? ?    ? 'X-RAY DIFFRACTION' 
r_symmetry_hbond_refined     0.008  0.200  ? 3    ? 'X-RAY DIFFRACTION' 
r_symmetry_hbond_other       ?      ?      ? ?    ? 'X-RAY DIFFRACTION' 
r_symmetry_metal_ion_refined ?      ?      ? ?    ? 'X-RAY DIFFRACTION' 
r_symmetry_metal_ion_other   ?      ?      ? ?    ? 'X-RAY DIFFRACTION' 
r_mcbond_it                  0.289  1.500  ? 662  ? 'X-RAY DIFFRACTION' 
r_mcbond_other               ?      ?      ? ?    ? 'X-RAY DIFFRACTION' 
r_mcangle_it                 0.526  2.000  ? 1034 ? 'X-RAY DIFFRACTION' 
r_mcangle_other              ?      ?      ? ?    ? 'X-RAY DIFFRACTION' 
r_scbond_it                  0.376  3.000  ? 472  ? 'X-RAY DIFFRACTION' 
r_scbond_other               ?      ?      ? ?    ? 'X-RAY DIFFRACTION' 
r_scangle_it                 0.611  4.500  ? 410  ? 'X-RAY DIFFRACTION' 
r_scangle_other              ?      ?      ? ?    ? 'X-RAY DIFFRACTION' 
r_long_range_B_refined       ?      ?      ? ?    ? 'X-RAY DIFFRACTION' 
r_long_range_B_other         ?      ?      ? ?    ? 'X-RAY DIFFRACTION' 
r_rigid_bond_restr           ?      ?      ? ?    ? 'X-RAY DIFFRACTION' 
r_sphericity_free            ?      ?      ? ?    ? 'X-RAY DIFFRACTION' 
r_sphericity_bonded          ?      ?      ? ?    ? 'X-RAY DIFFRACTION' 
# 
_refine_ls_shell.pdbx_refine_id                   'X-RAY DIFFRACTION' 
_refine_ls_shell.pdbx_total_number_of_bins_used   20 
_refine_ls_shell.d_res_high                       2.59 
_refine_ls_shell.d_res_low                        2.660 
_refine_ls_shell.number_reflns_R_work             242 
_refine_ls_shell.R_factor_R_work                  0.302 
_refine_ls_shell.percent_reflns_obs               90.00 
_refine_ls_shell.R_factor_R_free                  0.363 
_refine_ls_shell.R_factor_R_free_error            ? 
_refine_ls_shell.percent_reflns_R_free            ? 
_refine_ls_shell.number_reflns_R_free             10 
_refine_ls_shell.number_reflns_all                ? 
_refine_ls_shell.R_factor_all                     ? 
_refine_ls_shell.number_reflns_obs                ? 
_refine_ls_shell.redundancy_reflns_obs            ? 
# 
_struct.entry_id                  3WOB 
_struct.title                     'Crystal structure of a prostate-specific WGA16 glycoprotein lectin, form I' 
_struct.pdbx_model_details        ? 
_struct.pdbx_CASP_flag            ? 
_struct.pdbx_model_type_details   ? 
# 
_struct_keywords.entry_id        3WOB 
_struct_keywords.pdbx_keywords   'UNKNOWN FUNCTION' 
_struct_keywords.text            'beta-prism-fold, UNKNOWN FUNCTION' 
# 
loop_
_struct_asym.id 
_struct_asym.pdbx_blank_PDB_chainid_flag 
_struct_asym.pdbx_modified 
_struct_asym.entity_id 
_struct_asym.details 
A N N 1 ? 
B N N 2 ? 
# 
_struct_biol.id        1 
_struct_biol.details   ? 
# 
_struct_mon_prot_cis.pdbx_id                1 
_struct_mon_prot_cis.label_comp_id          GLY 
_struct_mon_prot_cis.label_seq_id           3 
_struct_mon_prot_cis.label_asym_id          A 
_struct_mon_prot_cis.label_alt_id           . 
_struct_mon_prot_cis.pdbx_PDB_ins_code      ? 
_struct_mon_prot_cis.auth_comp_id           GLY 
_struct_mon_prot_cis.auth_seq_id            18 
_struct_mon_prot_cis.auth_asym_id           A 
_struct_mon_prot_cis.pdbx_label_comp_id_2   GLN 
_struct_mon_prot_cis.pdbx_label_seq_id_2    4 
_struct_mon_prot_cis.pdbx_label_asym_id_2   A 
_struct_mon_prot_cis.pdbx_PDB_ins_code_2    ? 
_struct_mon_prot_cis.pdbx_auth_comp_id_2    GLN 
_struct_mon_prot_cis.pdbx_auth_seq_id_2     19 
_struct_mon_prot_cis.pdbx_auth_asym_id_2    A 
_struct_mon_prot_cis.pdbx_PDB_model_num     1 
_struct_mon_prot_cis.pdbx_omega_angle       1.53 
# 
loop_
_struct_sheet.id 
_struct_sheet.type 
_struct_sheet.number_strands 
_struct_sheet.details 
A ? 4 ? 
B ? 3 ? 
C ? 4 ? 
D ? 4 ? 
# 
loop_
_struct_sheet_order.sheet_id 
_struct_sheet_order.range_id_1 
_struct_sheet_order.range_id_2 
_struct_sheet_order.offset 
_struct_sheet_order.sense 
A 1 2 ? anti-parallel 
A 2 3 ? anti-parallel 
A 3 4 ? anti-parallel 
B 1 2 ? anti-parallel 
B 2 3 ? anti-parallel 
C 1 2 ? anti-parallel 
C 2 3 ? anti-parallel 
C 3 4 ? anti-parallel 
D 1 2 ? anti-parallel 
D 2 3 ? anti-parallel 
D 3 4 ? anti-parallel 
# 
loop_
_struct_sheet_range.sheet_id 
_struct_sheet_range.id 
_struct_sheet_range.beg_label_comp_id 
_struct_sheet_range.beg_label_asym_id 
_struct_sheet_range.beg_label_seq_id 
_struct_sheet_range.pdbx_beg_PDB_ins_code 
_struct_sheet_range.end_label_comp_id 
_struct_sheet_range.end_label_asym_id 
_struct_sheet_range.end_label_seq_id 
_struct_sheet_range.pdbx_end_PDB_ins_code 
_struct_sheet_range.beg_auth_comp_id 
_struct_sheet_range.beg_auth_asym_id 
_struct_sheet_range.beg_auth_seq_id 
_struct_sheet_range.end_auth_comp_id 
_struct_sheet_range.end_auth_asym_id 
_struct_sheet_range.end_auth_seq_id 
A 1 MET A 5   ? PHE A 6   ? MET A 20  PHE A 21  
A 2 ILE A 127 ? GLY A 135 ? ILE A 142 GLY A 150 
A 3 VAL A 114 ? PHE A 122 ? VAL A 129 PHE A 137 
A 4 SER A 12  ? SER A 17  ? SER A 27  SER A 32  
B 1 SER A 47  ? TRP A 48  ? SER A 62  TRP A 63  
B 2 ILE A 37  ? TYR A 44  ? ILE A 52  TYR A 59  
B 3 TYR A 52  ? GLY A 53  ? TYR A 67  GLY A 68  
C 1 SER A 47  ? TRP A 48  ? SER A 62  TRP A 63  
C 2 ILE A 37  ? TYR A 44  ? ILE A 52  TYR A 59  
C 3 ILE A 24  ? VAL A 31  ? ILE A 39  VAL A 46  
C 4 LYS A 58  ? ILE A 63  ? LYS A 73  ILE A 78  
D 1 SER A 93  ? GLY A 97  ? SER A 108 GLY A 112 
D 2 LEU A 81  ? THR A 88  ? LEU A 96  THR A 103 
D 3 ILE A 70  ? TYR A 77  ? ILE A 85  TYR A 92  
D 4 LYS A 102 ? ALA A 106 ? LYS A 117 ALA A 121 
# 
loop_
_pdbx_struct_sheet_hbond.sheet_id 
_pdbx_struct_sheet_hbond.range_id_1 
_pdbx_struct_sheet_hbond.range_id_2 
_pdbx_struct_sheet_hbond.range_1_label_atom_id 
_pdbx_struct_sheet_hbond.range_1_label_comp_id 
_pdbx_struct_sheet_hbond.range_1_label_asym_id 
_pdbx_struct_sheet_hbond.range_1_label_seq_id 
_pdbx_struct_sheet_hbond.range_1_PDB_ins_code 
_pdbx_struct_sheet_hbond.range_1_auth_atom_id 
_pdbx_struct_sheet_hbond.range_1_auth_comp_id 
_pdbx_struct_sheet_hbond.range_1_auth_asym_id 
_pdbx_struct_sheet_hbond.range_1_auth_seq_id 
_pdbx_struct_sheet_hbond.range_2_label_atom_id 
_pdbx_struct_sheet_hbond.range_2_label_comp_id 
_pdbx_struct_sheet_hbond.range_2_label_asym_id 
_pdbx_struct_sheet_hbond.range_2_label_seq_id 
_pdbx_struct_sheet_hbond.range_2_PDB_ins_code 
_pdbx_struct_sheet_hbond.range_2_auth_atom_id 
_pdbx_struct_sheet_hbond.range_2_auth_comp_id 
_pdbx_struct_sheet_hbond.range_2_auth_asym_id 
_pdbx_struct_sheet_hbond.range_2_auth_seq_id 
A 1 2 N PHE A 6   ? N PHE A 21  O ILE A 130 ? O ILE A 145 
A 2 3 O THR A 128 ? O THR A 143 N GLN A 121 ? N GLN A 136 
A 3 4 O GLY A 120 ? O GLY A 135 N PHE A 14  ? N PHE A 29  
B 1 2 O SER A 47  ? O SER A 62  N TYR A 44  ? N TYR A 59  
B 2 3 N ILE A 40  ? N ILE A 55  O TYR A 52  ? O TYR A 67  
C 1 2 O SER A 47  ? O SER A 62  N TYR A 44  ? N TYR A 59  
C 2 3 O GLN A 41  ? O GLN A 56  N ARG A 28  ? N ARG A 43  
C 3 4 N VAL A 29  ? N VAL A 44  O HIS A 60  ? O HIS A 75  
D 1 2 O PHE A 96  ? O PHE A 111 N VAL A 84  ? N VAL A 99  
D 2 3 O THR A 85  ? O THR A 100 N TYR A 74  ? N TYR A 89  
D 3 4 N ILE A 73  ? N ILE A 88  O ALA A 106 ? O ALA A 121 
# 
_atom_sites.entry_id                    3WOB 
_atom_sites.fract_transf_matrix[1][1]   0.02204861 
_atom_sites.fract_transf_matrix[1][2]   -0.01967319 
_atom_sites.fract_transf_matrix[1][3]   -0.02422107 
_atom_sites.fract_transf_matrix[2][1]   -0.01258446 
_atom_sites.fract_transf_matrix[2][2]   0.00316460 
_atom_sites.fract_transf_matrix[2][3]   -0.01402613 
_atom_sites.fract_transf_matrix[3][1]   0.01364337 
_atom_sites.fract_transf_matrix[3][2]   0.01590653 
_atom_sites.fract_transf_matrix[3][3]   -0.00865219 
_atom_sites.fract_transf_vector[1]      0.193483 
_atom_sites.fract_transf_vector[2]      -0.009010 
_atom_sites.fract_transf_vector[3]      0.248501 
# 
loop_
_atom_type.symbol 
C 
N 
O 
S 
# 
loop_
_atom_site.group_PDB 
_atom_site.id 
_atom_site.type_symbol 
_atom_site.label_atom_id 
_atom_site.label_alt_id 
_atom_site.label_comp_id 
_atom_site.label_asym_id 
_atom_site.label_entity_id 
_atom_site.label_seq_id 
_atom_site.pdbx_PDB_ins_code 
_atom_site.Cartn_x 
_atom_site.Cartn_y 
_atom_site.Cartn_z 
_atom_site.occupancy 
_atom_site.B_iso_or_equiv 
_atom_site.pdbx_formal_charge 
_atom_site.auth_seq_id 
_atom_site.auth_comp_id 
_atom_site.auth_asym_id 
_atom_site.auth_atom_id 
_atom_site.pdbx_PDB_model_num 
ATOM   1    N N   . GLY A 1 3   ? 4.410   -11.887 1.100   1.00 31.26 ? 18  GLY A N   1 
ATOM   2    C CA  . GLY A 1 3   ? 3.520   -13.045 0.786   1.00 31.28 ? 18  GLY A CA  1 
ATOM   3    C C   . GLY A 1 3   ? 2.735   -13.544 1.988   1.00 31.19 ? 18  GLY A C   1 
ATOM   4    O O   . GLY A 1 3   ? 3.292   -13.682 3.078   1.00 31.42 ? 18  GLY A O   1 
ATOM   5    N N   . GLN A 1 4   ? 1.446   -13.830 1.802   1.00 30.88 ? 19  GLN A N   1 
ATOM   6    C CA  . GLN A 1 4   ? 0.782   -13.715 0.507   1.00 30.51 ? 19  GLN A CA  1 
ATOM   7    C C   . GLN A 1 4   ? -0.105  -12.466 0.444   1.00 29.97 ? 19  GLN A C   1 
ATOM   8    O O   . GLN A 1 4   ? 0.271   -11.404 0.942   1.00 30.00 ? 19  GLN A O   1 
ATOM   9    C CB  . GLN A 1 4   ? -0.030  -14.982 0.201   1.00 30.69 ? 19  GLN A CB  1 
ATOM   10   C CG  . GLN A 1 4   ? -0.305  -15.210 -1.290  1.00 31.25 ? 19  GLN A CG  1 
ATOM   11   C CD  . GLN A 1 4   ? -1.759  -15.551 -1.582  1.00 31.91 ? 19  GLN A CD  1 
ATOM   12   O OE1 . GLN A 1 4   ? -2.540  -15.835 -0.673  1.00 32.60 ? 19  GLN A OE1 1 
ATOM   13   N NE2 . GLN A 1 4   ? -2.130  -15.518 -2.859  1.00 31.89 ? 19  GLN A NE2 1 
ATOM   14   N N   . MET A 1 5   ? -1.281  -12.611 -0.161  1.00 29.30 ? 20  MET A N   1 
ATOM   15   C CA  . MET A 1 5   ? -2.171  -11.496 -0.452  1.00 28.62 ? 20  MET A CA  1 
ATOM   16   C C   . MET A 1 5   ? -3.291  -11.372 0.573   1.00 28.16 ? 20  MET A C   1 
ATOM   17   O O   . MET A 1 5   ? -3.982  -12.341 0.878   1.00 27.98 ? 20  MET A O   1 
ATOM   18   C CB  . MET A 1 5   ? -2.736  -11.647 -1.866  1.00 28.62 ? 20  MET A CB  1 
ATOM   19   C CG  . MET A 1 5   ? -3.851  -10.687 -2.237  1.00 28.56 ? 20  MET A CG  1 
ATOM   20   S SD  . MET A 1 5   ? -3.717  -10.054 -3.917  1.00 28.41 ? 20  MET A SD  1 
ATOM   21   C CE  . MET A 1 5   ? -2.889  -11.396 -4.759  1.00 28.23 ? 20  MET A CE  1 
ATOM   22   N N   . PHE A 1 6   ? -3.455  -10.159 1.095   1.00 27.65 ? 21  PHE A N   1 
ATOM   23   C CA  . PHE A 1 6   ? -4.482  -9.863  2.077   1.00 27.20 ? 21  PHE A CA  1 
ATOM   24   C C   . PHE A 1 6   ? -5.752  -9.375  1.400   1.00 27.09 ? 21  PHE A C   1 
ATOM   25   O O   . PHE A 1 6   ? -5.702  -8.608  0.438   1.00 26.96 ? 21  PHE A O   1 
ATOM   26   C CB  . PHE A 1 6   ? -3.985  -8.817  3.071   1.00 27.05 ? 21  PHE A CB  1 
ATOM   27   C CG  . PHE A 1 6   ? -2.820  -9.276  3.900   1.00 26.62 ? 21  PHE A CG  1 
ATOM   28   C CD1 . PHE A 1 6   ? -3.022  -10.035 5.045   1.00 26.05 ? 21  PHE A CD1 1 
ATOM   29   C CD2 . PHE A 1 6   ? -1.521  -8.943  3.538   1.00 26.09 ? 21  PHE A CD2 1 
ATOM   30   C CE1 . PHE A 1 6   ? -1.950  -10.459 5.813   1.00 26.01 ? 21  PHE A CE1 1 
ATOM   31   C CE2 . PHE A 1 6   ? -0.443  -9.365  4.296   1.00 25.90 ? 21  PHE A CE2 1 
ATOM   32   C CZ  . PHE A 1 6   ? -0.659  -10.124 5.438   1.00 26.25 ? 21  PHE A CZ  1 
ATOM   33   N N   . GLY A 1 7   ? -6.886  -9.831  1.916   1.00 26.93 ? 22  GLY A N   1 
ATOM   34   C CA  . GLY A 1 7   ? -8.182  -9.473  1.368   1.00 26.80 ? 22  GLY A CA  1 
ATOM   35   C C   . GLY A 1 7   ? -8.745  -10.516 0.430   1.00 26.70 ? 22  GLY A C   1 
ATOM   36   O O   . GLY A 1 7   ? -8.090  -11.513 0.119   1.00 26.57 ? 22  GLY A O   1 
ATOM   37   N N   . ASN A 1 8   ? -9.973  -10.278 -0.019  1.00 26.73 ? 23  ASN A N   1 
ATOM   38   C CA  . ASN A 1 8   ? -10.636 -11.153 -0.975  1.00 26.80 ? 23  ASN A CA  1 
ATOM   39   C C   . ASN A 1 8   ? -10.344 -10.720 -2.405  1.00 26.77 ? 23  ASN A C   1 
ATOM   40   O O   . ASN A 1 8   ? -11.202 -10.157 -3.086  1.00 26.79 ? 23  ASN A O   1 
ATOM   41   C CB  . ASN A 1 8   ? -12.143 -11.192 -0.705  1.00 26.79 ? 23  ASN A CB  1 
ATOM   42   C CG  . ASN A 1 8   ? -12.472 -11.747 0.663   1.00 26.82 ? 23  ASN A CG  1 
ATOM   43   O OD1 . ASN A 1 8   ? -11.946 -12.787 1.065   1.00 27.14 ? 23  ASN A OD1 1 
ATOM   44   N ND2 . ASN A 1 8   ? -13.340 -11.055 1.391   1.00 26.65 ? 23  ASN A ND2 1 
ATOM   45   N N   . GLY A 1 9   ? -9.117  -10.989 -2.843  1.00 26.77 ? 24  GLY A N   1 
ATOM   46   C CA  . GLY A 1 9   ? -8.635  -10.581 -4.159  1.00 26.79 ? 24  GLY A CA  1 
ATOM   47   C C   . GLY A 1 9   ? -9.519  -11.014 -5.311  1.00 26.76 ? 24  GLY A C   1 
ATOM   48   O O   . GLY A 1 9   ? -9.896  -12.180 -5.415  1.00 26.83 ? 24  GLY A O   1 
ATOM   49   N N   . LYS A 1 10  ? -9.845  -10.058 -6.174  1.00 26.71 ? 25  LYS A N   1 
ATOM   50   C CA  . LYS A 1 10  ? -10.710 -10.296 -7.320  1.00 26.80 ? 25  LYS A CA  1 
ATOM   51   C C   . LYS A 1 10  ? -10.384 -9.281  -8.407  1.00 26.67 ? 25  LYS A C   1 
ATOM   52   O O   . LYS A 1 10  ? -10.236 -8.090  -8.128  1.00 26.70 ? 25  LYS A O   1 
ATOM   53   C CB  . LYS A 1 10  ? -12.183 -10.183 -6.905  1.00 26.82 ? 25  LYS A CB  1 
ATOM   54   C CG  . LYS A 1 10  ? -13.188 -10.506 -8.001  1.00 27.03 ? 25  LYS A CG  1 
ATOM   55   C CD  . LYS A 1 10  ? -14.609 -10.200 -7.553  1.00 27.06 ? 25  LYS A CD  1 
ATOM   56   C CE  . LYS A 1 10  ? -15.627 -10.608 -8.612  1.00 27.64 ? 25  LYS A CE  1 
ATOM   57   N NZ  . LYS A 1 10  ? -15.755 -12.089 -8.749  1.00 27.73 ? 25  LYS A NZ  1 
ATOM   58   N N   . GLY A 1 11  ? -10.261 -9.757  -9.642  1.00 26.59 ? 26  GLY A N   1 
ATOM   59   C CA  . GLY A 1 11  ? -10.036 -8.875  -10.781 1.00 26.56 ? 26  GLY A CA  1 
ATOM   60   C C   . GLY A 1 11  ? -8.615  -8.857  -11.304 1.00 26.54 ? 26  GLY A C   1 
ATOM   61   O O   . GLY A 1 11  ? -7.929  -9.880  -11.313 1.00 26.46 ? 26  GLY A O   1 
ATOM   62   N N   . SER A 1 12  ? -8.180  -7.675  -11.734 1.00 26.56 ? 27  SER A N   1 
ATOM   63   C CA  . SER A 1 12  ? -6.908  -7.508  -12.430 1.00 26.66 ? 27  SER A CA  1 
ATOM   64   C C   . SER A 1 12  ? -5.715  -7.482  -11.484 1.00 26.74 ? 27  SER A C   1 
ATOM   65   O O   . SER A 1 12  ? -5.698  -6.730  -10.515 1.00 26.71 ? 27  SER A O   1 
ATOM   66   C CB  . SER A 1 12  ? -6.928  -6.230  -13.271 1.00 26.64 ? 27  SER A CB  1 
ATOM   67   O OG  . SER A 1 12  ? -8.092  -6.162  -14.074 1.00 26.71 ? 27  SER A OG  1 
ATOM   68   N N   . TYR A 1 13  ? -4.714  -8.302  -11.788 1.00 26.97 ? 28  TYR A N   1 
ATOM   69   C CA  . TYR A 1 13  ? -3.475  -8.355  -11.017 1.00 27.32 ? 28  TYR A CA  1 
ATOM   70   C C   . TYR A 1 13  ? -2.564  -7.167  -11.334 1.00 27.62 ? 28  TYR A C   1 
ATOM   71   O O   . TYR A 1 13  ? -2.459  -6.741  -12.483 1.00 27.57 ? 28  TYR A O   1 
ATOM   72   C CB  . TYR A 1 13  ? -2.747  -9.682  -11.289 1.00 27.19 ? 28  TYR A CB  1 
ATOM   73   C CG  . TYR A 1 13  ? -1.446  -9.877  -10.532 1.00 26.86 ? 28  TYR A CG  1 
ATOM   74   C CD1 . TYR A 1 13  ? -1.446  -10.306 -9.205  1.00 26.69 ? 28  TYR A CD1 1 
ATOM   75   C CD2 . TYR A 1 13  ? -0.217  -9.650  -11.151 1.00 26.34 ? 28  TYR A CD2 1 
ATOM   76   C CE1 . TYR A 1 13  ? -0.257  -10.491 -8.509  1.00 26.52 ? 28  TYR A CE1 1 
ATOM   77   C CE2 . TYR A 1 13  ? 0.978   -9.831  -10.465 1.00 26.30 ? 28  TYR A CE2 1 
ATOM   78   C CZ  . TYR A 1 13  ? 0.953   -10.252 -9.145  1.00 26.84 ? 28  TYR A CZ  1 
ATOM   79   O OH  . TYR A 1 13  ? 2.136   -10.436 -8.460  1.00 27.27 ? 28  TYR A OH  1 
ATOM   80   N N   . PHE A 1 14  ? -1.918  -6.630  -10.303 1.00 28.16 ? 29  PHE A N   1 
ATOM   81   C CA  . PHE A 1 14  ? -0.850  -5.647  -10.483 1.00 28.76 ? 29  PHE A CA  1 
ATOM   82   C C   . PHE A 1 14  ? 0.356   -5.969  -9.605  1.00 29.40 ? 29  PHE A C   1 
ATOM   83   O O   . PHE A 1 14  ? 0.227   -6.647  -8.589  1.00 29.30 ? 29  PHE A O   1 
ATOM   84   C CB  . PHE A 1 14  ? -1.353  -4.212  -10.249 1.00 28.48 ? 29  PHE A CB  1 
ATOM   85   C CG  . PHE A 1 14  ? -1.670  -3.887  -8.809  1.00 28.20 ? 29  PHE A CG  1 
ATOM   86   C CD1 . PHE A 1 14  ? -0.698  -3.348  -7.970  1.00 27.58 ? 29  PHE A CD1 1 
ATOM   87   C CD2 . PHE A 1 14  ? -2.951  -4.095  -8.299  1.00 27.86 ? 29  PHE A CD2 1 
ATOM   88   C CE1 . PHE A 1 14  ? -0.991  -3.038  -6.644  1.00 27.43 ? 29  PHE A CE1 1 
ATOM   89   C CE2 . PHE A 1 14  ? -3.253  -3.787  -6.973  1.00 27.33 ? 29  PHE A CE2 1 
ATOM   90   C CZ  . PHE A 1 14  ? -2.271  -3.260  -6.145  1.00 27.66 ? 29  PHE A CZ  1 
ATOM   91   N N   . ILE A 1 15  ? 1.527   -5.492  -10.018 1.00 30.46 ? 30  ILE A N   1 
ATOM   92   C CA  . ILE A 1 15  ? 2.747   -5.583  -9.214  1.00 31.48 ? 30  ILE A CA  1 
ATOM   93   C C   . ILE A 1 15  ? 3.707   -4.432  -9.531  1.00 32.36 ? 30  ILE A C   1 
ATOM   94   O O   . ILE A 1 15  ? 3.856   -4.032  -10.688 1.00 32.50 ? 30  ILE A O   1 
ATOM   95   C CB  . ILE A 1 15  ? 3.458   -6.977  -9.343  1.00 31.50 ? 30  ILE A CB  1 
ATOM   96   C CG1 . ILE A 1 15  ? 4.765   -7.012  -8.533  1.00 31.38 ? 30  ILE A CG1 1 
ATOM   97   C CG2 . ILE A 1 15  ? 3.699   -7.351  -10.803 1.00 31.40 ? 30  ILE A CG2 1 
ATOM   98   C CD1 . ILE A 1 15  ? 5.244   -8.397  -8.168  1.00 31.30 ? 30  ILE A CD1 1 
ATOM   99   N N   . THR A 1 16  ? 4.319   -3.887  -8.483  1.00 33.40 ? 31  THR A N   1 
ATOM   100  C CA  . THR A 1 16  ? 5.420   -2.934  -8.619  1.00 34.50 ? 31  THR A CA  1 
ATOM   101  C C   . THR A 1 16  ? 6.504   -3.282  -7.603  1.00 35.21 ? 31  THR A C   1 
ATOM   102  O O   . THR A 1 16  ? 6.206   -3.866  -6.557  1.00 35.33 ? 31  THR A O   1 
ATOM   103  C CB  . THR A 1 16  ? 4.952   -1.462  -8.456  1.00 34.53 ? 31  THR A CB  1 
ATOM   104  O OG1 . THR A 1 16  ? 6.056   -0.573  -8.682  1.00 34.73 ? 31  THR A OG1 1 
ATOM   105  C CG2 . THR A 1 16  ? 4.359   -1.205  -7.065  1.00 34.49 ? 31  THR A CG2 1 
ATOM   106  N N   . SER A 1 17  ? 7.755   -2.939  -7.910  1.00 36.11 ? 32  SER A N   1 
ATOM   107  C CA  . SER A 1 17  ? 8.874   -3.264  -7.024  1.00 37.02 ? 32  SER A CA  1 
ATOM   108  C C   . SER A 1 17  ? 10.082  -2.337  -7.175  1.00 37.68 ? 32  SER A C   1 
ATOM   109  O O   . SER A 1 17  ? 10.145  -1.515  -8.093  1.00 37.70 ? 32  SER A O   1 
ATOM   110  C CB  . SER A 1 17  ? 9.303   -4.726  -7.213  1.00 36.99 ? 32  SER A CB  1 
ATOM   111  O OG  . SER A 1 17  ? 10.183  -5.136  -6.179  1.00 37.02 ? 32  SER A OG  1 
ATOM   112  N N   . LYS A 1 18  ? 11.025  -2.484  -6.245  1.00 38.58 ? 33  LYS A N   1 
ATOM   113  C CA  . LYS A 1 18  ? 12.313  -1.792  -6.271  1.00 39.42 ? 33  LYS A CA  1 
ATOM   114  C C   . LYS A 1 18  ? 13.105  -2.213  -7.513  1.00 39.96 ? 33  LYS A C   1 
ATOM   115  O O   . LYS A 1 18  ? 13.016  -3.362  -7.954  1.00 40.15 ? 33  LYS A O   1 
ATOM   116  C CB  . LYS A 1 18  ? 13.099  -2.123  -4.996  1.00 39.41 ? 33  LYS A CB  1 
ATOM   117  C CG  . LYS A 1 18  ? 14.312  -1.244  -4.740  1.00 39.68 ? 33  LYS A CG  1 
ATOM   118  C CD  . LYS A 1 18  ? 15.221  -1.848  -3.680  1.00 39.90 ? 33  LYS A CD  1 
ATOM   119  C CE  . LYS A 1 18  ? 16.530  -1.079  -3.574  1.00 39.87 ? 33  LYS A CE  1 
ATOM   120  N NZ  . LYS A 1 18  ? 17.393  -1.606  -2.487  1.00 40.11 ? 33  LYS A NZ  1 
ATOM   121  N N   . ASP A 1 19  ? 13.885  -1.284  -8.066  1.00 40.52 ? 34  ASP A N   1 
ATOM   122  C CA  . ASP A 1 19  ? 14.600  -1.525  -9.317  1.00 41.01 ? 34  ASP A CA  1 
ATOM   123  C C   . ASP A 1 19  ? 16.054  -1.046  -9.282  1.00 41.22 ? 34  ASP A C   1 
ATOM   124  O O   . ASP A 1 19  ? 16.393  -0.032  -9.901  1.00 41.42 ? 34  ASP A O   1 
ATOM   125  C CB  . ASP A 1 19  ? 13.846  -0.873  -10.488 1.00 41.14 ? 34  ASP A CB  1 
ATOM   126  C CG  . ASP A 1 19  ? 13.642  0.630   -10.299 1.00 41.70 ? 34  ASP A CG  1 
ATOM   127  O OD1 . ASP A 1 19  ? 13.075  1.044   -9.262  1.00 42.30 ? 34  ASP A OD1 1 
ATOM   128  O OD2 . ASP A 1 19  ? 14.047  1.399   -11.195 1.00 42.30 ? 34  ASP A OD2 1 
ATOM   129  N N   . ASN A 1 20  ? 16.909  -1.784  -8.567  1.00 41.28 ? 35  ASN A N   1 
ATOM   130  C CA  . ASN A 1 20  ? 18.340  -1.455  -8.450  1.00 41.32 ? 35  ASN A CA  1 
ATOM   131  C C   . ASN A 1 20  ? 18.560  0.046   -8.204  1.00 41.26 ? 35  ASN A C   1 
ATOM   132  O O   . ASN A 1 20  ? 19.283  0.727   -8.941  1.00 41.29 ? 35  ASN A O   1 
ATOM   133  C CB  . ASN A 1 20  ? 19.118  -1.945  -9.683  1.00 41.39 ? 35  ASN A CB  1 
ATOM   134  C CG  . ASN A 1 20  ? 19.066  -3.465  -9.861  1.00 41.66 ? 35  ASN A CG  1 
ATOM   135  O OD1 . ASN A 1 20  ? 18.581  -4.199  -8.995  1.00 41.59 ? 35  ASN A OD1 1 
ATOM   136  N ND2 . ASN A 1 20  ? 19.579  -3.940  -10.992 1.00 41.92 ? 35  ASN A ND2 1 
ATOM   137  N N   . GLU A 1 21  ? 17.919  0.540   -7.149  1.00 41.10 ? 36  GLU A N   1 
ATOM   138  C CA  . GLU A 1 21  ? 17.727  1.966   -6.931  1.00 40.85 ? 36  GLU A CA  1 
ATOM   139  C C   . GLU A 1 21  ? 17.806  2.227   -5.426  1.00 40.54 ? 36  GLU A C   1 
ATOM   140  O O   . GLU A 1 21  ? 18.480  1.493   -4.692  1.00 40.55 ? 36  GLU A O   1 
ATOM   141  C CB  . GLU A 1 21  ? 16.336  2.343   -7.458  1.00 40.93 ? 36  GLU A CB  1 
ATOM   142  C CG  . GLU A 1 21  ? 16.266  3.606   -8.296  1.00 41.25 ? 36  GLU A CG  1 
ATOM   143  C CD  . GLU A 1 21  ? 15.890  4.827   -7.492  1.00 41.35 ? 36  GLU A CD  1 
ATOM   144  O OE1 . GLU A 1 21  ? 14.733  5.275   -7.610  1.00 41.46 ? 36  GLU A OE1 1 
ATOM   145  O OE2 . GLU A 1 21  ? 16.746  5.337   -6.740  1.00 41.71 ? 36  GLU A OE2 1 
ATOM   146  N N   . THR A 1 22  ? 17.136  3.288   -4.979  1.00 39.98 ? 37  THR A N   1 
ATOM   147  C CA  . THR A 1 22  ? 16.700  3.384   -3.592  1.00 39.30 ? 37  THR A CA  1 
ATOM   148  C C   . THR A 1 22  ? 15.323  2.722   -3.551  1.00 38.73 ? 37  THR A C   1 
ATOM   149  O O   . THR A 1 22  ? 14.714  2.468   -4.598  1.00 38.70 ? 37  THR A O   1 
ATOM   150  C CB  . THR A 1 22  ? 16.624  4.844   -3.073  1.00 39.33 ? 37  THR A CB  1 
ATOM   151  O OG1 . THR A 1 22  ? 15.722  5.608   -3.883  1.00 39.31 ? 37  THR A OG1 1 
ATOM   152  C CG2 . THR A 1 22  ? 18.002  5.500   -3.090  1.00 39.56 ? 37  THR A CG2 1 
ATOM   153  N N   . GLY A 1 23  ? 14.840  2.424   -2.351  1.00 37.93 ? 38  GLY A N   1 
ATOM   154  C CA  . GLY A 1 23  ? 13.557  1.760   -2.210  1.00 36.80 ? 38  GLY A CA  1 
ATOM   155  C C   . GLY A 1 23  ? 12.404  2.728   -2.349  1.00 35.95 ? 38  GLY A C   1 
ATOM   156  O O   . GLY A 1 23  ? 12.470  3.708   -3.101  1.00 35.82 ? 38  GLY A O   1 
ATOM   157  N N   . ILE A 1 24  ? 11.340  2.436   -1.611  1.00 34.98 ? 39  ILE A N   1 
ATOM   158  C CA  . ILE A 1 24  ? 10.173  3.297   -1.545  1.00 33.99 ? 39  ILE A CA  1 
ATOM   159  C C   . ILE A 1 24  ? 10.508  4.562   -0.757  1.00 33.37 ? 39  ILE A C   1 
ATOM   160  O O   . ILE A 1 24  ? 11.027  4.494   0.360   1.00 33.23 ? 39  ILE A O   1 
ATOM   161  C CB  . ILE A 1 24  ? 8.976   2.541   -0.922  1.00 33.93 ? 39  ILE A CB  1 
ATOM   162  C CG1 . ILE A 1 24  ? 8.569   1.388   -1.844  1.00 33.65 ? 39  ILE A CG1 1 
ATOM   163  C CG2 . ILE A 1 24  ? 7.804   3.483   -0.657  1.00 33.76 ? 39  ILE A CG2 1 
ATOM   164  C CD1 . ILE A 1 24  ? 7.623   0.395   -1.226  1.00 33.82 ? 39  ILE A CD1 1 
ATOM   165  N N   . THR A 1 25  ? 10.232  5.711   -1.367  1.00 32.56 ? 40  THR A N   1 
ATOM   166  C CA  . THR A 1 25  ? 10.398  7.003   -0.713  1.00 31.82 ? 40  THR A CA  1 
ATOM   167  C C   . THR A 1 25  ? 9.056   7.731   -0.593  1.00 31.30 ? 40  THR A C   1 
ATOM   168  O O   . THR A 1 25  ? 8.981   8.829   -0.038  1.00 31.31 ? 40  THR A O   1 
ATOM   169  C CB  . THR A 1 25  ? 11.426  7.891   -1.447  1.00 31.85 ? 40  THR A CB  1 
ATOM   170  O OG1 . THR A 1 25  ? 11.068  7.994   -2.829  1.00 32.02 ? 40  THR A OG1 1 
ATOM   171  C CG2 . THR A 1 25  ? 12.826  7.305   -1.338  1.00 31.65 ? 40  THR A CG2 1 
ATOM   172  N N   . GLY A 1 26  ? 7.999   7.102   -1.104  1.00 30.63 ? 41  GLY A N   1 
ATOM   173  C CA  . GLY A 1 26  ? 6.653   7.663   -1.037  1.00 29.77 ? 41  GLY A CA  1 
ATOM   174  C C   . GLY A 1 26  ? 5.553   6.685   -1.405  1.00 29.19 ? 41  GLY A C   1 
ATOM   175  O O   . GLY A 1 26  ? 5.773   5.751   -2.180  1.00 29.17 ? 41  GLY A O   1 
ATOM   176  N N   . ILE A 1 27  ? 4.370   6.902   -0.836  1.00 28.58 ? 42  ILE A N   1 
ATOM   177  C CA  . ILE A 1 27  ? 3.174   6.124   -1.161  1.00 27.95 ? 42  ILE A CA  1 
ATOM   178  C C   . ILE A 1 27  ? 1.983   7.056   -1.364  1.00 27.59 ? 42  ILE A C   1 
ATOM   179  O O   . ILE A 1 27  ? 1.639   7.844   -0.484  1.00 27.49 ? 42  ILE A O   1 
ATOM   180  C CB  . ILE A 1 27  ? 2.821   5.085   -0.060  1.00 27.88 ? 42  ILE A CB  1 
ATOM   181  C CG1 . ILE A 1 27  ? 3.933   4.038   0.104   1.00 27.78 ? 42  ILE A CG1 1 
ATOM   182  C CG2 . ILE A 1 27  ? 1.471   4.417   -0.344  1.00 27.80 ? 42  ILE A CG2 1 
ATOM   183  C CD1 . ILE A 1 27  ? 3.996   2.975   -0.984  1.00 27.40 ? 42  ILE A CD1 1 
ATOM   184  N N   . ARG A 1 28  ? 1.362   6.955   -2.531  1.00 27.16 ? 43  ARG A N   1 
ATOM   185  C CA  . ARG A 1 28  ? 0.160   7.713   -2.833  1.00 26.74 ? 43  ARG A CA  1 
ATOM   186  C C   . ARG A 1 28  ? -1.039  6.772   -2.814  1.00 26.38 ? 43  ARG A C   1 
ATOM   187  O O   . ARG A 1 28  ? -1.072  5.782   -3.542  1.00 26.47 ? 43  ARG A O   1 
ATOM   188  C CB  . ARG A 1 28  ? 0.291   8.394   -4.194  1.00 26.71 ? 43  ARG A CB  1 
ATOM   189  C CG  . ARG A 1 28  ? -0.724  9.482   -4.456  1.00 26.83 ? 43  ARG A CG  1 
ATOM   190  C CD  . ARG A 1 28  ? -0.492  10.110  -5.816  1.00 27.61 ? 43  ARG A CD  1 
ATOM   191  N NE  . ARG A 1 28  ? 0.608   11.071  -5.816  1.00 27.43 ? 43  ARG A NE  1 
ATOM   192  C CZ  . ARG A 1 28  ? 1.255   11.474  -6.906  1.00 27.15 ? 43  ARG A CZ  1 
ATOM   193  N NH1 . ARG A 1 28  ? 0.932   10.994  -8.101  1.00 26.77 ? 43  ARG A NH1 1 
ATOM   194  N NH2 . ARG A 1 28  ? 2.236   12.357  -6.803  1.00 27.15 ? 43  ARG A NH2 1 
ATOM   195  N N   . VAL A 1 29  ? -2.010  7.080   -1.962  1.00 25.82 ? 44  VAL A N   1 
ATOM   196  C CA  . VAL A 1 29  ? -3.244  6.308   -1.876  1.00 25.17 ? 44  VAL A CA  1 
ATOM   197  C C   . VAL A 1 29  ? -4.415  7.187   -2.308  1.00 24.81 ? 44  VAL A C   1 
ATOM   198  O O   . VAL A 1 29  ? -4.530  8.340   -1.881  1.00 24.82 ? 44  VAL A O   1 
ATOM   199  C CB  . VAL A 1 29  ? -3.472  5.752   -0.443  1.00 25.20 ? 44  VAL A CB  1 
ATOM   200  C CG1 . VAL A 1 29  ? -4.838  5.106   -0.315  1.00 25.04 ? 44  VAL A CG1 1 
ATOM   201  C CG2 . VAL A 1 29  ? -2.384  4.750   -0.073  1.00 25.08 ? 44  VAL A CG2 1 
ATOM   202  N N   . PHE A 1 30  ? -5.268  6.642   -3.171  1.00 24.23 ? 45  PHE A N   1 
ATOM   203  C CA  . PHE A 1 30  ? -6.472  7.335   -3.613  1.00 23.68 ? 45  PHE A CA  1 
ATOM   204  C C   . PHE A 1 30  ? -7.694  6.799   -2.872  1.00 23.38 ? 45  PHE A C   1 
ATOM   205  O O   . PHE A 1 30  ? -7.981  5.606   -2.911  1.00 23.22 ? 45  PHE A O   1 
ATOM   206  C CB  . PHE A 1 30  ? -6.642  7.203   -5.130  1.00 23.60 ? 45  PHE A CB  1 
ATOM   207  C CG  . PHE A 1 30  ? -5.607  7.954   -5.924  1.00 23.32 ? 45  PHE A CG  1 
ATOM   208  C CD1 . PHE A 1 30  ? -5.912  9.185   -6.495  1.00 23.23 ? 45  PHE A CD1 1 
ATOM   209  C CD2 . PHE A 1 30  ? -4.324  7.438   -6.095  1.00 22.93 ? 45  PHE A CD2 1 
ATOM   210  C CE1 . PHE A 1 30  ? -4.957  9.891   -7.228  1.00 23.16 ? 45  PHE A CE1 1 
ATOM   211  C CE2 . PHE A 1 30  ? -3.364  8.135   -6.821  1.00 22.81 ? 45  PHE A CE2 1 
ATOM   212  C CZ  . PHE A 1 30  ? -3.680  9.365   -7.388  1.00 22.98 ? 45  PHE A CZ  1 
ATOM   213  N N   . VAL A 1 31  ? -8.392  7.694   -2.177  1.00 23.22 ? 46  VAL A N   1 
ATOM   214  C CA  . VAL A 1 31  ? -9.586  7.340   -1.404  1.00 22.92 ? 46  VAL A CA  1 
ATOM   215  C C   . VAL A 1 31  ? -10.772 8.185   -1.870  1.00 22.79 ? 46  VAL A C   1 
ATOM   216  O O   . VAL A 1 31  ? -10.655 9.403   -2.012  1.00 22.70 ? 46  VAL A O   1 
ATOM   217  C CB  . VAL A 1 31  ? -9.371  7.539   0.121   1.00 22.82 ? 46  VAL A CB  1 
ATOM   218  C CG1 . VAL A 1 31  ? -10.497 6.892   0.911   1.00 22.75 ? 46  VAL A CG1 1 
ATOM   219  C CG2 . VAL A 1 31  ? -8.041  6.962   0.566   1.00 22.80 ? 46  VAL A CG2 1 
ATOM   220  N N   . GLY A 1 32  ? -11.908 7.532   -2.111  1.00 22.67 ? 47  GLY A N   1 
ATOM   221  C CA  . GLY A 1 32  ? -13.118 8.219   -2.564  1.00 22.48 ? 47  GLY A CA  1 
ATOM   222  C C   . GLY A 1 32  ? -14.008 8.704   -1.431  1.00 22.32 ? 47  GLY A C   1 
ATOM   223  O O   . GLY A 1 32  ? -13.672 8.527   -0.263  1.00 22.19 ? 47  GLY A O   1 
ATOM   224  N N   . PRO A 1 33  ? -15.150 9.334   -1.771  1.00 22.32 ? 48  PRO A N   1 
ATOM   225  C CA  . PRO A 1 33  ? -16.159 9.733   -0.784  1.00 22.28 ? 48  PRO A CA  1 
ATOM   226  C C   . PRO A 1 33  ? -16.768 8.533   -0.055  1.00 22.22 ? 48  PRO A C   1 
ATOM   227  O O   . PRO A 1 33  ? -17.245 8.671   1.071   1.00 22.16 ? 48  PRO A O   1 
ATOM   228  C CB  . PRO A 1 33  ? -17.226 10.430  -1.637  1.00 22.21 ? 48  PRO A CB  1 
ATOM   229  C CG  . PRO A 1 33  ? -16.515 10.838  -2.875  1.00 22.21 ? 48  PRO A CG  1 
ATOM   230  C CD  . PRO A 1 33  ? -15.545 9.737   -3.132  1.00 22.31 ? 48  PRO A CD  1 
ATOM   231  N N   . VAL A 1 34  ? -16.741 7.370   -0.700  1.00 22.17 ? 49  VAL A N   1 
ATOM   232  C CA  . VAL A 1 34  ? -17.242 6.130   -0.110  1.00 22.24 ? 49  VAL A CA  1 
ATOM   233  C C   . VAL A 1 34  ? -16.270 5.554   0.928   1.00 22.23 ? 49  VAL A C   1 
ATOM   234  O O   . VAL A 1 34  ? -16.657 4.714   1.749   1.00 22.35 ? 49  VAL A O   1 
ATOM   235  C CB  . VAL A 1 34  ? -17.565 5.071   -1.190  1.00 22.26 ? 49  VAL A CB  1 
ATOM   236  C CG1 . VAL A 1 34  ? -18.694 5.554   -2.088  1.00 22.31 ? 49  VAL A CG1 1 
ATOM   237  C CG2 . VAL A 1 34  ? -16.332 4.744   -2.018  1.00 22.52 ? 49  VAL A CG2 1 
ATOM   238  N N   . GLY A 1 35  ? -15.014 5.999   0.872   1.00 22.03 ? 50  GLY A N   1 
ATOM   239  C CA  . GLY A 1 35  ? -14.013 5.678   1.888   1.00 21.74 ? 50  GLY A CA  1 
ATOM   240  C C   . GLY A 1 35  ? -13.112 4.475   1.657   1.00 21.57 ? 50  GLY A C   1 
ATOM   241  O O   . GLY A 1 35  ? -12.310 4.141   2.525   1.00 21.61 ? 50  GLY A O   1 
ATOM   242  N N   . LEU A 1 36  ? -13.234 3.820   0.504   1.00 21.39 ? 51  LEU A N   1 
ATOM   243  C CA  . LEU A 1 36  ? -12.401 2.652   0.200   1.00 21.22 ? 51  LEU A CA  1 
ATOM   244  C C   . LEU A 1 36  ? -11.175 3.009   -0.641  1.00 21.17 ? 51  LEU A C   1 
ATOM   245  O O   . LEU A 1 36  ? -11.169 4.027   -1.337  1.00 21.08 ? 51  LEU A O   1 
ATOM   246  C CB  . LEU A 1 36  ? -13.223 1.516   -0.443  1.00 21.12 ? 51  LEU A CB  1 
ATOM   247  C CG  . LEU A 1 36  ? -14.083 1.731   -1.693  1.00 21.13 ? 51  LEU A CG  1 
ATOM   248  C CD1 . LEU A 1 36  ? -13.280 1.569   -2.974  1.00 21.22 ? 51  LEU A CD1 1 
ATOM   249  C CD2 . LEU A 1 36  ? -15.246 0.757   -1.691  1.00 21.10 ? 51  LEU A CD2 1 
ATOM   250  N N   . ILE A 1 37  ? -10.137 2.174   -0.556  1.00 21.14 ? 52  ILE A N   1 
ATOM   251  C CA  . ILE A 1 37  ? -8.901  2.378   -1.314  1.00 21.07 ? 52  ILE A CA  1 
ATOM   252  C C   . ILE A 1 37  ? -9.145  2.085   -2.791  1.00 21.07 ? 52  ILE A C   1 
ATOM   253  O O   . ILE A 1 37  ? -9.358  0.934   -3.178  1.00 21.09 ? 52  ILE A O   1 
ATOM   254  C CB  . ILE A 1 37  ? -7.724  1.498   -0.795  1.00 21.06 ? 52  ILE A CB  1 
ATOM   255  C CG1 . ILE A 1 37  ? -7.595  1.549   0.736   1.00 20.64 ? 52  ILE A CG1 1 
ATOM   256  C CG2 . ILE A 1 37  ? -6.408  1.878   -1.495  1.00 21.33 ? 52  ILE A CG2 1 
ATOM   257  C CD1 . ILE A 1 37  ? -7.350  2.920   1.336   1.00 20.62 ? 52  ILE A CD1 1 
ATOM   258  N N   . LYS A 1 38  ? -9.116  3.137   -3.604  1.00 21.02 ? 53  LYS A N   1 
ATOM   259  C CA  . LYS A 1 38  ? -9.374  3.027   -5.038  1.00 20.98 ? 53  LYS A CA  1 
ATOM   260  C C   . LYS A 1 38  ? -8.145  2.569   -5.831  1.00 21.10 ? 53  LYS A C   1 
ATOM   261  O O   . LYS A 1 38  ? -8.243  1.677   -6.674  1.00 20.93 ? 53  LYS A O   1 
ATOM   262  C CB  . LYS A 1 38  ? -9.917  4.350   -5.591  1.00 20.94 ? 53  LYS A CB  1 
ATOM   263  C CG  . LYS A 1 38  ? -11.317 4.707   -5.096  1.00 20.78 ? 53  LYS A CG  1 
ATOM   264  C CD  . LYS A 1 38  ? -11.939 5.846   -5.897  1.00 20.79 ? 53  LYS A CD  1 
ATOM   265  C CE  . LYS A 1 38  ? -12.454 5.387   -7.264  1.00 20.45 ? 53  LYS A CE  1 
ATOM   266  N NZ  . LYS A 1 38  ? -13.651 4.514   -7.160  1.00 19.79 ? 53  LYS A NZ  1 
ATOM   267  N N   . SER A 1 39  ? -6.998  3.185   -5.552  1.00 21.41 ? 54  SER A N   1 
ATOM   268  C CA  . SER A 1 39  ? -5.743  2.881   -6.244  1.00 21.66 ? 54  SER A CA  1 
ATOM   269  C C   . SER A 1 39  ? -4.531  3.334   -5.433  1.00 21.87 ? 54  SER A C   1 
ATOM   270  O O   . SER A 1 39  ? -4.667  4.089   -4.469  1.00 21.84 ? 54  SER A O   1 
ATOM   271  C CB  . SER A 1 39  ? -5.713  3.550   -7.621  1.00 21.62 ? 54  SER A CB  1 
ATOM   272  O OG  . SER A 1 39  ? -5.880  4.951   -7.513  1.00 21.43 ? 54  SER A OG  1 
ATOM   273  N N   . ILE A 1 40  ? -3.350  2.863   -5.828  1.00 22.18 ? 55  ILE A N   1 
ATOM   274  C CA  . ILE A 1 40  ? -2.096  3.345   -5.252  1.00 22.55 ? 55  ILE A CA  1 
ATOM   275  C C   . ILE A 1 40  ? -1.069  3.754   -6.309  1.00 22.68 ? 55  ILE A C   1 
ATOM   276  O O   . ILE A 1 40  ? -1.061  3.236   -7.426  1.00 22.57 ? 55  ILE A O   1 
ATOM   277  C CB  . ILE A 1 40  ? -1.419  2.316   -4.288  1.00 22.53 ? 55  ILE A CB  1 
ATOM   278  C CG1 . ILE A 1 40  ? -1.163  0.984   -4.995  1.00 22.65 ? 55  ILE A CG1 1 
ATOM   279  C CG2 . ILE A 1 40  ? -2.236  2.118   -3.014  1.00 22.83 ? 55  ILE A CG2 1 
ATOM   280  C CD1 . ILE A 1 40  ? 0.203   0.423   -4.720  1.00 22.72 ? 55  ILE A CD1 1 
ATOM   281  N N   . GLN A 1 41  ? -0.218  4.701   -5.935  1.00 22.95 ? 56  GLN A N   1 
ATOM   282  C CA  . GLN A 1 41  ? 1.036   4.956   -6.626  1.00 23.19 ? 56  GLN A CA  1 
ATOM   283  C C   . GLN A 1 41  ? 2.163   4.800   -5.620  1.00 23.36 ? 56  GLN A C   1 
ATOM   284  O O   . GLN A 1 41  ? 2.001   5.141   -4.448  1.00 23.42 ? 56  GLN A O   1 
ATOM   285  C CB  . GLN A 1 41  ? 1.063   6.362   -7.212  1.00 23.18 ? 56  GLN A CB  1 
ATOM   286  C CG  . GLN A 1 41  ? 0.568   6.451   -8.634  1.00 23.41 ? 56  GLN A CG  1 
ATOM   287  C CD  . GLN A 1 41  ? 0.657   7.853   -9.176  1.00 23.59 ? 56  GLN A CD  1 
ATOM   288  O OE1 . GLN A 1 41  ? -0.185  8.698   -8.878  1.00 24.16 ? 56  GLN A OE1 1 
ATOM   289  N NE2 . GLN A 1 41  ? 1.683   8.113   -9.977  1.00 23.34 ? 56  GLN A NE2 1 
ATOM   290  N N   . VAL A 1 42  ? 3.295   4.274   -6.073  1.00 23.54 ? 57  VAL A N   1 
ATOM   291  C CA  . VAL A 1 42  ? 4.474   4.140   -5.223  1.00 23.78 ? 57  VAL A CA  1 
ATOM   292  C C   . VAL A 1 42  ? 5.606   4.974   -5.809  1.00 23.98 ? 57  VAL A C   1 
ATOM   293  O O   . VAL A 1 42  ? 5.864   4.924   -7.012  1.00 23.92 ? 57  VAL A O   1 
ATOM   294  C CB  . VAL A 1 42  ? 4.929   2.658   -5.078  1.00 23.85 ? 57  VAL A CB  1 
ATOM   295  C CG1 . VAL A 1 42  ? 6.037   2.538   -4.049  1.00 23.61 ? 57  VAL A CG1 1 
ATOM   296  C CG2 . VAL A 1 42  ? 3.762   1.752   -4.688  1.00 23.91 ? 57  VAL A CG2 1 
ATOM   297  N N   . ARG A 1 43  ? 6.278   5.747   -4.962  1.00 24.35 ? 58  ARG A N   1 
ATOM   298  C CA  . ARG A 1 43  ? 7.420   6.535   -5.415  1.00 24.55 ? 58  ARG A CA  1 
ATOM   299  C C   . ARG A 1 43  ? 8.746   5.839   -5.148  1.00 24.83 ? 58  ARG A C   1 
ATOM   300  O O   . ARG A 1 43  ? 9.079   5.523   -4.003  1.00 24.88 ? 58  ARG A O   1 
ATOM   301  C CB  . ARG A 1 43  ? 7.421   7.932   -4.800  1.00 24.35 ? 58  ARG A CB  1 
ATOM   302  C CG  . ARG A 1 43  ? 8.315   8.900   -5.543  1.00 24.14 ? 58  ARG A CG  1 
ATOM   303  C CD  . ARG A 1 43  ? 8.193   10.303  -4.998  1.00 23.73 ? 58  ARG A CD  1 
ATOM   304  N NE  . ARG A 1 43  ? 8.733   10.412  -3.648  1.00 23.16 ? 58  ARG A NE  1 
ATOM   305  C CZ  . ARG A 1 43  ? 8.998   11.562  -3.039  1.00 23.35 ? 58  ARG A CZ  1 
ATOM   306  N NH1 . ARG A 1 43  ? 8.779   12.715  -3.659  1.00 23.44 ? 58  ARG A NH1 1 
ATOM   307  N NH2 . ARG A 1 43  ? 9.489   11.562  -1.808  1.00 23.43 ? 58  ARG A NH2 1 
ATOM   308  N N   . TYR A 1 44  ? 9.486   5.596   -6.225  1.00 25.18 ? 59  TYR A N   1 
ATOM   309  C CA  . TYR A 1 44  ? 10.832  5.045   -6.152  1.00 25.45 ? 59  TYR A CA  1 
ATOM   310  C C   . TYR A 1 44  ? 11.821  6.145   -6.504  1.00 25.74 ? 59  TYR A C   1 
ATOM   311  O O   . TYR A 1 44  ? 11.809  6.672   -7.621  1.00 25.89 ? 59  TYR A O   1 
ATOM   312  C CB  . TYR A 1 44  ? 10.975  3.846   -7.090  1.00 25.35 ? 59  TYR A CB  1 
ATOM   313  C CG  . TYR A 1 44  ? 10.031  2.717   -6.750  1.00 25.20 ? 59  TYR A CG  1 
ATOM   314  C CD1 . TYR A 1 44  ? 10.378  1.755   -5.804  1.00 24.84 ? 59  TYR A CD1 1 
ATOM   315  C CD2 . TYR A 1 44  ? 8.784   2.619   -7.363  1.00 25.00 ? 59  TYR A CD2 1 
ATOM   316  C CE1 . TYR A 1 44  ? 9.509   0.725   -5.482  1.00 24.87 ? 59  TYR A CE1 1 
ATOM   317  C CE2 . TYR A 1 44  ? 7.910   1.589   -7.050  1.00 24.71 ? 59  TYR A CE2 1 
ATOM   318  C CZ  . TYR A 1 44  ? 8.278   0.650   -6.108  1.00 24.91 ? 59  TYR A CZ  1 
ATOM   319  O OH  . TYR A 1 44  ? 7.411   -0.370  -5.796  1.00 25.58 ? 59  TYR A OH  1 
ATOM   320  N N   . GLY A 1 45  ? 12.661  6.501   -5.535  1.00 25.97 ? 60  GLY A N   1 
ATOM   321  C CA  . GLY A 1 45  ? 13.546  7.651   -5.657  1.00 26.25 ? 60  GLY A CA  1 
ATOM   322  C C   . GLY A 1 45  ? 12.718  8.910   -5.801  1.00 26.52 ? 60  GLY A C   1 
ATOM   323  O O   . GLY A 1 45  ? 12.099  9.370   -4.840  1.00 26.49 ? 60  GLY A O   1 
ATOM   324  N N   . SER A 1 46  ? 12.693  9.450   -7.015  1.00 26.76 ? 61  SER A N   1 
ATOM   325  C CA  . SER A 1 46  ? 11.900  10.636  -7.326  1.00 27.04 ? 61  SER A CA  1 
ATOM   326  C C   . SER A 1 46  ? 10.795  10.331  -8.338  1.00 27.14 ? 61  SER A C   1 
ATOM   327  O O   . SER A 1 46  ? 9.948   11.182  -8.621  1.00 27.16 ? 61  SER A O   1 
ATOM   328  C CB  . SER A 1 46  ? 12.803  11.760  -7.837  1.00 27.03 ? 61  SER A CB  1 
ATOM   329  O OG  . SER A 1 46  ? 13.709  11.274  -8.810  1.00 27.32 ? 61  SER A OG  1 
ATOM   330  N N   . SER A 1 47  ? 10.809  9.108   -8.867  1.00 27.27 ? 62  SER A N   1 
ATOM   331  C CA  . SER A 1 47  ? 9.837   8.672   -9.864  1.00 27.38 ? 62  SER A CA  1 
ATOM   332  C C   . SER A 1 47  ? 8.621   8.005   -9.225  1.00 27.34 ? 62  SER A C   1 
ATOM   333  O O   . SER A 1 47  ? 8.759   7.071   -8.437  1.00 27.42 ? 62  SER A O   1 
ATOM   334  C CB  . SER A 1 47  ? 10.487  7.707   -10.862 1.00 27.37 ? 62  SER A CB  1 
ATOM   335  O OG  . SER A 1 47  ? 11.436  8.369   -11.677 1.00 27.71 ? 62  SER A OG  1 
ATOM   336  N N   . TRP A 1 48  ? 7.435   8.499   -9.569  1.00 27.24 ? 63  TRP A N   1 
ATOM   337  C CA  . TRP A 1 48  ? 6.186   7.855   -9.188  1.00 27.13 ? 63  TRP A CA  1 
ATOM   338  C C   . TRP A 1 48  ? 5.881   6.732   -10.168 1.00 27.20 ? 63  TRP A C   1 
ATOM   339  O O   . TRP A 1 48  ? 6.081   6.878   -11.374 1.00 27.22 ? 63  TRP A O   1 
ATOM   340  C CB  . TRP A 1 48  ? 5.032   8.861   -9.188  1.00 26.90 ? 63  TRP A CB  1 
ATOM   341  C CG  . TRP A 1 48  ? 4.986   9.741   -7.975  1.00 26.61 ? 63  TRP A CG  1 
ATOM   342  C CD1 . TRP A 1 48  ? 5.337   11.055  -7.904  1.00 26.32 ? 63  TRP A CD1 1 
ATOM   343  C CD2 . TRP A 1 48  ? 4.563   9.366   -6.659  1.00 26.37 ? 63  TRP A CD2 1 
ATOM   344  N NE1 . TRP A 1 48  ? 5.161   11.525  -6.626  1.00 26.22 ? 63  TRP A NE1 1 
ATOM   345  C CE2 . TRP A 1 48  ? 4.686   10.508  -5.841  1.00 26.35 ? 63  TRP A CE2 1 
ATOM   346  C CE3 . TRP A 1 48  ? 4.092   8.175   -6.092  1.00 26.33 ? 63  TRP A CE3 1 
ATOM   347  C CZ2 . TRP A 1 48  ? 4.357   10.496  -4.481  1.00 26.58 ? 63  TRP A CZ2 1 
ATOM   348  C CZ3 . TRP A 1 48  ? 3.764   8.162   -4.742  1.00 26.44 ? 63  TRP A CZ3 1 
ATOM   349  C CH2 . TRP A 1 48  ? 3.898   9.319   -3.951  1.00 26.49 ? 63  TRP A CH2 1 
ATOM   350  N N   . SER A 1 49  ? 5.404   5.608   -9.640  1.00 27.34 ? 64  SER A N   1 
ATOM   351  C CA  . SER A 1 49  ? 4.958   4.496   -10.472 1.00 27.40 ? 64  SER A CA  1 
ATOM   352  C C   . SER A 1 49  ? 3.638   4.850   -11.152 1.00 27.35 ? 64  SER A C   1 
ATOM   353  O O   . SER A 1 49  ? 3.089   5.930   -10.935 1.00 27.39 ? 64  SER A O   1 
ATOM   354  C CB  . SER A 1 49  ? 4.801   3.226   -9.630  1.00 27.51 ? 64  SER A CB  1 
ATOM   355  O OG  . SER A 1 49  ? 3.766   3.366   -8.673  1.00 27.64 ? 64  SER A OG  1 
ATOM   356  N N   . GLU A 1 50  ? 3.138   3.945   -11.983 1.00 27.30 ? 65  GLU A N   1 
ATOM   357  C CA  . GLU A 1 50  ? 1.836   4.128   -12.605 1.00 27.27 ? 65  GLU A CA  1 
ATOM   358  C C   . GLU A 1 50  ? 0.717   3.876   -11.601 1.00 26.96 ? 65  GLU A C   1 
ATOM   359  O O   . GLU A 1 50  ? 0.924   3.218   -10.585 1.00 26.86 ? 65  GLU A O   1 
ATOM   360  C CB  . GLU A 1 50  ? 1.691   3.221   -13.825 1.00 27.42 ? 65  GLU A CB  1 
ATOM   361  C CG  . GLU A 1 50  ? 2.342   3.789   -15.079 1.00 28.46 ? 65  GLU A CG  1 
ATOM   362  C CD  . GLU A 1 50  ? 2.620   2.741   -16.141 1.00 29.98 ? 65  GLU A CD  1 
ATOM   363  O OE1 . GLU A 1 50  ? 3.078   3.125   -17.238 1.00 30.70 ? 65  GLU A OE1 1 
ATOM   364  O OE2 . GLU A 1 50  ? 2.389   1.538   -15.884 1.00 30.87 ? 65  GLU A OE2 1 
ATOM   365  N N   . LYS A 1 51  ? -0.457  4.426   -11.894 1.00 26.80 ? 66  LYS A N   1 
ATOM   366  C CA  . LYS A 1 51  ? -1.653  4.266   -11.071 1.00 26.46 ? 66  LYS A CA  1 
ATOM   367  C C   . LYS A 1 51  ? -2.146  2.825   -11.151 1.00 26.24 ? 66  LYS A C   1 
ATOM   368  O O   . LYS A 1 51  ? -2.597  2.377   -12.208 1.00 26.23 ? 66  LYS A O   1 
ATOM   369  C CB  . LYS A 1 51  ? -2.747  5.195   -11.594 1.00 26.56 ? 66  LYS A CB  1 
ATOM   370  C CG  . LYS A 1 51  ? -3.851  5.534   -10.615 1.00 26.46 ? 66  LYS A CG  1 
ATOM   371  C CD  . LYS A 1 51  ? -3.812  7.011   -10.281 1.00 26.67 ? 66  LYS A CD  1 
ATOM   372  C CE  . LYS A 1 51  ? -5.212  7.584   -10.126 1.00 26.68 ? 66  LYS A CE  1 
ATOM   373  N NZ  . LYS A 1 51  ? -5.984  7.570   -11.399 1.00 27.42 ? 66  LYS A NZ  1 
ATOM   374  N N   . TYR A 1 52  ? -2.045  2.106   -10.034 1.00 25.91 ? 67  TYR A N   1 
ATOM   375  C CA  . TYR A 1 52  ? -2.514  0.724   -9.954  1.00 25.60 ? 67  TYR A CA  1 
ATOM   376  C C   . TYR A 1 52  ? -3.861  0.658   -9.250  1.00 25.39 ? 67  TYR A C   1 
ATOM   377  O O   . TYR A 1 52  ? -3.933  0.666   -8.018  1.00 25.33 ? 67  TYR A O   1 
ATOM   378  C CB  . TYR A 1 52  ? -1.496  -0.164  -9.231  1.00 25.65 ? 67  TYR A CB  1 
ATOM   379  C CG  . TYR A 1 52  ? -0.133  -0.221  -9.883  1.00 25.78 ? 67  TYR A CG  1 
ATOM   380  C CD1 . TYR A 1 52  ? 0.058   -0.885  -11.096 1.00 25.81 ? 67  TYR A CD1 1 
ATOM   381  C CD2 . TYR A 1 52  ? 0.970   0.381   -9.282  1.00 25.71 ? 67  TYR A CD2 1 
ATOM   382  C CE1 . TYR A 1 52  ? 1.306   -0.939  -11.697 1.00 25.51 ? 67  TYR A CE1 1 
ATOM   383  C CE2 . TYR A 1 52  ? 2.226   0.333   -9.877  1.00 25.80 ? 67  TYR A CE2 1 
ATOM   384  C CZ  . TYR A 1 52  ? 2.386   -0.330  -11.082 1.00 25.77 ? 67  TYR A CZ  1 
ATOM   385  O OH  . TYR A 1 52  ? 3.627   -0.381  -11.673 1.00 26.06 ? 67  TYR A OH  1 
ATOM   386  N N   . GLY A 1 53  ? -4.927  0.600   -10.044 1.00 25.18 ? 68  GLY A N   1 
ATOM   387  C CA  . GLY A 1 53  ? -6.283  0.509   -9.521  1.00 24.78 ? 68  GLY A CA  1 
ATOM   388  C C   . GLY A 1 53  ? -7.290  1.251   -10.369 1.00 24.55 ? 68  GLY A C   1 
ATOM   389  O O   . GLY A 1 53  ? -7.114  1.387   -11.580 1.00 24.53 ? 68  GLY A O   1 
ATOM   390  N N   . ILE A 1 54  ? -8.341  1.739   -9.716  1.00 24.42 ? 69  ILE A N   1 
ATOM   391  C CA  . ILE A 1 54  ? -9.464  2.400   -10.383 1.00 24.16 ? 69  ILE A CA  1 
ATOM   392  C C   . ILE A 1 54  ? -9.386  3.926   -10.237 1.00 24.20 ? 69  ILE A C   1 
ATOM   393  O O   . ILE A 1 54  ? -9.214  4.432   -9.128  1.00 24.14 ? 69  ILE A O   1 
ATOM   394  C CB  . ILE A 1 54  ? -10.817 1.857   -9.850  1.00 23.99 ? 69  ILE A CB  1 
ATOM   395  C CG1 . ILE A 1 54  ? -10.901 0.333   -10.035 1.00 23.68 ? 69  ILE A CG1 1 
ATOM   396  C CG2 . ILE A 1 54  ? -12.012 2.574   -10.486 1.00 23.79 ? 69  ILE A CG2 1 
ATOM   397  C CD1 . ILE A 1 54  ? -10.655 -0.163  -11.452 1.00 23.11 ? 69  ILE A CD1 1 
ATOM   398  N N   . PRO A 1 55  ? -9.495  4.659   -11.366 1.00 24.22 ? 70  PRO A N   1 
ATOM   399  C CA  . PRO A 1 55  ? -9.444  6.121   -11.377 1.00 24.25 ? 70  PRO A CA  1 
ATOM   400  C C   . PRO A 1 55  ? -10.559 6.773   -10.564 1.00 24.28 ? 70  PRO A C   1 
ATOM   401  O O   . PRO A 1 55  ? -11.706 6.329   -10.607 1.00 24.49 ? 70  PRO A O   1 
ATOM   402  C CB  . PRO A 1 55  ? -9.598  6.471   -12.862 1.00 24.26 ? 70  PRO A CB  1 
ATOM   403  C CG  . PRO A 1 55  ? -10.215 5.271   -13.484 1.00 24.32 ? 70  PRO A CG  1 
ATOM   404  C CD  . PRO A 1 55  ? -9.659  4.116   -12.727 1.00 24.27 ? 70  PRO A CD  1 
ATOM   405  N N   . GLY A 1 56  ? -10.211 7.825   -9.833  1.00 24.22 ? 71  GLY A N   1 
ATOM   406  C CA  . GLY A 1 56  ? -11.163 8.533   -8.991  1.00 24.04 ? 71  GLY A CA  1 
ATOM   407  C C   . GLY A 1 56  ? -10.641 8.695   -7.579  1.00 24.07 ? 71  GLY A C   1 
ATOM   408  O O   . GLY A 1 56  ? -9.572  8.188   -7.234  1.00 24.14 ? 71  GLY A O   1 
ATOM   409  N N   . GLY A 1 57  ? -11.402 9.404   -6.755  1.00 23.97 ? 72  GLY A N   1 
ATOM   410  C CA  . GLY A 1 57  ? -11.015 9.638   -5.377  1.00 23.84 ? 72  GLY A CA  1 
ATOM   411  C C   . GLY A 1 57  ? -9.999  10.753  -5.242  1.00 23.77 ? 72  GLY A C   1 
ATOM   412  O O   . GLY A 1 57  ? -9.627  11.397  -6.224  1.00 23.66 ? 72  GLY A O   1 
ATOM   413  N N   . LYS A 1 58  ? -9.552  10.969  -4.011  1.00 23.72 ? 73  LYS A N   1 
ATOM   414  C CA  . LYS A 1 58  ? -8.633  12.045  -3.692  1.00 23.65 ? 73  LYS A CA  1 
ATOM   415  C C   . LYS A 1 58  ? -7.292  11.457  -3.288  1.00 23.61 ? 73  LYS A C   1 
ATOM   416  O O   . LYS A 1 58  ? -7.234  10.469  -2.551  1.00 23.62 ? 73  LYS A O   1 
ATOM   417  C CB  . LYS A 1 58  ? -9.214  12.901  -2.565  1.00 23.65 ? 73  LYS A CB  1 
ATOM   418  C CG  . LYS A 1 58  ? -8.570  14.260  -2.398  1.00 23.88 ? 73  LYS A CG  1 
ATOM   419  C CD  . LYS A 1 58  ? -9.455  15.167  -1.564  1.00 24.66 ? 73  LYS A CD  1 
ATOM   420  C CE  . LYS A 1 58  ? -8.720  16.431  -1.149  1.00 25.07 ? 73  LYS A CE  1 
ATOM   421  N NZ  . LYS A 1 58  ? -9.636  17.374  -0.450  1.00 25.26 ? 73  LYS A NZ  1 
ATOM   422  N N   . ALA A 1 59  ? -6.219  12.064  -3.784  1.00 23.58 ? 74  ALA A N   1 
ATOM   423  C CA  . ALA A 1 59  ? -4.863  11.591  -3.529  1.00 23.47 ? 74  ALA A CA  1 
ATOM   424  C C   . ALA A 1 59  ? -4.392  11.965  -2.131  1.00 23.42 ? 74  ALA A C   1 
ATOM   425  O O   . ALA A 1 59  ? -4.441  13.133  -1.737  1.00 23.45 ? 74  ALA A O   1 
ATOM   426  C CB  . ALA A 1 59  ? -3.900  12.135  -4.575  1.00 23.51 ? 74  ALA A CB  1 
ATOM   427  N N   . HIS A 1 60  ? -3.943  10.960  -1.388  1.00 23.30 ? 75  HIS A N   1 
ATOM   428  C CA  . HIS A 1 60  ? -3.343  11.168  -0.079  1.00 23.05 ? 75  HIS A CA  1 
ATOM   429  C C   . HIS A 1 60  ? -1.966  10.537  -0.080  1.00 23.21 ? 75  HIS A C   1 
ATOM   430  O O   . HIS A 1 60  ? -1.770  9.477   -0.669  1.00 23.22 ? 75  HIS A O   1 
ATOM   431  C CB  . HIS A 1 60  ? -4.226  10.577  1.017   1.00 22.91 ? 75  HIS A CB  1 
ATOM   432  C CG  . HIS A 1 60  ? -5.562  11.240  1.128   1.00 21.90 ? 75  HIS A CG  1 
ATOM   433  N ND1 . HIS A 1 60  ? -6.708  10.696  0.591   1.00 21.01 ? 75  HIS A ND1 1 
ATOM   434  C CD2 . HIS A 1 60  ? -5.929  12.414  1.691   1.00 21.16 ? 75  HIS A CD2 1 
ATOM   435  C CE1 . HIS A 1 60  ? -7.726  11.503  0.828   1.00 20.76 ? 75  HIS A CE1 1 
ATOM   436  N NE2 . HIS A 1 60  ? -7.280  12.552  1.492   1.00 20.64 ? 75  HIS A NE2 1 
ATOM   437  N N   . GLU A 1 61  ? -1.011  11.192  0.573   1.00 23.43 ? 76  GLU A N   1 
ATOM   438  C CA  . GLU A 1 61  ? 0.391   10.810  0.441   1.00 23.72 ? 76  GLU A CA  1 
ATOM   439  C C   . GLU A 1 61  ? 1.140   10.626  1.750   1.00 23.60 ? 76  GLU A C   1 
ATOM   440  O O   . GLU A 1 61  ? 0.902   11.339  2.725   1.00 23.58 ? 76  GLU A O   1 
ATOM   441  C CB  . GLU A 1 61  ? 1.134   11.830  -0.424  1.00 23.72 ? 76  GLU A CB  1 
ATOM   442  C CG  . GLU A 1 61  ? 0.938   11.637  -1.918  1.00 24.12 ? 76  GLU A CG  1 
ATOM   443  C CD  . GLU A 1 61  ? 1.458   12.796  -2.743  1.00 24.28 ? 76  GLU A CD  1 
ATOM   444  O OE1 . GLU A 1 61  ? 1.190   12.816  -3.964  1.00 25.22 ? 76  GLU A OE1 1 
ATOM   445  O OE2 . GLU A 1 61  ? 2.131   13.689  -2.182  1.00 25.10 ? 76  GLU A OE2 1 
ATOM   446  N N   . LEU A 1 62  ? 2.039   9.645   1.748   1.00 23.57 ? 77  LEU A N   1 
ATOM   447  C CA  . LEU A 1 62  ? 3.067   9.512   2.765   1.00 23.65 ? 77  LEU A CA  1 
ATOM   448  C C   . LEU A 1 62  ? 4.418   9.667   2.081   1.00 23.85 ? 77  LEU A C   1 
ATOM   449  O O   . LEU A 1 62  ? 4.860   8.777   1.355   1.00 23.90 ? 77  LEU A O   1 
ATOM   450  C CB  . LEU A 1 62  ? 2.976   8.159   3.484   1.00 23.55 ? 77  LEU A CB  1 
ATOM   451  C CG  . LEU A 1 62  ? 4.121   7.757   4.423   1.00 23.12 ? 77  LEU A CG  1 
ATOM   452  C CD1 . LEU A 1 62  ? 4.265   8.700   5.615   1.00 22.50 ? 77  LEU A CD1 1 
ATOM   453  C CD2 . LEU A 1 62  ? 3.938   6.329   4.899   1.00 23.53 ? 77  LEU A CD2 1 
ATOM   454  N N   . ILE A 1 63  ? 5.053   10.816  2.293   1.00 24.01 ? 78  ILE A N   1 
ATOM   455  C CA  . ILE A 1 63  ? 6.383   11.072  1.755   1.00 24.13 ? 78  ILE A CA  1 
ATOM   456  C C   . ILE A 1 63  ? 7.392   10.772  2.854   1.00 24.20 ? 78  ILE A C   1 
ATOM   457  O O   . ILE A 1 63  ? 7.416   11.447  3.888   1.00 24.28 ? 78  ILE A O   1 
ATOM   458  C CB  . ILE A 1 63  ? 6.531   12.527  1.228   1.00 24.14 ? 78  ILE A CB  1 
ATOM   459  C CG1 . ILE A 1 63  ? 5.678   12.740  -0.024  1.00 24.23 ? 78  ILE A CG1 1 
ATOM   460  C CG2 . ILE A 1 63  ? 7.975   12.856  0.894   1.00 24.15 ? 78  ILE A CG2 1 
ATOM   461  C CD1 . ILE A 1 63  ? 4.364   13.428  0.244   1.00 24.86 ? 78  ILE A CD1 1 
ATOM   462  N N   . LEU A 1 64  ? 8.205   9.742   2.630   1.00 24.24 ? 79  LEU A N   1 
ATOM   463  C CA  . LEU A 1 64  ? 9.190   9.308   3.613   1.00 24.32 ? 79  LEU A CA  1 
ATOM   464  C C   . LEU A 1 64  ? 10.354  10.292  3.765   1.00 24.55 ? 79  LEU A C   1 
ATOM   465  O O   . LEU A 1 64  ? 10.753  10.961  2.808   1.00 24.43 ? 79  LEU A O   1 
ATOM   466  C CB  . LEU A 1 64  ? 9.715   7.905   3.284   1.00 24.20 ? 79  LEU A CB  1 
ATOM   467  C CG  . LEU A 1 64  ? 8.911   6.639   3.622   1.00 23.66 ? 79  LEU A CG  1 
ATOM   468  C CD1 . LEU A 1 64  ? 7.830   6.886   4.664   1.00 22.88 ? 79  LEU A CD1 1 
ATOM   469  C CD2 . LEU A 1 64  ? 8.310   6.019   2.387   1.00 23.34 ? 79  LEU A CD2 1 
ATOM   470  N N   . HIS A 1 65  ? 10.878  10.372  4.986   1.00 24.83 ? 80  HIS A N   1 
ATOM   471  C CA  . HIS A 1 65  ? 12.041  11.199  5.290   1.00 25.13 ? 80  HIS A CA  1 
ATOM   472  C C   . HIS A 1 65  ? 13.321  10.462  4.915   1.00 25.27 ? 80  HIS A C   1 
ATOM   473  O O   . HIS A 1 65  ? 13.306  9.234   4.786   1.00 25.32 ? 80  HIS A O   1 
ATOM   474  C CB  . HIS A 1 65  ? 12.071  11.552  6.781   1.00 25.18 ? 80  HIS A CB  1 
ATOM   475  C CG  . HIS A 1 65  ? 10.922  12.400  7.229   1.00 25.33 ? 80  HIS A CG  1 
ATOM   476  N ND1 . HIS A 1 65  ? 10.486  13.499  6.522   1.00 25.52 ? 80  HIS A ND1 1 
ATOM   477  C CD2 . HIS A 1 65  ? 10.133  12.319  8.326   1.00 25.47 ? 80  HIS A CD2 1 
ATOM   478  C CE1 . HIS A 1 65  ? 9.468   14.051  7.157   1.00 25.74 ? 80  HIS A CE1 1 
ATOM   479  N NE2 . HIS A 1 65  ? 9.232   13.355  8.254   1.00 25.95 ? 80  HIS A NE2 1 
ATOM   480  N N   . PRO A 1 66  ? 14.431  11.203  4.717   1.00 25.35 ? 81  PRO A N   1 
ATOM   481  C CA  . PRO A 1 66  ? 15.730  10.564  4.518   1.00 25.33 ? 81  PRO A CA  1 
ATOM   482  C C   . PRO A 1 66  ? 16.030  9.542   5.613   1.00 25.24 ? 81  PRO A C   1 
ATOM   483  O O   . PRO A 1 66  ? 16.076  9.891   6.798   1.00 25.16 ? 81  PRO A O   1 
ATOM   484  C CB  . PRO A 1 66  ? 16.708  11.737  4.589   1.00 25.36 ? 81  PRO A CB  1 
ATOM   485  C CG  . PRO A 1 66  ? 15.924  12.886  4.099   1.00 25.36 ? 81  PRO A CG  1 
ATOM   486  C CD  . PRO A 1 66  ? 14.535  12.671  4.626   1.00 25.40 ? 81  PRO A CD  1 
ATOM   487  N N   . GLY A 1 67  ? 16.202  8.288   5.205   1.00 25.16 ? 82  GLY A N   1 
ATOM   488  C CA  . GLY A 1 67  ? 16.470  7.193   6.131   1.00 24.95 ? 82  GLY A CA  1 
ATOM   489  C C   . GLY A 1 67  ? 15.220  6.510   6.657   1.00 24.82 ? 82  GLY A C   1 
ATOM   490  O O   . GLY A 1 67  ? 15.310  5.567   7.449   1.00 24.89 ? 82  GLY A O   1 
ATOM   491  N N   . GLU A 1 68  ? 14.052  6.981   6.223   1.00 24.52 ? 83  GLU A N   1 
ATOM   492  C CA  . GLU A 1 68  ? 12.791  6.419   6.699   1.00 24.26 ? 83  GLU A CA  1 
ATOM   493  C C   . GLU A 1 68  ? 12.240  5.380   5.735   1.00 24.09 ? 83  GLU A C   1 
ATOM   494  O O   . GLU A 1 68  ? 12.340  5.536   4.516   1.00 24.00 ? 83  GLU A O   1 
ATOM   495  C CB  . GLU A 1 68  ? 11.761  7.516   6.960   1.00 24.24 ? 83  GLU A CB  1 
ATOM   496  C CG  . GLU A 1 68  ? 10.660  7.089   7.911   1.00 24.12 ? 83  GLU A CG  1 
ATOM   497  C CD  . GLU A 1 68  ? 9.550   8.106   8.043   1.00 24.24 ? 83  GLU A CD  1 
ATOM   498  O OE1 . GLU A 1 68  ? 9.386   8.952   7.136   1.00 24.18 ? 83  GLU A OE1 1 
ATOM   499  O OE2 . GLU A 1 68  ? 8.832   8.048   9.060   1.00 24.10 ? 83  GLU A OE2 1 
ATOM   500  N N   . HIS A 1 69  ? 11.662  4.321   6.297   1.00 23.90 ? 84  HIS A N   1 
ATOM   501  C CA  . HIS A 1 69  ? 11.110  3.208   5.527   1.00 23.70 ? 84  HIS A CA  1 
ATOM   502  C C   . HIS A 1 69  ? 9.891   2.638   6.233   1.00 23.54 ? 84  HIS A C   1 
ATOM   503  O O   . HIS A 1 69  ? 9.821   2.655   7.459   1.00 23.44 ? 84  HIS A O   1 
ATOM   504  C CB  . HIS A 1 69  ? 12.143  2.091   5.385   1.00 23.69 ? 84  HIS A CB  1 
ATOM   505  C CG  . HIS A 1 69  ? 13.399  2.499   4.681   1.00 23.78 ? 84  HIS A CG  1 
ATOM   506  N ND1 . HIS A 1 69  ? 13.458  2.705   3.320   1.00 24.01 ? 84  HIS A ND1 1 
ATOM   507  C CD2 . HIS A 1 69  ? 14.649  2.723   5.150   1.00 23.68 ? 84  HIS A CD2 1 
ATOM   508  C CE1 . HIS A 1 69  ? 14.688  3.048   2.983   1.00 24.04 ? 84  HIS A CE1 1 
ATOM   509  N NE2 . HIS A 1 69  ? 15.430  3.065   4.076   1.00 23.76 ? 84  HIS A NE2 1 
ATOM   510  N N   . ILE A 1 70  ? 8.944   2.118   5.455   1.00 23.36 ? 85  ILE A N   1 
ATOM   511  C CA  . ILE A 1 70  ? 7.779   1.422   6.006   1.00 23.04 ? 85  ILE A CA  1 
ATOM   512  C C   . ILE A 1 70  ? 8.206   0.034   6.484   1.00 22.88 ? 85  ILE A C   1 
ATOM   513  O O   . ILE A 1 70  ? 8.851   -0.714  5.746   1.00 22.69 ? 85  ILE A O   1 
ATOM   514  C CB  . ILE A 1 70  ? 6.618   1.322   4.976   1.00 23.08 ? 85  ILE A CB  1 
ATOM   515  C CG1 . ILE A 1 70  ? 6.223   2.715   4.476   1.00 22.89 ? 85  ILE A CG1 1 
ATOM   516  C CG2 . ILE A 1 70  ? 5.406   0.613   5.581   1.00 22.80 ? 85  ILE A CG2 1 
ATOM   517  C CD1 . ILE A 1 70  ? 5.528   2.715   3.133   1.00 22.74 ? 85  ILE A CD1 1 
ATOM   518  N N   . ILE A 1 71  ? 7.849   -0.296  7.723   1.00 22.74 ? 86  ILE A N   1 
ATOM   519  C CA  . ILE A 1 71  ? 8.297   -1.537  8.359   1.00 22.61 ? 86  ILE A CA  1 
ATOM   520  C C   . ILE A 1 71  ? 7.156   -2.495  8.696   1.00 22.59 ? 86  ILE A C   1 
ATOM   521  O O   . ILE A 1 71  ? 7.387   -3.687  8.896   1.00 22.68 ? 86  ILE A O   1 
ATOM   522  C CB  . ILE A 1 71  ? 9.146   -1.271  9.626   1.00 22.66 ? 86  ILE A CB  1 
ATOM   523  C CG1 . ILE A 1 71  ? 8.372   -0.403  10.627  1.00 22.87 ? 86  ILE A CG1 1 
ATOM   524  C CG2 . ILE A 1 71  ? 10.478  -0.634  9.243   1.00 22.37 ? 86  ILE A CG2 1 
ATOM   525  C CD1 . ILE A 1 71  ? 8.695   -0.686  12.085  1.00 23.12 ? 86  ILE A CD1 1 
ATOM   526  N N   . SER A 1 72  ? 5.935   -1.971  8.777   1.00 22.35 ? 87  SER A N   1 
ATOM   527  C CA  . SER A 1 72  ? 4.748   -2.810  8.944   1.00 22.17 ? 87  SER A CA  1 
ATOM   528  C C   . SER A 1 72  ? 3.498   -2.110  8.425   1.00 21.81 ? 87  SER A C   1 
ATOM   529  O O   . SER A 1 72  ? 3.481   -0.892  8.283   1.00 21.91 ? 87  SER A O   1 
ATOM   530  C CB  . SER A 1 72  ? 4.569   -3.250  10.400  1.00 22.24 ? 87  SER A CB  1 
ATOM   531  O OG  . SER A 1 72  ? 4.221   -2.163  11.234  1.00 22.85 ? 87  SER A OG  1 
ATOM   532  N N   . ILE A 1 73  ? 2.465   -2.892  8.126   1.00 21.49 ? 88  ILE A N   1 
ATOM   533  C CA  . ILE A 1 73  ? 1.231   -2.370  7.543   1.00 21.20 ? 88  ILE A CA  1 
ATOM   534  C C   . ILE A 1 73  ? -0.003  -3.046  8.149   1.00 21.07 ? 88  ILE A C   1 
ATOM   535  O O   . ILE A 1 73  ? -0.133  -4.268  8.124   1.00 21.09 ? 88  ILE A O   1 
ATOM   536  C CB  . ILE A 1 73  ? 1.231   -2.520  5.996   1.00 21.14 ? 88  ILE A CB  1 
ATOM   537  C CG1 . ILE A 1 73  ? 2.321   -1.640  5.379   1.00 20.92 ? 88  ILE A CG1 1 
ATOM   538  C CG2 . ILE A 1 73  ? -0.133  -2.151  5.411   1.00 21.18 ? 88  ILE A CG2 1 
ATOM   539  C CD1 . ILE A 1 73  ? 2.792   -2.077  4.023   1.00 20.67 ? 88  ILE A CD1 1 
ATOM   540  N N   . TYR A 1 74  ? -0.892  -2.233  8.710   1.00 20.84 ? 89  TYR A N   1 
ATOM   541  C CA  . TYR A 1 74  ? -2.182  -2.700  9.203   1.00 20.63 ? 89  TYR A CA  1 
ATOM   542  C C   . TYR A 1 74  ? -3.270  -2.264  8.230   1.00 20.50 ? 89  TYR A C   1 
ATOM   543  O O   . TYR A 1 74  ? -3.204  -1.175  7.667   1.00 20.56 ? 89  TYR A O   1 
ATOM   544  C CB  . TYR A 1 74  ? -2.443  -2.157  10.616  1.00 20.43 ? 89  TYR A CB  1 
ATOM   545  C CG  . TYR A 1 74  ? -3.899  -2.125  11.055  1.00 20.21 ? 89  TYR A CG  1 
ATOM   546  C CD1 . TYR A 1 74  ? -4.613  -0.926  11.060  1.00 19.85 ? 89  TYR A CD1 1 
ATOM   547  C CD2 . TYR A 1 74  ? -4.557  -3.282  11.479  1.00 19.85 ? 89  TYR A CD2 1 
ATOM   548  C CE1 . TYR A 1 74  ? -5.937  -0.874  11.460  1.00 19.56 ? 89  TYR A CE1 1 
ATOM   549  C CE2 . TYR A 1 74  ? -5.891  -3.239  11.889  1.00 19.50 ? 89  TYR A CE2 1 
ATOM   550  C CZ  . TYR A 1 74  ? -6.570  -2.028  11.874  1.00 19.69 ? 89  TYR A CZ  1 
ATOM   551  O OH  . TYR A 1 74  ? -7.880  -1.955  12.271  1.00 20.01 ? 89  TYR A OH  1 
ATOM   552  N N   . GLY A 1 75  ? -4.264  -3.121  8.028   1.00 20.36 ? 90  GLY A N   1 
ATOM   553  C CA  . GLY A 1 75  ? -5.365  -2.806  7.131   1.00 20.10 ? 90  GLY A CA  1 
ATOM   554  C C   . GLY A 1 75  ? -6.685  -3.469  7.473   1.00 19.96 ? 90  GLY A C   1 
ATOM   555  O O   . GLY A 1 75  ? -6.737  -4.411  8.261   1.00 19.79 ? 90  GLY A O   1 
ATOM   556  N N   . ARG A 1 76  ? -7.750  -2.950  6.870   1.00 19.97 ? 91  ARG A N   1 
ATOM   557  C CA  . ARG A 1 76  ? -9.097  -3.495  6.981   1.00 19.95 ? 91  ARG A CA  1 
ATOM   558  C C   . ARG A 1 76  ? -9.653  -3.695  5.572   1.00 20.05 ? 91  ARG A C   1 
ATOM   559  O O   . ARG A 1 76  ? -9.312  -2.942  4.653   1.00 19.96 ? 91  ARG A O   1 
ATOM   560  C CB  . ARG A 1 76  ? -10.004 -2.532  7.754   1.00 19.87 ? 91  ARG A CB  1 
ATOM   561  C CG  . ARG A 1 76  ? -9.677  -2.368  9.229   1.00 19.61 ? 91  ARG A CG  1 
ATOM   562  C CD  . ARG A 1 76  ? -10.457 -3.351  10.085  1.00 19.96 ? 91  ARG A CD  1 
ATOM   563  N NE  . ARG A 1 76  ? -9.942  -3.409  11.448  1.00 20.44 ? 91  ARG A NE  1 
ATOM   564  C CZ  . ARG A 1 76  ? -10.189 -4.392  12.312  1.00 21.19 ? 91  ARG A CZ  1 
ATOM   565  N NH1 . ARG A 1 76  ? -10.957 -5.419  11.970  1.00 21.48 ? 91  ARG A NH1 1 
ATOM   566  N NH2 . ARG A 1 76  ? -9.659  -4.348  13.527  1.00 21.57 ? 91  ARG A NH2 1 
ATOM   567  N N   . TYR A 1 77  ? -10.500 -4.707  5.403   1.00 20.11 ? 92  TYR A N   1 
ATOM   568  C CA  . TYR A 1 77  ? -11.103 -4.984  4.101   1.00 20.27 ? 92  TYR A CA  1 
ATOM   569  C C   . TYR A 1 77  ? -12.479 -5.635  4.184   1.00 20.33 ? 92  TYR A C   1 
ATOM   570  O O   . TYR A 1 77  ? -12.846 -6.220  5.203   1.00 20.44 ? 92  TYR A O   1 
ATOM   571  C CB  . TYR A 1 77  ? -10.177 -5.855  3.251   1.00 20.31 ? 92  TYR A CB  1 
ATOM   572  C CG  . TYR A 1 77  ? -9.993  -7.269  3.755   1.00 20.19 ? 92  TYR A CG  1 
ATOM   573  C CD1 . TYR A 1 77  ? -8.910  -7.604  4.559   1.00 19.83 ? 92  TYR A CD1 1 
ATOM   574  C CD2 . TYR A 1 77  ? -10.893 -8.276  3.410   1.00 20.27 ? 92  TYR A CD2 1 
ATOM   575  C CE1 . TYR A 1 77  ? -8.732  -8.899  5.012   1.00 20.07 ? 92  TYR A CE1 1 
ATOM   576  C CE2 . TYR A 1 77  ? -10.725 -9.574  3.862   1.00 20.11 ? 92  TYR A CE2 1 
ATOM   577  C CZ  . TYR A 1 77  ? -9.643  -9.878  4.659   1.00 20.04 ? 92  TYR A CZ  1 
ATOM   578  O OH  . TYR A 1 77  ? -9.468  -11.164 5.103   1.00 20.59 ? 92  TYR A OH  1 
ATOM   579  N N   . ARG A 1 78  ? -13.229 -5.526  3.092   1.00 20.31 ? 93  ARG A N   1 
ATOM   580  C CA  . ARG A 1 78  ? -14.493 -6.227  2.933   1.00 20.37 ? 93  ARG A CA  1 
ATOM   581  C C   . ARG A 1 78  ? -14.484 -6.860  1.546   1.00 20.27 ? 93  ARG A C   1 
ATOM   582  O O   . ARG A 1 78  ? -13.763 -7.826  1.313   1.00 20.28 ? 93  ARG A O   1 
ATOM   583  C CB  . ARG A 1 78  ? -15.680 -5.278  3.135   1.00 20.40 ? 93  ARG A CB  1 
ATOM   584  C CG  . ARG A 1 78  ? -15.652 -4.530  4.461   1.00 21.02 ? 93  ARG A CG  1 
ATOM   585  C CD  . ARG A 1 78  ? -17.016 -4.479  5.105   1.00 22.25 ? 93  ARG A CD  1 
ATOM   586  N NE  . ARG A 1 78  ? -17.786 -3.316  4.683   1.00 23.20 ? 93  ARG A NE  1 
ATOM   587  C CZ  . ARG A 1 78  ? -19.115 -3.283  4.609   1.00 23.99 ? 93  ARG A CZ  1 
ATOM   588  N NH1 . ARG A 1 78  ? -19.836 -4.358  4.912   1.00 24.08 ? 93  ARG A NH1 1 
ATOM   589  N NH2 . ARG A 1 78  ? -19.726 -2.173  4.215   1.00 24.44 ? 93  ARG A NH2 1 
ATOM   590  N N   . THR A 1 79  ? -15.270 -6.314  0.625   1.00 20.27 ? 94  THR A N   1 
ATOM   591  C CA  . THR A 1 79  ? -15.163 -6.681  -0.780  1.00 20.19 ? 94  THR A CA  1 
ATOM   592  C C   . THR A 1 79  ? -13.947 -5.962  -1.359  1.00 20.12 ? 94  THR A C   1 
ATOM   593  O O   . THR A 1 79  ? -13.209 -6.518  -2.175  1.00 20.08 ? 94  THR A O   1 
ATOM   594  C CB  . THR A 1 79  ? -16.442 -6.310  -1.561  1.00 20.23 ? 94  THR A CB  1 
ATOM   595  O OG1 . THR A 1 79  ? -17.551 -7.055  -1.037  1.00 20.15 ? 94  THR A OG1 1 
ATOM   596  C CG2 . THR A 1 79  ? -16.287 -6.617  -3.047  1.00 20.10 ? 94  THR A CG2 1 
ATOM   597  N N   . PHE A 1 80  ? -13.744 -4.727  -0.901  1.00 19.94 ? 95  PHE A N   1 
ATOM   598  C CA  . PHE A 1 80  ? -12.629 -3.893  -1.316  1.00 19.72 ? 95  PHE A CA  1 
ATOM   599  C C   . PHE A 1 80  ? -11.734 -3.592  -0.122  1.00 19.76 ? 95  PHE A C   1 
ATOM   600  O O   . PHE A 1 80  ? -12.181 -3.634  1.024   1.00 19.70 ? 95  PHE A O   1 
ATOM   601  C CB  . PHE A 1 80  ? -13.145 -2.580  -1.920  1.00 19.64 ? 95  PHE A CB  1 
ATOM   602  C CG  . PHE A 1 80  ? -14.054 -2.769  -3.105  1.00 19.35 ? 95  PHE A CG  1 
ATOM   603  C CD1 . PHE A 1 80  ? -13.530 -2.907  -4.386  1.00 19.08 ? 95  PHE A CD1 1 
ATOM   604  C CD2 . PHE A 1 80  ? -15.434 -2.809  -2.941  1.00 18.96 ? 95  PHE A CD2 1 
ATOM   605  C CE1 . PHE A 1 80  ? -14.366 -3.089  -5.483  1.00 19.05 ? 95  PHE A CE1 1 
ATOM   606  C CE2 . PHE A 1 80  ? -16.276 -2.990  -4.033  1.00 19.09 ? 95  PHE A CE2 1 
ATOM   607  C CZ  . PHE A 1 80  ? -15.742 -3.130  -5.307  1.00 19.00 ? 95  PHE A CZ  1 
ATOM   608  N N   . LEU A 1 81  ? -10.465 -3.298  -0.398  1.00 19.91 ? 96  LEU A N   1 
ATOM   609  C CA  . LEU A 1 81  ? -9.549  -2.807  0.623   1.00 20.01 ? 96  LEU A CA  1 
ATOM   610  C C   . LEU A 1 81  ? -10.105 -1.492  1.158   1.00 20.16 ? 96  LEU A C   1 
ATOM   611  O O   . LEU A 1 81  ? -10.244 -0.514  0.417   1.00 20.28 ? 96  LEU A O   1 
ATOM   612  C CB  . LEU A 1 81  ? -8.138  -2.623  0.053   1.00 19.91 ? 96  LEU A CB  1 
ATOM   613  C CG  . LEU A 1 81  ? -7.029  -2.081  0.964   1.00 19.78 ? 96  LEU A CG  1 
ATOM   614  C CD1 . LEU A 1 81  ? -6.686  -3.040  2.103   1.00 19.71 ? 96  LEU A CD1 1 
ATOM   615  C CD2 . LEU A 1 81  ? -5.798  -1.778  0.141   1.00 20.01 ? 96  LEU A CD2 1 
ATOM   616  N N   . GLN A 1 82  ? -10.449 -1.490  2.442   1.00 20.22 ? 97  GLN A N   1 
ATOM   617  C CA  . GLN A 1 82  ? -11.102 -0.343  3.064   1.00 20.16 ? 97  GLN A CA  1 
ATOM   618  C C   . GLN A 1 82  ? -10.089 0.591   3.703   1.00 20.29 ? 97  GLN A C   1 
ATOM   619  O O   . GLN A 1 82  ? -10.179 1.806   3.552   1.00 20.32 ? 97  GLN A O   1 
ATOM   620  C CB  . GLN A 1 82  ? -12.113 -0.803  4.119   1.00 20.02 ? 97  GLN A CB  1 
ATOM   621  C CG  . GLN A 1 82  ? -13.294 -1.587  3.569   1.00 19.30 ? 97  GLN A CG  1 
ATOM   622  C CD  . GLN A 1 82  ? -14.361 -0.708  2.958   1.00 18.19 ? 97  GLN A CD  1 
ATOM   623  O OE1 . GLN A 1 82  ? -14.442 0.484   3.241   1.00 18.17 ? 97  GLN A OE1 1 
ATOM   624  N NE2 . GLN A 1 82  ? -15.195 -1.299  2.115   1.00 17.95 ? 97  GLN A NE2 1 
ATOM   625  N N   . HIS A 1 83  ? -9.125  0.013   4.409   1.00 20.46 ? 98  HIS A N   1 
ATOM   626  C CA  . HIS A 1 83  ? -8.191  0.788   5.209   1.00 20.61 ? 98  HIS A CA  1 
ATOM   627  C C   . HIS A 1 83  ? -6.754  0.297   5.059   1.00 20.88 ? 98  HIS A C   1 
ATOM   628  O O   . HIS A 1 83  ? -6.507  -0.900  4.910   1.00 20.72 ? 98  HIS A O   1 
ATOM   629  C CB  . HIS A 1 83  ? -8.625  0.755   6.678   1.00 20.44 ? 98  HIS A CB  1 
ATOM   630  C CG  . HIS A 1 83  ? -7.752  1.556   7.590   1.00 19.82 ? 98  HIS A CG  1 
ATOM   631  N ND1 . HIS A 1 83  ? -7.808  2.931   7.657   1.00 19.37 ? 98  HIS A ND1 1 
ATOM   632  C CD2 . HIS A 1 83  ? -6.808  1.174   8.481   1.00 19.38 ? 98  HIS A CD2 1 
ATOM   633  C CE1 . HIS A 1 83  ? -6.932  3.363   8.544   1.00 19.35 ? 98  HIS A CE1 1 
ATOM   634  N NE2 . HIS A 1 83  ? -6.313  2.316   9.060   1.00 19.57 ? 98  HIS A NE2 1 
ATOM   635  N N   . VAL A 1 84  ? -5.820  1.244   5.085   1.00 21.34 ? 99  VAL A N   1 
ATOM   636  C CA  . VAL A 1 84  ? -4.387  0.962   5.104   1.00 21.83 ? 99  VAL A CA  1 
ATOM   637  C C   . VAL A 1 84  ? -3.679  2.000   5.977   1.00 22.13 ? 99  VAL A C   1 
ATOM   638  O O   . VAL A 1 84  ? -3.846  3.206   5.790   1.00 22.14 ? 99  VAL A O   1 
ATOM   639  C CB  . VAL A 1 84  ? -3.786  0.923   3.666   1.00 21.84 ? 99  VAL A CB  1 
ATOM   640  C CG1 . VAL A 1 84  ? -2.339  1.411   3.643   1.00 22.18 ? 99  VAL A CG1 1 
ATOM   641  C CG2 . VAL A 1 84  ? -3.879  -0.477  3.082   1.00 21.79 ? 99  VAL A CG2 1 
ATOM   642  N N   . THR A 1 85  ? -2.920  1.524   6.957   1.00 22.64 ? 100 THR A N   1 
ATOM   643  C CA  . THR A 1 85  ? -2.021  2.394   7.711   1.00 23.18 ? 100 THR A CA  1 
ATOM   644  C C   . THR A 1 85  ? -0.587  1.886   7.628   1.00 23.42 ? 100 THR A C   1 
ATOM   645  O O   . THR A 1 85  ? -0.283  0.759   8.021   1.00 23.39 ? 100 THR A O   1 
ATOM   646  C CB  . THR A 1 85  ? -2.481  2.645   9.178   1.00 23.17 ? 100 THR A CB  1 
ATOM   647  O OG1 . THR A 1 85  ? -1.352  2.976   9.997   1.00 23.20 ? 100 THR A OG1 1 
ATOM   648  C CG2 . THR A 1 85  ? -3.149  1.434   9.753   1.00 23.53 ? 100 THR A CG2 1 
ATOM   649  N N   . LEU A 1 86  ? 0.280   2.733   7.084   1.00 23.89 ? 101 LEU A N   1 
ATOM   650  C CA  . LEU A 1 86  ? 1.683   2.407   6.886   1.00 24.31 ? 101 LEU A CA  1 
ATOM   651  C C   . LEU A 1 86  ? 2.500   2.959   8.045   1.00 24.64 ? 101 LEU A C   1 
ATOM   652  O O   . LEU A 1 86  ? 2.629   4.175   8.195   1.00 24.69 ? 101 LEU A O   1 
ATOM   653  C CB  . LEU A 1 86  ? 2.184   2.996   5.562   1.00 24.22 ? 101 LEU A CB  1 
ATOM   654  C CG  . LEU A 1 86  ? 1.303   2.847   4.317   1.00 24.05 ? 101 LEU A CG  1 
ATOM   655  C CD1 . LEU A 1 86  ? 1.668   3.894   3.293   1.00 23.79 ? 101 LEU A CD1 1 
ATOM   656  C CD2 . LEU A 1 86  ? 1.402   1.458   3.716   1.00 23.88 ? 101 LEU A CD2 1 
ATOM   657  N N   . ILE A 1 87  ? 3.031   2.062   8.868   1.00 25.07 ? 102 ILE A N   1 
ATOM   658  C CA  . ILE A 1 87  ? 3.879   2.451   9.996   1.00 25.64 ? 102 ILE A CA  1 
ATOM   659  C C   . ILE A 1 87  ? 5.363   2.325   9.624   1.00 25.93 ? 102 ILE A C   1 
ATOM   660  O O   . ILE A 1 87  ? 5.796   1.313   9.075   1.00 26.01 ? 102 ILE A O   1 
ATOM   661  C CB  . ILE A 1 87  ? 3.483   1.720   11.342  1.00 25.63 ? 102 ILE A CB  1 
ATOM   662  C CG1 . ILE A 1 87  ? 4.710   1.274   12.150  1.00 25.82 ? 102 ILE A CG1 1 
ATOM   663  C CG2 . ILE A 1 87  ? 2.555   0.539   11.097  1.00 25.58 ? 102 ILE A CG2 1 
ATOM   664  C CD1 . ILE A 1 87  ? 5.174   2.289   13.186  1.00 26.52 ? 102 ILE A CD1 1 
ATOM   665  N N   . THR A 1 88  ? 6.125   3.376   9.911   1.00 26.38 ? 103 THR A N   1 
ATOM   666  C CA  . THR A 1 88  ? 7.518   3.468   9.475   1.00 26.81 ? 103 THR A CA  1 
ATOM   667  C C   . THR A 1 88  ? 8.503   3.145   10.597  1.00 27.15 ? 103 THR A C   1 
ATOM   668  O O   . THR A 1 88  ? 8.100   2.926   11.738  1.00 27.32 ? 103 THR A O   1 
ATOM   669  C CB  . THR A 1 88  ? 7.844   4.864   8.899   1.00 26.76 ? 103 THR A CB  1 
ATOM   670  O OG1 . THR A 1 88  ? 7.922   5.819   9.964   1.00 26.92 ? 103 THR A OG1 1 
ATOM   671  C CG2 . THR A 1 88  ? 6.793   5.302   7.885   1.00 26.40 ? 103 THR A CG2 1 
ATOM   672  N N   . ASN A 1 89  ? 9.794   3.120   10.264  1.00 27.55 ? 104 ASN A N   1 
ATOM   673  C CA  . ASN A 1 89  ? 10.850  2.833   11.242  1.00 27.88 ? 104 ASN A CA  1 
ATOM   674  C C   . ASN A 1 89  ? 11.150  3.980   12.215  1.00 28.05 ? 104 ASN A C   1 
ATOM   675  O O   . ASN A 1 89  ? 11.928  3.810   13.154  1.00 28.25 ? 104 ASN A O   1 
ATOM   676  C CB  . ASN A 1 89  ? 12.138  2.349   10.547  1.00 27.86 ? 104 ASN A CB  1 
ATOM   677  C CG  . ASN A 1 89  ? 12.800  3.424   9.676   1.00 27.94 ? 104 ASN A CG  1 
ATOM   678  O OD1 . ASN A 1 89  ? 13.937  3.253   9.233   1.00 27.71 ? 104 ASN A OD1 1 
ATOM   679  N ND2 . ASN A 1 89  ? 12.098  4.521   9.428   1.00 27.91 ? 104 ASN A ND2 1 
ATOM   680  N N   . GLN A 1 90  ? 10.523  5.133   11.986  1.00 28.22 ? 105 GLN A N   1 
ATOM   681  C CA  . GLN A 1 90  ? 10.734  6.329   12.805  1.00 28.30 ? 105 GLN A CA  1 
ATOM   682  C C   . GLN A 1 90  ? 9.521   6.677   13.679  1.00 28.36 ? 105 GLN A C   1 
ATOM   683  O O   . GLN A 1 90  ? 9.391   7.805   14.158  1.00 28.31 ? 105 GLN A O   1 
ATOM   684  C CB  . GLN A 1 90  ? 11.117  7.521   11.917  1.00 28.30 ? 105 GLN A CB  1 
ATOM   685  C CG  . GLN A 1 90  ? 12.529  7.443   11.344  1.00 28.19 ? 105 GLN A CG  1 
ATOM   686  C CD  . GLN A 1 90  ? 12.852  8.571   10.377  1.00 28.29 ? 105 GLN A CD  1 
ATOM   687  O OE1 . GLN A 1 90  ? 13.948  8.622   9.824   1.00 28.34 ? 105 GLN A OE1 1 
ATOM   688  N NE2 . GLN A 1 90  ? 11.903  9.479   10.167  1.00 28.43 ? 105 GLN A NE2 1 
ATOM   689  N N   . GLY A 1 91  ? 8.636   5.704   13.877  1.00 28.48 ? 106 GLY A N   1 
ATOM   690  C CA  . GLY A 1 91  ? 7.474   5.876   14.746  1.00 28.53 ? 106 GLY A CA  1 
ATOM   691  C C   . GLY A 1 91  ? 6.239   6.482   14.102  1.00 28.51 ? 106 GLY A C   1 
ATOM   692  O O   . GLY A 1 91  ? 5.157   6.450   14.693  1.00 28.70 ? 106 GLY A O   1 
ATOM   693  N N   . ARG A 1 92  ? 6.398   7.037   12.903  1.00 28.37 ? 107 ARG A N   1 
ATOM   694  C CA  . ARG A 1 92  ? 5.297   7.661   12.171  1.00 28.18 ? 107 ARG A CA  1 
ATOM   695  C C   . ARG A 1 92  ? 4.330   6.625   11.600  1.00 28.07 ? 107 ARG A C   1 
ATOM   696  O O   . ARG A 1 92  ? 4.731   5.511   11.255  1.00 28.01 ? 107 ARG A O   1 
ATOM   697  C CB  . ARG A 1 92  ? 5.831   8.526   11.025  1.00 28.25 ? 107 ARG A CB  1 
ATOM   698  C CG  . ARG A 1 92  ? 6.606   9.765   11.446  1.00 28.36 ? 107 ARG A CG  1 
ATOM   699  C CD  . ARG A 1 92  ? 7.326   10.374  10.249  1.00 28.61 ? 107 ARG A CD  1 
ATOM   700  N NE  . ARG A 1 92  ? 6.443   11.186  9.409   1.00 28.76 ? 107 ARG A NE  1 
ATOM   701  C CZ  . ARG A 1 92  ? 6.534   11.295  8.085   1.00 28.58 ? 107 ARG A CZ  1 
ATOM   702  N NH1 . ARG A 1 92  ? 7.455   10.624  7.406   1.00 28.08 ? 107 ARG A NH1 1 
ATOM   703  N NH2 . ARG A 1 92  ? 5.682   12.073  7.432   1.00 29.02 ? 107 ARG A NH2 1 
ATOM   704  N N   . SER A 1 93  ? 3.060   7.007   11.500  1.00 27.91 ? 108 SER A N   1 
ATOM   705  C CA  . SER A 1 93  ? 2.043   6.184   10.848  1.00 27.73 ? 108 SER A CA  1 
ATOM   706  C C   . SER A 1 93  ? 1.070   7.042   10.040  1.00 27.44 ? 108 SER A C   1 
ATOM   707  O O   . SER A 1 93  ? 0.591   8.074   10.516  1.00 27.35 ? 108 SER A O   1 
ATOM   708  C CB  . SER A 1 93  ? 1.281   5.334   11.870  1.00 27.77 ? 108 SER A CB  1 
ATOM   709  O OG  . SER A 1 93  ? 0.502   6.146   12.729  1.00 28.03 ? 108 SER A OG  1 
ATOM   710  N N   . ALA A 1 94  ? 0.787   6.605   8.818   1.00 27.08 ? 109 ALA A N   1 
ATOM   711  C CA  . ALA A 1 94  ? -0.144  7.302   7.945   1.00 26.73 ? 109 ALA A CA  1 
ATOM   712  C C   . ALA A 1 94  ? -1.349  6.418   7.636   1.00 26.46 ? 109 ALA A C   1 
ATOM   713  O O   . ALA A 1 94  ? -1.210  5.353   7.034   1.00 26.41 ? 109 ALA A O   1 
ATOM   714  C CB  . ALA A 1 94  ? 0.555   7.736   6.667   1.00 26.79 ? 109 ALA A CB  1 
ATOM   715  N N   . SER A 1 95  ? -2.528  6.871   8.053   1.00 26.17 ? 110 SER A N   1 
ATOM   716  C CA  . SER A 1 95  ? -3.767  6.118   7.875   1.00 25.89 ? 110 SER A CA  1 
ATOM   717  C C   . SER A 1 95  ? -4.579  6.626   6.683   1.00 25.72 ? 110 SER A C   1 
ATOM   718  O O   . SER A 1 95  ? -4.738  7.834   6.506   1.00 25.67 ? 110 SER A O   1 
ATOM   719  C CB  . SER A 1 95  ? -4.604  6.163   9.156   1.00 25.84 ? 110 SER A CB  1 
ATOM   720  O OG  . SER A 1 95  ? -3.863  5.682   10.265  1.00 25.35 ? 110 SER A OG  1 
ATOM   721  N N   . PHE A 1 96  ? -5.072  5.696   5.865   1.00 25.50 ? 111 PHE A N   1 
ATOM   722  C CA  . PHE A 1 96  ? -5.891  6.021   4.693   1.00 25.36 ? 111 PHE A CA  1 
ATOM   723  C C   . PHE A 1 96  ? -7.094  5.087   4.601   1.00 25.23 ? 111 PHE A C   1 
ATOM   724  O O   . PHE A 1 96  ? -6.944  3.865   4.631   1.00 25.11 ? 111 PHE A O   1 
ATOM   725  C CB  . PHE A 1 96  ? -5.090  5.905   3.387   1.00 25.35 ? 111 PHE A CB  1 
ATOM   726  C CG  . PHE A 1 96  ? -3.710  6.505   3.444   1.00 25.17 ? 111 PHE A CG  1 
ATOM   727  C CD1 . PHE A 1 96  ? -3.511  7.852   3.173   1.00 24.79 ? 111 PHE A CD1 1 
ATOM   728  C CD2 . PHE A 1 96  ? -2.604  5.710   3.736   1.00 24.87 ? 111 PHE A CD2 1 
ATOM   729  C CE1 . PHE A 1 96  ? -2.236  8.405   3.210   1.00 24.83 ? 111 PHE A CE1 1 
ATOM   730  C CE2 . PHE A 1 96  ? -1.324  6.255   3.779   1.00 24.88 ? 111 PHE A CE2 1 
ATOM   731  C CZ  . PHE A 1 96  ? -1.141  7.603   3.512   1.00 24.93 ? 111 PHE A CZ  1 
ATOM   732  N N   . GLY A 1 97  ? -8.284  5.666   4.483   1.00 25.16 ? 112 GLY A N   1 
ATOM   733  C CA  . GLY A 1 97  ? -9.501  4.888   4.286   1.00 25.01 ? 112 GLY A CA  1 
ATOM   734  C C   . GLY A 1 97  ? -10.341 4.699   5.533   1.00 24.97 ? 112 GLY A C   1 
ATOM   735  O O   . GLY A 1 97  ? -9.938  5.076   6.633   1.00 24.92 ? 112 GLY A O   1 
ATOM   736  N N   . LEU A 1 98  ? -11.514 4.098   5.343   1.00 24.96 ? 113 LEU A N   1 
ATOM   737  C CA  . LEU A 1 98  ? -12.491 3.890   6.406   1.00 24.86 ? 113 LEU A CA  1 
ATOM   738  C C   . LEU A 1 98  ? -12.273 2.546   7.110   1.00 24.87 ? 113 LEU A C   1 
ATOM   739  O O   . LEU A 1 98  ? -12.403 1.487   6.496   1.00 24.75 ? 113 LEU A O   1 
ATOM   740  C CB  . LEU A 1 98  ? -13.906 3.984   5.816   1.00 24.90 ? 113 LEU A CB  1 
ATOM   741  C CG  . LEU A 1 98  ? -15.143 4.128   6.709   1.00 24.73 ? 113 LEU A CG  1 
ATOM   742  C CD1 . LEU A 1 98  ? -15.051 5.343   7.595   1.00 24.54 ? 113 LEU A CD1 1 
ATOM   743  C CD2 . LEU A 1 98  ? -16.386 4.212   5.845   1.00 24.83 ? 113 LEU A CD2 1 
ATOM   744  N N   . GLU A 1 99  ? -11.940 2.609   8.400   1.00 24.87 ? 114 GLU A N   1 
ATOM   745  C CA  . GLU A 1 99  ? -11.615 1.428   9.211   1.00 24.88 ? 114 GLU A CA  1 
ATOM   746  C C   . GLU A 1 99  ? -12.802 0.501   9.468   1.00 24.85 ? 114 GLU A C   1 
ATOM   747  O O   . GLU A 1 99  ? -13.321 0.451   10.589  1.00 24.82 ? 114 GLU A O   1 
ATOM   748  C CB  . GLU A 1 99  ? -11.048 1.856   10.564  1.00 24.89 ? 114 GLU A CB  1 
ATOM   749  C CG  . GLU A 1 99  ? -9.576  2.158   10.583  1.00 25.07 ? 114 GLU A CG  1 
ATOM   750  C CD  . GLU A 1 99  ? -8.982  2.013   11.968  1.00 25.41 ? 114 GLU A CD  1 
ATOM   751  O OE1 . GLU A 1 99  ? -9.026  0.890   12.517  1.00 25.40 ? 114 GLU A OE1 1 
ATOM   752  O OE2 . GLU A 1 99  ? -8.466  3.017   12.506  1.00 25.75 ? 114 GLU A OE2 1 
ATOM   753  N N   . THR A 1 100 ? -13.220 -0.237  8.441   1.00 24.68 ? 115 THR A N   1 
ATOM   754  C CA  . THR A 1 100 ? -14.298 -1.218  8.576   1.00 24.49 ? 115 THR A CA  1 
ATOM   755  C C   . THR A 1 100 ? -13.921 -2.555  7.950   1.00 24.28 ? 115 THR A C   1 
ATOM   756  O O   . THR A 1 100 ? -13.203 -2.597  6.951   1.00 24.30 ? 115 THR A O   1 
ATOM   757  C CB  . THR A 1 100 ? -15.630 -0.726  7.957   1.00 24.44 ? 115 THR A CB  1 
ATOM   758  O OG1 . THR A 1 100 ? -15.379 -0.099  6.693   1.00 24.57 ? 115 THR A OG1 1 
ATOM   759  C CG2 . THR A 1 100 ? -16.322 0.265   8.879   1.00 24.76 ? 115 THR A CG2 1 
ATOM   760  N N   . GLY A 1 101 ? -14.406 -3.638  8.551   1.00 23.98 ? 116 GLY A N   1 
ATOM   761  C CA  . GLY A 1 101 ? -14.249 -4.974  7.986   1.00 23.79 ? 116 GLY A CA  1 
ATOM   762  C C   . GLY A 1 101 ? -13.259 -5.856  8.719   1.00 23.66 ? 116 GLY A C   1 
ATOM   763  O O   . GLY A 1 101 ? -12.905 -5.588  9.870   1.00 23.68 ? 116 GLY A O   1 
ATOM   764  N N   . LYS A 1 102 ? -12.822 -6.920  8.048   1.00 23.42 ? 117 LYS A N   1 
ATOM   765  C CA  . LYS A 1 102 ? -11.839 -7.838  8.609   1.00 23.32 ? 117 LYS A CA  1 
ATOM   766  C C   . LYS A 1 102 ? -10.456 -7.203  8.547   1.00 23.04 ? 117 LYS A C   1 
ATOM   767  O O   . LYS A 1 102 ? -10.041 -6.702  7.504   1.00 22.95 ? 117 LYS A O   1 
ATOM   768  C CB  . LYS A 1 102 ? -11.864 -9.181  7.871   1.00 23.24 ? 117 LYS A CB  1 
ATOM   769  C CG  . LYS A 1 102 ? -10.984 -10.261 8.493   1.00 23.52 ? 117 LYS A CG  1 
ATOM   770  C CD  . LYS A 1 102 ? -11.114 -11.574 7.739   1.00 23.73 ? 117 LYS A CD  1 
ATOM   771  C CE  . LYS A 1 102 ? -10.001 -12.553 8.099   1.00 24.67 ? 117 LYS A CE  1 
ATOM   772  N NZ  . LYS A 1 102 ? -10.220 -13.220 9.414   1.00 25.14 ? 117 LYS A NZ  1 
ATOM   773  N N   . GLY A 1 103 ? -9.757  -7.221  9.677   1.00 22.89 ? 118 GLY A N   1 
ATOM   774  C CA  . GLY A 1 103 ? -8.450  -6.590  9.794   1.00 22.47 ? 118 GLY A CA  1 
ATOM   775  C C   . GLY A 1 103 ? -7.300  -7.508  9.445   1.00 22.29 ? 118 GLY A C   1 
ATOM   776  O O   . GLY A 1 103 ? -7.425  -8.731  9.513   1.00 22.28 ? 118 GLY A O   1 
ATOM   777  N N   . PHE A 1 104 ? -6.179  -6.910  9.053   1.00 22.13 ? 119 PHE A N   1 
ATOM   778  C CA  . PHE A 1 104 ? -4.940  -7.654  8.842   1.00 21.93 ? 119 PHE A CA  1 
ATOM   779  C C   . PHE A 1 104 ? -3.719  -6.860  9.295   1.00 22.03 ? 119 PHE A C   1 
ATOM   780  O O   . PHE A 1 104 ? -3.790  -5.645  9.490   1.00 21.94 ? 119 PHE A O   1 
ATOM   781  C CB  . PHE A 1 104 ? -4.796  -8.134  7.385   1.00 21.79 ? 119 PHE A CB  1 
ATOM   782  C CG  . PHE A 1 104 ? -4.557  -7.033  6.381   1.00 21.18 ? 119 PHE A CG  1 
ATOM   783  C CD1 . PHE A 1 104 ? -5.613  -6.499  5.653   1.00 20.94 ? 119 PHE A CD1 1 
ATOM   784  C CD2 . PHE A 1 104 ? -3.272  -6.556  6.139   1.00 20.67 ? 119 PHE A CD2 1 
ATOM   785  C CE1 . PHE A 1 104 ? -5.396  -5.493  4.716   1.00 20.65 ? 119 PHE A CE1 1 
ATOM   786  C CE2 . PHE A 1 104 ? -3.047  -5.549  5.209   1.00 20.54 ? 119 PHE A CE2 1 
ATOM   787  C CZ  . PHE A 1 104 ? -4.110  -5.018  4.495   1.00 20.86 ? 119 PHE A CZ  1 
ATOM   788  N N   . PHE A 1 105 ? -2.610  -7.567  9.483   1.00 22.16 ? 120 PHE A N   1 
ATOM   789  C CA  . PHE A 1 105 ? -1.343  -6.942  9.833   1.00 22.33 ? 120 PHE A CA  1 
ATOM   790  C C   . PHE A 1 105 ? -0.214  -7.628  9.079   1.00 22.76 ? 120 PHE A C   1 
ATOM   791  O O   . PHE A 1 105 ? -0.080  -8.855  9.120   1.00 22.87 ? 120 PHE A O   1 
ATOM   792  C CB  . PHE A 1 105 ? -1.104  -6.998  11.346  1.00 22.08 ? 120 PHE A CB  1 
ATOM   793  C CG  . PHE A 1 105 ? 0.101   -6.228  11.799  1.00 21.45 ? 120 PHE A CG  1 
ATOM   794  C CD1 . PHE A 1 105 ? 0.025   -4.859  12.014  1.00 21.23 ? 120 PHE A CD1 1 
ATOM   795  C CD2 . PHE A 1 105 ? 1.312   -6.870  12.017  1.00 20.99 ? 120 PHE A CD2 1 
ATOM   796  C CE1 . PHE A 1 105 ? 1.137   -4.143  12.433  1.00 20.94 ? 120 PHE A CE1 1 
ATOM   797  C CE2 . PHE A 1 105 ? 2.426   -6.161  12.434  1.00 20.56 ? 120 PHE A CE2 1 
ATOM   798  C CZ  . PHE A 1 105 ? 2.337   -4.796  12.643  1.00 20.95 ? 120 PHE A CZ  1 
ATOM   799  N N   . ALA A 1 106 ? 0.582   -6.826  8.382   1.00 23.16 ? 121 ALA A N   1 
ATOM   800  C CA  . ALA A 1 106 ? 1.705   -7.324  7.609   1.00 23.66 ? 121 ALA A CA  1 
ATOM   801  C C   . ALA A 1 106 ? 3.019   -6.778  8.147   1.00 24.13 ? 121 ALA A C   1 
ATOM   802  O O   . ALA A 1 106 ? 3.189   -5.568  8.286   1.00 24.02 ? 121 ALA A O   1 
ATOM   803  C CB  . ALA A 1 106 ? 1.541   -6.961  6.151   1.00 23.57 ? 121 ALA A CB  1 
ATOM   804  N N   . ALA A 1 107 ? 3.939   -7.687  8.454   1.00 24.78 ? 122 ALA A N   1 
ATOM   805  C CA  . ALA A 1 107 ? 5.283   -7.337  8.892   1.00 25.41 ? 122 ALA A CA  1 
ATOM   806  C C   . ALA A 1 107 ? 6.284   -8.258  8.203   1.00 26.02 ? 122 ALA A C   1 
ATOM   807  O O   . ALA A 1 107 ? 5.943   -9.391  7.860   1.00 26.15 ? 122 ALA A O   1 
ATOM   808  C CB  . ALA A 1 107 ? 5.396   -7.460  10.406  1.00 25.34 ? 122 ALA A CB  1 
ATOM   809  N N   . PRO A 1 108 ? 7.520   -7.777  7.978   1.00 26.70 ? 123 PRO A N   1 
ATOM   810  C CA  . PRO A 1 108 ? 8.556   -8.645  7.427   1.00 27.27 ? 123 PRO A CA  1 
ATOM   811  C C   . PRO A 1 108 ? 9.003   -9.699  8.438   1.00 27.94 ? 123 PRO A C   1 
ATOM   812  O O   . PRO A 1 108 ? 9.054   -9.421  9.637   1.00 28.05 ? 123 PRO A O   1 
ATOM   813  C CB  . PRO A 1 108 ? 9.700   -7.674  7.140   1.00 27.20 ? 123 PRO A CB  1 
ATOM   814  C CG  . PRO A 1 108 ? 9.497   -6.565  8.094   1.00 26.84 ? 123 PRO A CG  1 
ATOM   815  C CD  . PRO A 1 108 ? 8.020   -6.410  8.204   1.00 26.65 ? 123 PRO A CD  1 
ATOM   816  N N   . ASN A 1 109 ? 9.320   -10.896 7.947   1.00 28.72 ? 124 ASN A N   1 
ATOM   817  C CA  . ASN A 1 109 ? 9.775   -11.996 8.799   1.00 29.46 ? 124 ASN A CA  1 
ATOM   818  C C   . ASN A 1 109 ? 11.090  -11.695 9.520   1.00 29.79 ? 124 ASN A C   1 
ATOM   819  O O   . ASN A 1 109 ? 11.224  -11.951 10.718  1.00 30.01 ? 124 ASN A O   1 
ATOM   820  C CB  . ASN A 1 109 ? 9.896   -13.291 7.989   1.00 29.54 ? 124 ASN A CB  1 
ATOM   821  C CG  . ASN A 1 109 ? 8.544   -13.842 7.554   1.00 30.16 ? 124 ASN A CG  1 
ATOM   822  O OD1 . ASN A 1 109 ? 8.410   -14.384 6.454   1.00 30.38 ? 124 ASN A OD1 1 
ATOM   823  N ND2 . ASN A 1 109 ? 7.537   -13.710 8.418   1.00 30.56 ? 124 ASN A ND2 1 
ATOM   824  N N   . LEU A 1 110 ? 12.049  -11.141 8.786   1.00 30.08 ? 125 LEU A N   1 
ATOM   825  C CA  . LEU A 1 110 ? 13.349  -10.807 9.349   1.00 30.26 ? 125 LEU A CA  1 
ATOM   826  C C   . LEU A 1 110 ? 13.391  -9.325  9.687   1.00 30.31 ? 125 LEU A C   1 
ATOM   827  O O   . LEU A 1 110 ? 12.876  -8.496  8.940   1.00 30.46 ? 125 LEU A O   1 
ATOM   828  C CB  . LEU A 1 110 ? 14.472  -11.159 8.366   1.00 30.36 ? 125 LEU A CB  1 
ATOM   829  C CG  . LEU A 1 110 ? 14.372  -12.429 7.508   1.00 30.37 ? 125 LEU A CG  1 
ATOM   830  C CD1 . LEU A 1 110 ? 15.465  -12.431 6.449   1.00 30.41 ? 125 LEU A CD1 1 
ATOM   831  C CD2 . LEU A 1 110 ? 14.421  -13.706 8.347   1.00 30.38 ? 125 LEU A CD2 1 
ATOM   832  N N   . THR A 1 111 ? 13.999  -9.001  10.823  1.00 30.34 ? 126 THR A N   1 
ATOM   833  C CA  . THR A 1 111 ? 14.140  -7.613  11.258  1.00 30.33 ? 126 THR A CA  1 
ATOM   834  C C   . THR A 1 111 ? 15.241  -6.900  10.478  1.00 30.09 ? 126 THR A C   1 
ATOM   835  O O   . THR A 1 111 ? 16.302  -7.469  10.216  1.00 30.19 ? 126 THR A O   1 
ATOM   836  C CB  . THR A 1 111 ? 14.382  -7.505  12.784  1.00 30.51 ? 126 THR A CB  1 
ATOM   837  O OG1 . THR A 1 111 ? 14.930  -8.736  13.281  1.00 30.66 ? 126 THR A OG1 1 
ATOM   838  C CG2 . THR A 1 111 ? 13.068  -7.227  13.505  1.00 30.71 ? 126 THR A CG2 1 
ATOM   839  N N   . GLY A 1 112 ? 14.974  -5.652  10.104  1.00 29.70 ? 127 GLY A N   1 
ATOM   840  C CA  . GLY A 1 112 ? 15.853  -4.908  9.207   1.00 29.23 ? 127 GLY A CA  1 
ATOM   841  C C   . GLY A 1 112 ? 15.276  -4.813  7.805   1.00 28.83 ? 127 GLY A C   1 
ATOM   842  O O   . GLY A 1 112 ? 15.608  -3.897  7.049   1.00 28.81 ? 127 GLY A O   1 
ATOM   843  N N   . GLN A 1 113 ? 14.415  -5.771  7.461   1.00 28.36 ? 128 GLN A N   1 
ATOM   844  C CA  . GLN A 1 113 ? 13.690  -5.766  6.195   1.00 27.83 ? 128 GLN A CA  1 
ATOM   845  C C   . GLN A 1 113 ? 12.620  -4.675  6.186   1.00 27.37 ? 128 GLN A C   1 
ATOM   846  O O   . GLN A 1 113 ? 11.915  -4.469  7.177   1.00 27.26 ? 128 GLN A O   1 
ATOM   847  C CB  . GLN A 1 113 ? 13.046  -7.131  5.929   1.00 27.83 ? 128 GLN A CB  1 
ATOM   848  C CG  . GLN A 1 113 ? 14.028  -8.250  5.591   1.00 27.89 ? 128 GLN A CG  1 
ATOM   849  C CD  . GLN A 1 113 ? 13.361  -9.447  4.924   1.00 28.03 ? 128 GLN A CD  1 
ATOM   850  O OE1 . GLN A 1 113 ? 12.227  -9.807  5.245   1.00 28.64 ? 128 GLN A OE1 1 
ATOM   851  N NE2 . GLN A 1 113 ? 14.070  -10.072 3.990   1.00 28.01 ? 128 GLN A NE2 1 
ATOM   852  N N   . VAL A 1 114 ? 12.519  -3.974  5.061   1.00 26.85 ? 129 VAL A N   1 
ATOM   853  C CA  . VAL A 1 114 ? 11.565  -2.876  4.896   1.00 26.24 ? 129 VAL A CA  1 
ATOM   854  C C   . VAL A 1 114 ? 10.712  -3.108  3.648   1.00 25.84 ? 129 VAL A C   1 
ATOM   855  O O   . VAL A 1 114 ? 10.983  -4.031  2.882   1.00 25.80 ? 129 VAL A O   1 
ATOM   856  C CB  . VAL A 1 114 ? 12.274  -1.496  4.820   1.00 26.18 ? 129 VAL A CB  1 
ATOM   857  C CG1 . VAL A 1 114 ? 13.087  -1.236  6.078   1.00 26.00 ? 129 VAL A CG1 1 
ATOM   858  C CG2 . VAL A 1 114 ? 13.156  -1.394  3.581   1.00 26.13 ? 129 VAL A CG2 1 
ATOM   859  N N   . LEU A 1 115 ? 9.687   -2.281  3.449   1.00 25.36 ? 130 LEU A N   1 
ATOM   860  C CA  . LEU A 1 115 ? 8.822   -2.393  2.276   1.00 24.92 ? 130 LEU A CA  1 
ATOM   861  C C   . LEU A 1 115 ? 9.550   -1.942  1.018   1.00 24.81 ? 130 LEU A C   1 
ATOM   862  O O   . LEU A 1 115 ? 10.129  -0.854  0.980   1.00 24.88 ? 130 LEU A O   1 
ATOM   863  C CB  . LEU A 1 115 ? 7.528   -1.594  2.462   1.00 24.87 ? 130 LEU A CB  1 
ATOM   864  C CG  . LEU A 1 115 ? 6.424   -1.818  1.423   1.00 24.59 ? 130 LEU A CG  1 
ATOM   865  C CD1 . LEU A 1 115 ? 5.792   -3.191  1.576   1.00 24.01 ? 130 LEU A CD1 1 
ATOM   866  C CD2 . LEU A 1 115 ? 5.367   -0.731  1.503   1.00 24.70 ? 130 LEU A CD2 1 
ATOM   867  N N   . GLU A 1 116 ? 9.513   -2.789  -0.007  1.00 24.56 ? 131 GLU A N   1 
ATOM   868  C CA  . GLU A 1 116 ? 10.236  -2.544  -1.252  1.00 24.23 ? 131 GLU A CA  1 
ATOM   869  C C   . GLU A 1 116 ? 9.331   -2.600  -2.468  1.00 23.81 ? 131 GLU A C   1 
ATOM   870  O O   . GLU A 1 116 ? 9.712   -2.152  -3.550  1.00 23.84 ? 131 GLU A O   1 
ATOM   871  C CB  . GLU A 1 116 ? 11.359  -3.562  -1.422  1.00 24.34 ? 131 GLU A CB  1 
ATOM   872  C CG  . GLU A 1 116 ? 12.548  -3.335  -0.517  1.00 24.92 ? 131 GLU A CG  1 
ATOM   873  C CD  . GLU A 1 116 ? 13.650  -4.338  -0.764  1.00 26.03 ? 131 GLU A CD  1 
ATOM   874  O OE1 . GLU A 1 116 ? 13.387  -5.364  -1.432  1.00 25.96 ? 131 GLU A OE1 1 
ATOM   875  O OE2 . GLU A 1 116 ? 14.782  -4.100  -0.292  1.00 26.87 ? 131 GLU A OE2 1 
ATOM   876  N N   . GLY A 1 117 ? 8.142   -3.161  -2.288  1.00 23.35 ? 132 GLY A N   1 
ATOM   877  C CA  . GLY A 1 117 ? 7.172   -3.266  -3.365  1.00 22.89 ? 132 GLY A CA  1 
ATOM   878  C C   . GLY A 1 117 ? 5.827   -3.740  -2.870  1.00 22.54 ? 132 GLY A C   1 
ATOM   879  O O   . GLY A 1 117 ? 5.720   -4.311  -1.786  1.00 22.41 ? 132 GLY A O   1 
ATOM   880  N N   . VAL A 1 118 ? 4.792   -3.476  -3.661  1.00 22.31 ? 133 VAL A N   1 
ATOM   881  C CA  . VAL A 1 118 ? 3.452   -3.965  -3.355  1.00 21.97 ? 133 VAL A CA  1 
ATOM   882  C C   . VAL A 1 118 ? 2.813   -4.564  -4.607  1.00 21.75 ? 133 VAL A C   1 
ATOM   883  O O   . VAL A 1 118 ? 3.058   -4.112  -5.730  1.00 21.74 ? 133 VAL A O   1 
ATOM   884  C CB  . VAL A 1 118 ? 2.529   -2.885  -2.666  1.00 22.07 ? 133 VAL A CB  1 
ATOM   885  C CG1 . VAL A 1 118 ? 3.301   -1.606  -2.313  1.00 21.72 ? 133 VAL A CG1 1 
ATOM   886  C CG2 . VAL A 1 118 ? 1.313   -2.551  -3.508  1.00 21.96 ? 133 VAL A CG2 1 
ATOM   887  N N   . TYR A 1 119 ? 2.023   -5.609  -4.402  1.00 21.46 ? 134 TYR A N   1 
ATOM   888  C CA  . TYR A 1 119 ? 1.262   -6.227  -5.474  1.00 21.12 ? 134 TYR A CA  1 
ATOM   889  C C   . TYR A 1 119 ? -0.192  -6.328  -5.054  1.00 20.88 ? 134 TYR A C   1 
ATOM   890  O O   . TYR A 1 119 ? -0.556  -5.914  -3.958  1.00 20.81 ? 134 TYR A O   1 
ATOM   891  C CB  . TYR A 1 119 ? 1.827   -7.610  -5.825  1.00 21.12 ? 134 TYR A CB  1 
ATOM   892  C CG  . TYR A 1 119 ? 1.907   -8.580  -4.669  1.00 20.83 ? 134 TYR A CG  1 
ATOM   893  C CD1 . TYR A 1 119 ? 0.866   -9.471  -4.403  1.00 20.67 ? 134 TYR A CD1 1 
ATOM   894  C CD2 . TYR A 1 119 ? 3.036   -8.620  -3.851  1.00 20.66 ? 134 TYR A CD2 1 
ATOM   895  C CE1 . TYR A 1 119 ? 0.942   -10.374 -3.341  1.00 20.86 ? 134 TYR A CE1 1 
ATOM   896  C CE2 . TYR A 1 119 ? 3.124   -9.513  -2.789  1.00 20.92 ? 134 TYR A CE2 1 
ATOM   897  C CZ  . TYR A 1 119 ? 2.078   -10.384 -2.539  1.00 21.14 ? 134 TYR A CZ  1 
ATOM   898  O OH  . TYR A 1 119 ? 2.177   -11.257 -1.484  1.00 21.25 ? 134 TYR A OH  1 
ATOM   899  N N   . GLY A 1 120 ? -1.028  -6.867  -5.929  1.00 20.72 ? 135 GLY A N   1 
ATOM   900  C CA  . GLY A 1 120 ? -2.403  -7.130  -5.560  1.00 20.63 ? 135 GLY A CA  1 
ATOM   901  C C   . GLY A 1 120 ? -3.369  -7.249  -6.708  1.00 20.47 ? 135 GLY A C   1 
ATOM   902  O O   . GLY A 1 120 ? -2.992  -7.597  -7.823  1.00 20.33 ? 135 GLY A O   1 
ATOM   903  N N   . GLN A 1 121 ? -4.631  -6.965  -6.404  1.00 20.54 ? 136 GLN A N   1 
ATOM   904  C CA  . GLN A 1 121 ? -5.716  -7.003  -7.372  1.00 20.57 ? 136 GLN A CA  1 
ATOM   905  C C   . GLN A 1 121 ? -6.656  -5.830  -7.157  1.00 20.71 ? 136 GLN A C   1 
ATOM   906  O O   . GLN A 1 121 ? -6.896  -5.417  -6.024  1.00 20.75 ? 136 GLN A O   1 
ATOM   907  C CB  . GLN A 1 121 ? -6.488  -8.320  -7.266  1.00 20.40 ? 136 GLN A CB  1 
ATOM   908  C CG  . GLN A 1 121 ? -5.808  -9.484  -7.958  1.00 19.95 ? 136 GLN A CG  1 
ATOM   909  C CD  . GLN A 1 121 ? -6.166  -10.825 -7.359  1.00 19.45 ? 136 GLN A CD  1 
ATOM   910  O OE1 . GLN A 1 121 ? -6.612  -11.726 -8.060  1.00 19.51 ? 136 GLN A OE1 1 
ATOM   911  N NE2 . GLN A 1 121 ? -5.959  -10.968 -6.057  1.00 19.38 ? 136 GLN A NE2 1 
ATOM   912  N N   . PHE A 1 122 ? -7.166  -5.287  -8.255  1.00 20.94 ? 137 PHE A N   1 
ATOM   913  C CA  . PHE A 1 122 ? -8.213  -4.278  -8.208  1.00 21.17 ? 137 PHE A CA  1 
ATOM   914  C C   . PHE A 1 122 ? -9.370  -4.715  -9.087  1.00 21.37 ? 137 PHE A C   1 
ATOM   915  O O   . PHE A 1 122 ? -9.176  -5.461  -10.049 1.00 21.41 ? 137 PHE A O   1 
ATOM   916  C CB  . PHE A 1 122 ? -7.686  -2.902  -8.634  1.00 21.18 ? 137 PHE A CB  1 
ATOM   917  C CG  . PHE A 1 122 ? -7.144  -2.852  -10.039 1.00 21.04 ? 137 PHE A CG  1 
ATOM   918  C CD1 . PHE A 1 122 ? -7.978  -2.542  -11.113 1.00 20.91 ? 137 PHE A CD1 1 
ATOM   919  C CD2 . PHE A 1 122 ? -5.792  -3.076  -10.286 1.00 20.76 ? 137 PHE A CD2 1 
ATOM   920  C CE1 . PHE A 1 122 ? -7.481  -2.475  -12.410 1.00 20.55 ? 137 PHE A CE1 1 
ATOM   921  C CE2 . PHE A 1 122 ? -5.284  -3.012  -11.578 1.00 20.71 ? 137 PHE A CE2 1 
ATOM   922  C CZ  . PHE A 1 122 ? -6.131  -2.710  -12.644 1.00 20.85 ? 137 PHE A CZ  1 
ATOM   923  N N   . TRP A 1 123 ? -10.574 -4.262  -8.758  1.00 21.55 ? 138 TRP A N   1 
ATOM   924  C CA  . TRP A 1 123 ? -11.743 -4.675  -9.517  1.00 21.70 ? 138 TRP A CA  1 
ATOM   925  C C   . TRP A 1 123 ? -12.618 -3.516  -9.989  1.00 21.67 ? 138 TRP A C   1 
ATOM   926  O O   . TRP A 1 123 ? -12.281 -2.847  -10.967 1.00 22.13 ? 138 TRP A O   1 
ATOM   927  C CB  . TRP A 1 123 ? -12.542 -5.734  -8.753  1.00 21.86 ? 138 TRP A CB  1 
ATOM   928  C CG  . TRP A 1 123 ? -13.755 -6.238  -9.476  1.00 22.02 ? 138 TRP A CG  1 
ATOM   929  C CD1 . TRP A 1 123 ? -13.836 -6.628  -10.785 1.00 22.01 ? 138 TRP A CD1 1 
ATOM   930  C CD2 . TRP A 1 123 ? -15.059 -6.418  -8.921  1.00 22.10 ? 138 TRP A CD2 1 
ATOM   931  N NE1 . TRP A 1 123 ? -15.117 -7.034  -11.077 1.00 22.05 ? 138 TRP A NE1 1 
ATOM   932  C CE2 . TRP A 1 123 ? -15.886 -6.917  -9.949  1.00 21.99 ? 138 TRP A CE2 1 
ATOM   933  C CE3 . TRP A 1 123 ? -15.611 -6.206  -7.651  1.00 22.12 ? 138 TRP A CE3 1 
ATOM   934  C CZ2 . TRP A 1 123 ? -17.233 -7.206  -9.748  1.00 22.04 ? 138 TRP A CZ2 1 
ATOM   935  C CZ3 . TRP A 1 123 ? -16.950 -6.491  -7.453  1.00 22.01 ? 138 TRP A CZ3 1 
ATOM   936  C CH2 . TRP A 1 123 ? -17.746 -6.984  -8.497  1.00 22.06 ? 138 TRP A CH2 1 
ATOM   937  N N   . LEU A 1 124 ? -13.735 -3.277  -9.317  1.00 21.18 ? 139 LEU A N   1 
ATOM   938  C CA  . LEU A 1 124 ? -14.734 -2.377  -9.872  1.00 20.68 ? 139 LEU A CA  1 
ATOM   939  C C   . LEU A 1 124 ? -14.549 -0.954  -9.382  1.00 20.37 ? 139 LEU A C   1 
ATOM   940  O O   . LEU A 1 124 ? -14.391 -0.031  -10.187 1.00 20.44 ? 139 LEU A O   1 
ATOM   941  C CB  . LEU A 1 124 ? -16.143 -2.890  -9.570  1.00 20.66 ? 139 LEU A CB  1 
ATOM   942  C CG  . LEU A 1 124 ? -17.326 -2.165  -10.208 1.00 20.33 ? 139 LEU A CG  1 
ATOM   943  C CD1 . LEU A 1 124 ? -17.232 -2.136  -11.725 1.00 20.09 ? 139 LEU A CD1 1 
ATOM   944  C CD2 . LEU A 1 124 ? -18.584 -2.856  -9.768  1.00 20.45 ? 139 LEU A CD2 1 
ATOM   945  N N   . TYR A 1 125 ? -14.565 -0.786  -8.062  1.00 19.69 ? 140 TYR A N   1 
ATOM   946  C CA  . TYR A 1 125 ? -14.411 0.522   -7.450  1.00 19.00 ? 140 TYR A CA  1 
ATOM   947  C C   . TYR A 1 125 ? -12.995 0.787   -6.954  1.00 18.48 ? 140 TYR A C   1 
ATOM   948  O O   . TYR A 1 125 ? -12.593 1.938   -6.810  1.00 18.43 ? 140 TYR A O   1 
ATOM   949  C CB  . TYR A 1 125 ? -15.410 0.700   -6.310  1.00 19.02 ? 140 TYR A CB  1 
ATOM   950  C CG  . TYR A 1 125 ? -16.855 0.749   -6.742  1.00 18.97 ? 140 TYR A CG  1 
ATOM   951  C CD1 . TYR A 1 125 ? -17.248 1.480   -7.865  1.00 19.20 ? 140 TYR A CD1 1 
ATOM   952  C CD2 . TYR A 1 125 ? -17.838 0.087   -6.011  1.00 18.84 ? 140 TYR A CD2 1 
ATOM   953  C CE1 . TYR A 1 125 ? -18.582 1.530   -8.257  1.00 19.16 ? 140 TYR A CE1 1 
ATOM   954  C CE2 . TYR A 1 125 ? -19.172 0.136   -6.393  1.00 18.85 ? 140 TYR A CE2 1 
ATOM   955  C CZ  . TYR A 1 125 ? -19.536 0.857   -7.515  1.00 18.87 ? 140 TYR A CZ  1 
ATOM   956  O OH  . TYR A 1 125 ? -20.858 0.906   -7.889  1.00 19.05 ? 140 TYR A OH  1 
ATOM   957  N N   . GLY A 1 126 ? -12.241 -0.273  -6.686  1.00 17.99 ? 141 GLY A N   1 
ATOM   958  C CA  . GLY A 1 126 ? -10.868 -0.113  -6.240  1.00 17.56 ? 141 GLY A CA  1 
ATOM   959  C C   . GLY A 1 126 ? -10.121 -1.397  -5.969  1.00 17.34 ? 141 GLY A C   1 
ATOM   960  O O   . GLY A 1 126 ? -10.458 -2.452  -6.508  1.00 17.53 ? 141 GLY A O   1 
ATOM   961  N N   . ILE A 1 127 ? -9.093  -1.292  -5.133  1.00 16.97 ? 142 ILE A N   1 
ATOM   962  C CA  . ILE A 1 127 ? -8.241  -2.416  -4.762  1.00 16.48 ? 142 ILE A CA  1 
ATOM   963  C C   . ILE A 1 127 ? -9.046  -3.418  -3.936  1.00 16.29 ? 142 ILE A C   1 
ATOM   964  O O   . ILE A 1 127 ? -9.777  -3.031  -3.028  1.00 16.07 ? 142 ILE A O   1 
ATOM   965  C CB  . ILE A 1 127 ? -6.979  -1.923  -3.999  1.00 16.43 ? 142 ILE A CB  1 
ATOM   966  C CG1 . ILE A 1 127 ? -6.074  -1.119  -4.945  1.00 16.19 ? 142 ILE A CG1 1 
ATOM   967  C CG2 . ILE A 1 127 ? -6.211  -3.085  -3.386  1.00 16.29 ? 142 ILE A CG2 1 
ATOM   968  C CD1 . ILE A 1 127 ? -5.007  -0.301  -4.252  1.00 16.18 ? 142 ILE A CD1 1 
ATOM   969  N N   . THR A 1 128 ? -8.921  -4.697  -4.287  1.00 16.14 ? 143 THR A N   1 
ATOM   970  C CA  . THR A 1 128 ? -9.661  -5.776  -3.637  1.00 16.14 ? 143 THR A CA  1 
ATOM   971  C C   . THR A 1 128 ? -8.722  -6.711  -2.893  1.00 16.24 ? 143 THR A C   1 
ATOM   972  O O   . THR A 1 128 ? -9.103  -7.312  -1.890  1.00 16.26 ? 143 THR A O   1 
ATOM   973  C CB  . THR A 1 128 ? -10.482 -6.603  -4.649  1.00 16.16 ? 143 THR A CB  1 
ATOM   974  O OG1 . THR A 1 128 ? -9.619  -7.095  -5.683  1.00 16.40 ? 143 THR A OG1 1 
ATOM   975  C CG2 . THR A 1 128 ? -11.587 -5.760  -5.270  1.00 15.70 ? 143 THR A CG2 1 
ATOM   976  N N   . GLY A 1 129 ? -7.499  -6.836  -3.404  1.00 16.27 ? 144 GLY A N   1 
ATOM   977  C CA  . GLY A 1 129 ? -6.446  -7.604  -2.751  1.00 16.33 ? 144 GLY A CA  1 
ATOM   978  C C   . GLY A 1 129 ? -5.148  -6.819  -2.737  1.00 16.47 ? 144 GLY A C   1 
ATOM   979  O O   . GLY A 1 129 ? -4.834  -6.119  -3.701  1.00 16.37 ? 144 GLY A O   1 
ATOM   980  N N   . ILE A 1 130 ? -4.404  -6.920  -1.637  1.00 16.61 ? 145 ILE A N   1 
ATOM   981  C CA  . ILE A 1 130 ? -3.106  -6.250  -1.516  1.00 16.62 ? 145 ILE A CA  1 
ATOM   982  C C   . ILE A 1 130 ? -2.063  -7.133  -0.826  1.00 16.85 ? 145 ILE A C   1 
ATOM   983  O O   . ILE A 1 130 ? -2.339  -7.774  0.189   1.00 16.84 ? 145 ILE A O   1 
ATOM   984  C CB  . ILE A 1 130 ? -3.223  -4.849  -0.841  1.00 16.63 ? 145 ILE A CB  1 
ATOM   985  C CG1 . ILE A 1 130 ? -1.959  -4.017  -1.096  1.00 16.31 ? 145 ILE A CG1 1 
ATOM   986  C CG2 . ILE A 1 130 ? -3.554  -4.964  0.655   1.00 16.38 ? 145 ILE A CG2 1 
ATOM   987  C CD1 . ILE A 1 130 ? -2.153  -2.527  -0.940  1.00 15.80 ? 145 ILE A CD1 1 
ATOM   988  N N   . GLY A 1 131 ? -0.870  -7.172  -1.409  1.00 17.01 ? 146 GLY A N   1 
ATOM   989  C CA  . GLY A 1 131 ? 0.247   -7.924  -0.862  1.00 17.14 ? 146 GLY A CA  1 
ATOM   990  C C   . GLY A 1 131 ? 1.495   -7.072  -0.849  1.00 17.36 ? 146 GLY A C   1 
ATOM   991  O O   . GLY A 1 131 ? 1.567   -6.053  -1.533  1.00 17.27 ? 146 GLY A O   1 
ATOM   992  N N   . PHE A 1 132 ? 2.485   -7.493  -0.073  1.00 17.73 ? 147 PHE A N   1 
ATOM   993  C CA  . PHE A 1 132 ? 3.674   -6.677  0.158   1.00 17.98 ? 147 PHE A CA  1 
ATOM   994  C C   . PHE A 1 132 ? 4.947   -7.504  0.026   1.00 18.39 ? 147 PHE A C   1 
ATOM   995  O O   . PHE A 1 132 ? 5.017   -8.635  0.508   1.00 18.45 ? 147 PHE A O   1 
ATOM   996  C CB  . PHE A 1 132 ? 3.603   -6.008  1.542   1.00 17.66 ? 147 PHE A CB  1 
ATOM   997  C CG  . PHE A 1 132 ? 2.252   -5.410  1.864   1.00 16.99 ? 147 PHE A CG  1 
ATOM   998  C CD1 . PHE A 1 132 ? 1.855   -4.200  1.300   1.00 16.41 ? 147 PHE A CD1 1 
ATOM   999  C CD2 . PHE A 1 132 ? 1.375   -6.067  2.719   1.00 15.94 ? 147 PHE A CD2 1 
ATOM   1000 C CE1 . PHE A 1 132 ? 0.604   -3.652  1.591   1.00 15.54 ? 147 PHE A CE1 1 
ATOM   1001 C CE2 . PHE A 1 132 ? 0.127   -5.529  3.013   1.00 15.41 ? 147 PHE A CE2 1 
ATOM   1002 C CZ  . PHE A 1 132 ? -0.257  -4.320  2.447   1.00 15.76 ? 147 PHE A CZ  1 
ATOM   1003 N N   . THR A 1 133 ? 5.946   -6.938  -0.645  1.00 19.01 ? 148 THR A N   1 
ATOM   1004 C CA  . THR A 1 133 ? 7.250   -7.582  -0.762  1.00 19.57 ? 148 THR A CA  1 
ATOM   1005 C C   . THR A 1 133 ? 8.275   -6.842  0.094   1.00 19.84 ? 148 THR A C   1 
ATOM   1006 O O   . THR A 1 133 ? 8.485   -5.637  -0.052  1.00 19.65 ? 148 THR A O   1 
ATOM   1007 C CB  . THR A 1 133 ? 7.731   -7.705  -2.227  1.00 19.60 ? 148 THR A CB  1 
ATOM   1008 O OG1 . THR A 1 133 ? 8.016   -6.409  -2.759  1.00 19.91 ? 148 THR A OG1 1 
ATOM   1009 C CG2 . THR A 1 133 ? 6.672   -8.384  -3.090  1.00 19.67 ? 148 THR A CG2 1 
ATOM   1010 N N   . TRP A 1 134 ? 8.888   -7.586  1.008   1.00 20.39 ? 149 TRP A N   1 
ATOM   1011 C CA  . TRP A 1 134 ? 9.842   -7.038  1.954   1.00 20.81 ? 149 TRP A CA  1 
ATOM   1012 C C   . TRP A 1 134 ? 11.246  -7.515  1.609   1.00 21.37 ? 149 TRP A C   1 
ATOM   1013 O O   . TRP A 1 134 ? 11.433  -8.625  1.108   1.00 21.57 ? 149 TRP A O   1 
ATOM   1014 C CB  . TRP A 1 134 ? 9.482   -7.463  3.381   1.00 20.48 ? 149 TRP A CB  1 
ATOM   1015 C CG  . TRP A 1 134 ? 8.027   -7.293  3.730   1.00 20.10 ? 149 TRP A CG  1 
ATOM   1016 C CD1 . TRP A 1 134 ? 7.030   -8.213  3.557   1.00 19.66 ? 149 TRP A CD1 1 
ATOM   1017 C CD2 . TRP A 1 134 ? 7.410   -6.140  4.319   1.00 19.63 ? 149 TRP A CD2 1 
ATOM   1018 N NE1 . TRP A 1 134 ? 5.833   -7.704  3.999   1.00 19.51 ? 149 TRP A NE1 1 
ATOM   1019 C CE2 . TRP A 1 134 ? 6.038   -6.433  4.472   1.00 19.36 ? 149 TRP A CE2 1 
ATOM   1020 C CE3 . TRP A 1 134 ? 7.884   -4.888  4.735   1.00 19.46 ? 149 TRP A CE3 1 
ATOM   1021 C CZ2 . TRP A 1 134 ? 5.131   -5.517  5.018   1.00 19.60 ? 149 TRP A CZ2 1 
ATOM   1022 C CZ3 . TRP A 1 134 ? 6.981   -3.978  5.279   1.00 19.63 ? 149 TRP A CZ3 1 
ATOM   1023 C CH2 . TRP A 1 134 ? 5.620   -4.299  5.415   1.00 19.71 ? 149 TRP A CH2 1 
ATOM   1024 N N   . GLY A 1 135 ? 12.228  -6.665  1.878   1.00 21.99 ? 150 GLY A N   1 
ATOM   1025 C CA  . GLY A 1 135 ? 13.626  -6.998  1.650   1.00 22.83 ? 150 GLY A CA  1 
ATOM   1026 C C   . GLY A 1 135 ? 14.522  -5.986  2.332   1.00 23.48 ? 150 GLY A C   1 
ATOM   1027 O O   . GLY A 1 135 ? 14.047  -4.982  2.867   1.00 23.52 ? 150 GLY A O   1 
ATOM   1028 N N   . PHE A 1 136 ? 15.824  -6.252  2.321   1.00 24.14 ? 151 PHE A N   1 
ATOM   1029 C CA  . PHE A 1 136 ? 16.789  -5.338  2.914   1.00 24.68 ? 151 PHE A CA  1 
ATOM   1030 C C   . PHE A 1 136 ? 17.058  -4.177  1.963   1.00 24.89 ? 151 PHE A C   1 
ATOM   1031 O O   . PHE A 1 136 ? 16.882  -3.011  2.322   1.00 25.11 ? 151 PHE A O   1 
ATOM   1032 C CB  . PHE A 1 136 ? 18.085  -6.072  3.272   1.00 24.74 ? 151 PHE A CB  1 
ATOM   1033 C CG  . PHE A 1 136 ? 17.911  -7.133  4.323   1.00 24.91 ? 151 PHE A CG  1 
ATOM   1034 C CD1 . PHE A 1 136 ? 17.802  -8.471  3.966   1.00 25.01 ? 151 PHE A CD1 1 
ATOM   1035 C CD2 . PHE A 1 136 ? 17.852  -6.793  5.671   1.00 25.43 ? 151 PHE A CD2 1 
ATOM   1036 C CE1 . PHE A 1 136 ? 17.642  -9.457  4.937   1.00 25.42 ? 151 PHE A CE1 1 
ATOM   1037 C CE2 . PHE A 1 136 ? 17.687  -7.775  6.652   1.00 25.67 ? 151 PHE A CE2 1 
ATOM   1038 C CZ  . PHE A 1 136 ? 17.581  -9.108  6.282   1.00 25.14 ? 151 PHE A CZ  1 
ATOM   1039 O OXT . PHE A 1 136 ? 17.436  -4.381  0.808   1.00 25.02 ? 151 PHE A OXT 1 
HETATM 1040 O O   . HOH B 2 .   ? -10.708 -7.667  0.149   1.00 4.19  ? 201 HOH A O   1 
HETATM 1041 O O   . HOH B 2 .   ? -14.278 -10.174 4.357   1.00 19.74 ? 202 HOH A O   1 
HETATM 1042 O O   . HOH B 2 .   ? -9.209  -9.759  -15.276 1.00 12.18 ? 203 HOH A O   1 
HETATM 1043 O O   . HOH B 2 .   ? -12.507 -3.228  -13.619 1.00 15.09 ? 204 HOH A O   1 
HETATM 1044 O O   . HOH B 2 .   ? 0.508   -6.650  -14.587 1.00 14.14 ? 205 HOH A O   1 
HETATM 1045 O O   . HOH B 2 .   ? 1.383   -4.430  -12.999 1.00 3.03  ? 206 HOH A O   1 
HETATM 1046 O O   . HOH B 2 .   ? 3.480   -11.863 -6.131  1.00 8.71  ? 207 HOH A O   1 
HETATM 1047 O O   . HOH B 2 .   ? 5.201   1.937   -12.721 1.00 3.65  ? 208 HOH A O   1 
HETATM 1048 O O   . HOH B 2 .   ? 15.518  0.430   0.227   1.00 24.23 ? 209 HOH A O   1 
HETATM 1049 O O   . HOH B 2 .   ? -1.478  15.016  -6.785  1.00 22.94 ? 210 HOH A O   1 
HETATM 1050 O O   . HOH B 2 .   ? 3.425   13.889  -9.942  1.00 33.58 ? 211 HOH A O   1 
HETATM 1051 O O   . HOH B 2 .   ? 1.703   11.171  -11.503 1.00 19.82 ? 212 HOH A O   1 
HETATM 1052 O O   . HOH B 2 .   ? -15.098 4.274   -4.757  1.00 10.20 ? 213 HOH A O   1 
HETATM 1053 O O   . HOH B 2 .   ? -16.980 2.213   2.463   1.00 15.21 ? 214 HOH A O   1 
HETATM 1054 O O   . HOH B 2 .   ? -13.909 0.243   -13.470 1.00 29.45 ? 215 HOH A O   1 
HETATM 1055 O O   . HOH B 2 .   ? -12.959 -1.997  12.004  1.00 49.17 ? 216 HOH A O   1 
HETATM 1056 O O   . HOH B 2 .   ? -17.861 -8.450  3.771   1.00 34.55 ? 217 HOH A O   1 
HETATM 1057 O O   . HOH B 2 .   ? -11.928 5.059   10.476  1.00 32.90 ? 218 HOH A O   1 
HETATM 1058 O O   . HOH B 2 .   ? 3.236   -9.735  4.518   1.00 2.00  ? 219 HOH A O   1 
HETATM 1059 O O   . HOH B 2 .   ? 9.229   -10.803 0.382   1.00 16.12 ? 220 HOH A O   1 
HETATM 1060 O O   . HOH B 2 .   ? 16.004  -9.788  1.562   1.00 38.20 ? 221 HOH A O   1 
HETATM 1061 O O   . HOH B 2 .   ? 17.097  -7.449  -0.475  1.00 28.72 ? 222 HOH A O   1 
HETATM 1062 O O   . HOH B 2 .   ? 20.328  -1.773  4.525   1.00 16.64 ? 223 HOH A O   1 
HETATM 1063 O O   . HOH B 2 .   ? 10.155  1.509   2.692   1.00 9.12  ? 224 HOH A O   1 
HETATM 1064 O O   . HOH B 2 .   ? 7.077   11.254  -11.590 1.00 6.94  ? 225 HOH A O   1 
HETATM 1065 O O   . HOH B 2 .   ? -3.903  0.117   -13.548 1.00 15.50 ? 226 HOH A O   1 
HETATM 1066 O O   . HOH B 2 .   ? -17.798 2.175   -12.466 1.00 10.68 ? 227 HOH A O   1 
HETATM 1067 O O   . HOH B 2 .   ? -16.536 -2.923  0.617   1.00 7.12  ? 228 HOH A O   1 
HETATM 1068 O O   . HOH B 2 .   ? -5.955  4.535   12.522  1.00 25.49 ? 229 HOH A O   1 
HETATM 1069 O O   . HOH B 2 .   ? -16.317 -8.470  9.019   1.00 19.23 ? 230 HOH A O   1 
HETATM 1070 O O   . HOH B 2 .   ? -1.657  14.054  3.826   1.00 23.25 ? 231 HOH A O   1 
HETATM 1071 O O   . HOH B 2 .   ? -19.847 -10.106 -0.738  1.00 21.12 ? 232 HOH A O   1 
HETATM 1072 O O   . HOH B 2 .   ? -13.548 -10.365 -12.674 1.00 17.69 ? 233 HOH A O   1 
HETATM 1073 O O   . HOH B 2 .   ? -3.722  -16.217 1.828   1.00 19.10 ? 234 HOH A O   1 
HETATM 1074 O O   . HOH B 2 .   ? -0.612  -13.720 4.067   1.00 30.47 ? 235 HOH A O   1 
HETATM 1075 O O   . HOH B 2 .   ? -3.585  0.643   14.361  1.00 15.96 ? 236 HOH A O   1 
HETATM 1076 O O   . HOH B 2 .   ? 14.547  -3.487  -12.796 1.00 36.60 ? 237 HOH A O   1 
HETATM 1077 O O   . HOH B 2 .   ? -17.673 -10.145 -4.924  1.00 19.86 ? 238 HOH A O   1 
HETATM 1078 O O   . HOH B 2 .   ? -13.471 -12.637 -3.993  1.00 37.29 ? 239 HOH A O   1 
HETATM 1079 O O   . HOH B 2 .   ? -7.577  -4.167  -16.570 1.00 25.90 ? 240 HOH A O   1 
HETATM 1080 O O   . HOH B 2 .   ? 5.139   14.408  -4.559  1.00 28.45 ? 241 HOH A O   1 
HETATM 1081 O O   . HOH B 2 .   ? -7.627  6.695   -8.246  1.00 8.86  ? 242 HOH A O   1 
HETATM 1082 O O   . HOH B 2 .   ? -15.138 4.392   -9.314  1.00 18.81 ? 243 HOH A O   1 
HETATM 1083 O O   . HOH B 2 .   ? -6.491  -11.668 5.154   1.00 28.31 ? 244 HOH A O   1 
HETATM 1084 O O   . HOH B 2 .   ? -9.714  -14.601 1.161   1.00 37.23 ? 245 HOH A O   1 
HETATM 1085 O O   . HOH B 2 .   ? -13.533 -8.966  -3.337  1.00 17.96 ? 246 HOH A O   1 
HETATM 1086 O O   . HOH B 2 .   ? -6.225  -13.355 -1.002  1.00 31.32 ? 247 HOH A O   1 
HETATM 1087 O O   . HOH B 2 .   ? 13.492  6.998   2.721   1.00 16.09 ? 248 HOH A O   1 
HETATM 1088 O O   . HOH B 2 .   ? -14.216 10.966  -6.012  1.00 17.69 ? 249 HOH A O   1 
HETATM 1089 O O   . HOH B 2 .   ? -6.053  1.309   15.276  1.00 19.56 ? 250 HOH A O   1 
HETATM 1090 O O   . HOH B 2 .   ? -7.979  9.438   -12.800 1.00 32.79 ? 251 HOH A O   1 
HETATM 1091 O O   . HOH B 2 .   ? -3.343  10.554  5.266   1.00 32.44 ? 252 HOH A O   1 
HETATM 1092 O O   . HOH B 2 .   ? 0.556   11.019  6.482   1.00 28.00 ? 253 HOH A O   1 
HETATM 1093 O O   . HOH B 2 .   ? -18.622 -4.982  0.887   1.00 19.73 ? 254 HOH A O   1 
HETATM 1094 O O   . HOH B 2 .   ? -21.945 3.018   -9.790  1.00 13.46 ? 255 HOH A O   1 
HETATM 1095 O O   . HOH B 2 .   ? -6.133  -16.201 2.833   1.00 28.42 ? 256 HOH A O   1 
HETATM 1096 O O   . HOH B 2 .   ? -6.438  -5.553  -21.190 1.00 25.48 ? 257 HOH A O   1 
HETATM 1097 O O   . HOH B 2 .   ? -0.851  7.289   -13.692 1.00 36.41 ? 258 HOH A O   1 
HETATM 1098 O O   . HOH B 2 .   ? 3.705   12.999  4.619   1.00 15.27 ? 259 HOH A O   1 
HETATM 1099 O O   . HOH B 2 .   ? 12.786  12.251  12.041  1.00 27.27 ? 260 HOH A O   1 
HETATM 1100 O O   . HOH B 2 .   ? -8.199  11.082  -9.355  1.00 23.80 ? 261 HOH A O   1 
# 
loop_
_pdbx_poly_seq_scheme.asym_id 
_pdbx_poly_seq_scheme.entity_id 
_pdbx_poly_seq_scheme.seq_id 
_pdbx_poly_seq_scheme.mon_id 
_pdbx_poly_seq_scheme.ndb_seq_num 
_pdbx_poly_seq_scheme.pdb_seq_num 
_pdbx_poly_seq_scheme.auth_seq_num 
_pdbx_poly_seq_scheme.pdb_mon_id 
_pdbx_poly_seq_scheme.auth_mon_id 
_pdbx_poly_seq_scheme.pdb_strand_id 
_pdbx_poly_seq_scheme.pdb_ins_code 
_pdbx_poly_seq_scheme.hetero 
A 1 1   GLY 1   16  ?   ?   ?   A . n 
A 1 2   SER 2   17  ?   ?   ?   A . n 
A 1 3   GLY 3   18  18  GLY GLY A . n 
A 1 4   GLN 4   19  19  GLN GLN A . n 
A 1 5   MET 5   20  20  MET MET A . n 
A 1 6   PHE 6   21  21  PHE PHE A . n 
A 1 7   GLY 7   22  22  GLY GLY A . n 
A 1 8   ASN 8   23  23  ASN ASN A . n 
A 1 9   GLY 9   24  24  GLY GLY A . n 
A 1 10  LYS 10  25  25  LYS LYS A . n 
A 1 11  GLY 11  26  26  GLY GLY A . n 
A 1 12  SER 12  27  27  SER SER A . n 
A 1 13  TYR 13  28  28  TYR TYR A . n 
A 1 14  PHE 14  29  29  PHE PHE A . n 
A 1 15  ILE 15  30  30  ILE ILE A . n 
A 1 16  THR 16  31  31  THR THR A . n 
A 1 17  SER 17  32  32  SER SER A . n 
A 1 18  LYS 18  33  33  LYS LYS A . n 
A 1 19  ASP 19  34  34  ASP ASP A . n 
A 1 20  ASN 20  35  35  ASN ASN A . n 
A 1 21  GLU 21  36  36  GLU GLU A . n 
A 1 22  THR 22  37  37  THR THR A . n 
A 1 23  GLY 23  38  38  GLY GLY A . n 
A 1 24  ILE 24  39  39  ILE ILE A . n 
A 1 25  THR 25  40  40  THR THR A . n 
A 1 26  GLY 26  41  41  GLY GLY A . n 
A 1 27  ILE 27  42  42  ILE ILE A . n 
A 1 28  ARG 28  43  43  ARG ARG A . n 
A 1 29  VAL 29  44  44  VAL VAL A . n 
A 1 30  PHE 30  45  45  PHE PHE A . n 
A 1 31  VAL 31  46  46  VAL VAL A . n 
A 1 32  GLY 32  47  47  GLY GLY A . n 
A 1 33  PRO 33  48  48  PRO PRO A . n 
A 1 34  VAL 34  49  49  VAL VAL A . n 
A 1 35  GLY 35  50  50  GLY GLY A . n 
A 1 36  LEU 36  51  51  LEU LEU A . n 
A 1 37  ILE 37  52  52  ILE ILE A . n 
A 1 38  LYS 38  53  53  LYS LYS A . n 
A 1 39  SER 39  54  54  SER SER A . n 
A 1 40  ILE 40  55  55  ILE ILE A . n 
A 1 41  GLN 41  56  56  GLN GLN A . n 
A 1 42  VAL 42  57  57  VAL VAL A . n 
A 1 43  ARG 43  58  58  ARG ARG A . n 
A 1 44  TYR 44  59  59  TYR TYR A . n 
A 1 45  GLY 45  60  60  GLY GLY A . n 
A 1 46  SER 46  61  61  SER SER A . n 
A 1 47  SER 47  62  62  SER SER A . n 
A 1 48  TRP 48  63  63  TRP TRP A . n 
A 1 49  SER 49  64  64  SER SER A . n 
A 1 50  GLU 50  65  65  GLU GLU A . n 
A 1 51  LYS 51  66  66  LYS LYS A . n 
A 1 52  TYR 52  67  67  TYR TYR A . n 
A 1 53  GLY 53  68  68  GLY GLY A . n 
A 1 54  ILE 54  69  69  ILE ILE A . n 
A 1 55  PRO 55  70  70  PRO PRO A . n 
A 1 56  GLY 56  71  71  GLY GLY A . n 
A 1 57  GLY 57  72  72  GLY GLY A . n 
A 1 58  LYS 58  73  73  LYS LYS A . n 
A 1 59  ALA 59  74  74  ALA ALA A . n 
A 1 60  HIS 60  75  75  HIS HIS A . n 
A 1 61  GLU 61  76  76  GLU GLU A . n 
A 1 62  LEU 62  77  77  LEU LEU A . n 
A 1 63  ILE 63  78  78  ILE ILE A . n 
A 1 64  LEU 64  79  79  LEU LEU A . n 
A 1 65  HIS 65  80  80  HIS HIS A . n 
A 1 66  PRO 66  81  81  PRO PRO A . n 
A 1 67  GLY 67  82  82  GLY GLY A . n 
A 1 68  GLU 68  83  83  GLU GLU A . n 
A 1 69  HIS 69  84  84  HIS HIS A . n 
A 1 70  ILE 70  85  85  ILE ILE A . n 
A 1 71  ILE 71  86  86  ILE ILE A . n 
A 1 72  SER 72  87  87  SER SER A . n 
A 1 73  ILE 73  88  88  ILE ILE A . n 
A 1 74  TYR 74  89  89  TYR TYR A . n 
A 1 75  GLY 75  90  90  GLY GLY A . n 
A 1 76  ARG 76  91  91  ARG ARG A . n 
A 1 77  TYR 77  92  92  TYR TYR A . n 
A 1 78  ARG 78  93  93  ARG ARG A . n 
A 1 79  THR 79  94  94  THR THR A . n 
A 1 80  PHE 80  95  95  PHE PHE A . n 
A 1 81  LEU 81  96  96  LEU LEU A . n 
A 1 82  GLN 82  97  97  GLN GLN A . n 
A 1 83  HIS 83  98  98  HIS HIS A . n 
A 1 84  VAL 84  99  99  VAL VAL A . n 
A 1 85  THR 85  100 100 THR THR A . n 
A 1 86  LEU 86  101 101 LEU LEU A . n 
A 1 87  ILE 87  102 102 ILE ILE A . n 
A 1 88  THR 88  103 103 THR THR A . n 
A 1 89  ASN 89  104 104 ASN ASN A . n 
A 1 90  GLN 90  105 105 GLN GLN A . n 
A 1 91  GLY 91  106 106 GLY GLY A . n 
A 1 92  ARG 92  107 107 ARG ARG A . n 
A 1 93  SER 93  108 108 SER SER A . n 
A 1 94  ALA 94  109 109 ALA ALA A . n 
A 1 95  SER 95  110 110 SER SER A . n 
A 1 96  PHE 96  111 111 PHE PHE A . n 
A 1 97  GLY 97  112 112 GLY GLY A . n 
A 1 98  LEU 98  113 113 LEU LEU A . n 
A 1 99  GLU 99  114 114 GLU GLU A . n 
A 1 100 THR 100 115 115 THR THR A . n 
A 1 101 GLY 101 116 116 GLY GLY A . n 
A 1 102 LYS 102 117 117 LYS LYS A . n 
A 1 103 GLY 103 118 118 GLY GLY A . n 
A 1 104 PHE 104 119 119 PHE PHE A . n 
A 1 105 PHE 105 120 120 PHE PHE A . n 
A 1 106 ALA 106 121 121 ALA ALA A . n 
A 1 107 ALA 107 122 122 ALA ALA A . n 
A 1 108 PRO 108 123 123 PRO PRO A . n 
A 1 109 ASN 109 124 124 ASN ASN A . n 
A 1 110 LEU 110 125 125 LEU LEU A . n 
A 1 111 THR 111 126 126 THR THR A . n 
A 1 112 GLY 112 127 127 GLY GLY A . n 
A 1 113 GLN 113 128 128 GLN GLN A . n 
A 1 114 VAL 114 129 129 VAL VAL A . n 
A 1 115 LEU 115 130 130 LEU LEU A . n 
A 1 116 GLU 116 131 131 GLU GLU A . n 
A 1 117 GLY 117 132 132 GLY GLY A . n 
A 1 118 VAL 118 133 133 VAL VAL A . n 
A 1 119 TYR 119 134 134 TYR TYR A . n 
A 1 120 GLY 120 135 135 GLY GLY A . n 
A 1 121 GLN 121 136 136 GLN GLN A . n 
A 1 122 PHE 122 137 137 PHE PHE A . n 
A 1 123 TRP 123 138 138 TRP TRP A . n 
A 1 124 LEU 124 139 139 LEU LEU A . n 
A 1 125 TYR 125 140 140 TYR TYR A . n 
A 1 126 GLY 126 141 141 GLY GLY A . n 
A 1 127 ILE 127 142 142 ILE ILE A . n 
A 1 128 THR 128 143 143 THR THR A . n 
A 1 129 GLY 129 144 144 GLY GLY A . n 
A 1 130 ILE 130 145 145 ILE ILE A . n 
A 1 131 GLY 131 146 146 GLY GLY A . n 
A 1 132 PHE 132 147 147 PHE PHE A . n 
A 1 133 THR 133 148 148 THR THR A . n 
A 1 134 TRP 134 149 149 TRP TRP A . n 
A 1 135 GLY 135 150 150 GLY GLY A . n 
A 1 136 PHE 136 151 151 PHE PHE A . n 
# 
loop_
_pdbx_nonpoly_scheme.asym_id 
_pdbx_nonpoly_scheme.entity_id 
_pdbx_nonpoly_scheme.mon_id 
_pdbx_nonpoly_scheme.ndb_seq_num 
_pdbx_nonpoly_scheme.pdb_seq_num 
_pdbx_nonpoly_scheme.auth_seq_num 
_pdbx_nonpoly_scheme.pdb_mon_id 
_pdbx_nonpoly_scheme.auth_mon_id 
_pdbx_nonpoly_scheme.pdb_strand_id 
_pdbx_nonpoly_scheme.pdb_ins_code 
B 2 HOH 1  201 1  HOH HOH A . 
B 2 HOH 2  202 2  HOH HOH A . 
B 2 HOH 3  203 3  HOH HOH A . 
B 2 HOH 4  204 4  HOH HOH A . 
B 2 HOH 5  205 5  HOH HOH A . 
B 2 HOH 6  206 6  HOH HOH A . 
B 2 HOH 7  207 7  HOH HOH A . 
B 2 HOH 8  208 8  HOH HOH A . 
B 2 HOH 9  209 9  HOH HOH A . 
B 2 HOH 10 210 10 HOH HOH A . 
B 2 HOH 11 211 11 HOH HOH A . 
B 2 HOH 12 212 12 HOH HOH A . 
B 2 HOH 13 213 16 HOH HOH A . 
B 2 HOH 14 214 17 HOH HOH A . 
B 2 HOH 15 215 18 HOH HOH A . 
B 2 HOH 16 216 19 HOH HOH A . 
B 2 HOH 17 217 21 HOH HOH A . 
B 2 HOH 18 218 23 HOH HOH A . 
B 2 HOH 19 219 24 HOH HOH A . 
B 2 HOH 20 220 25 HOH HOH A . 
B 2 HOH 21 221 26 HOH HOH A . 
B 2 HOH 22 222 27 HOH HOH A . 
B 2 HOH 23 223 28 HOH HOH A . 
B 2 HOH 24 224 29 HOH HOH A . 
B 2 HOH 25 225 30 HOH HOH A . 
B 2 HOH 26 226 35 HOH HOH A . 
B 2 HOH 27 227 36 HOH HOH A . 
B 2 HOH 28 228 37 HOH HOH A . 
B 2 HOH 29 229 38 HOH HOH A . 
B 2 HOH 30 230 40 HOH HOH A . 
B 2 HOH 31 231 41 HOH HOH A . 
B 2 HOH 32 232 43 HOH HOH A . 
B 2 HOH 33 233 44 HOH HOH A . 
B 2 HOH 34 234 45 HOH HOH A . 
B 2 HOH 35 235 46 HOH HOH A . 
B 2 HOH 36 236 47 HOH HOH A . 
B 2 HOH 37 237 48 HOH HOH A . 
B 2 HOH 38 238 49 HOH HOH A . 
B 2 HOH 39 239 50 HOH HOH A . 
B 2 HOH 40 240 51 HOH HOH A . 
B 2 HOH 41 241 52 HOH HOH A . 
B 2 HOH 42 242 53 HOH HOH A . 
B 2 HOH 43 243 54 HOH HOH A . 
B 2 HOH 44 244 61 HOH HOH A . 
B 2 HOH 45 245 62 HOH HOH A . 
B 2 HOH 46 246 63 HOH HOH A . 
B 2 HOH 47 247 64 HOH HOH A . 
B 2 HOH 48 248 65 HOH HOH A . 
B 2 HOH 49 249 66 HOH HOH A . 
B 2 HOH 50 250 67 HOH HOH A . 
B 2 HOH 51 251 73 HOH HOH A . 
B 2 HOH 52 252 74 HOH HOH A . 
B 2 HOH 53 253 75 HOH HOH A . 
B 2 HOH 54 254 76 HOH HOH A . 
B 2 HOH 55 255 77 HOH HOH A . 
B 2 HOH 56 256 78 HOH HOH A . 
B 2 HOH 57 257 79 HOH HOH A . 
B 2 HOH 58 258 80 HOH HOH A . 
B 2 HOH 59 259 82 HOH HOH A . 
B 2 HOH 60 260 83 HOH HOH A . 
B 2 HOH 61 261 84 HOH HOH A . 
# 
_pdbx_struct_assembly.id                   1 
_pdbx_struct_assembly.details              author_and_software_defined_assembly 
_pdbx_struct_assembly.method_details       PISA 
_pdbx_struct_assembly.oligomeric_details   monomeric 
_pdbx_struct_assembly.oligomeric_count     1 
# 
_pdbx_struct_assembly_gen.assembly_id       1 
_pdbx_struct_assembly_gen.oper_expression   1 
_pdbx_struct_assembly_gen.asym_id_list      A,B 
# 
_pdbx_struct_oper_list.id                   1 
_pdbx_struct_oper_list.type                 'identity operation' 
_pdbx_struct_oper_list.name                 1_555 
_pdbx_struct_oper_list.symmetry_operation   x,y,z 
_pdbx_struct_oper_list.matrix[1][1]         1.0000000000 
_pdbx_struct_oper_list.matrix[1][2]         0.0000000000 
_pdbx_struct_oper_list.matrix[1][3]         0.0000000000 
_pdbx_struct_oper_list.vector[1]            0.0000000000 
_pdbx_struct_oper_list.matrix[2][1]         0.0000000000 
_pdbx_struct_oper_list.matrix[2][2]         1.0000000000 
_pdbx_struct_oper_list.matrix[2][3]         0.0000000000 
_pdbx_struct_oper_list.vector[2]            0.0000000000 
_pdbx_struct_oper_list.matrix[3][1]         0.0000000000 
_pdbx_struct_oper_list.matrix[3][2]         0.0000000000 
_pdbx_struct_oper_list.matrix[3][3]         1.0000000000 
_pdbx_struct_oper_list.vector[3]            0.0000000000 
# 
loop_
_pdbx_audit_revision_history.ordinal 
_pdbx_audit_revision_history.data_content_type 
_pdbx_audit_revision_history.major_revision 
_pdbx_audit_revision_history.minor_revision 
_pdbx_audit_revision_history.revision_date 
1 'Structure model' 1 0 2014-12-31 
2 'Structure model' 1 1 2015-03-25 
3 'Structure model' 1 2 2023-11-08 
# 
_pdbx_audit_revision_details.ordinal             1 
_pdbx_audit_revision_details.revision_ordinal    1 
_pdbx_audit_revision_details.data_content_type   'Structure model' 
_pdbx_audit_revision_details.provider            repository 
_pdbx_audit_revision_details.type                'Initial release' 
_pdbx_audit_revision_details.description         ? 
_pdbx_audit_revision_details.details             ? 
# 
loop_
_pdbx_audit_revision_group.ordinal 
_pdbx_audit_revision_group.revision_ordinal 
_pdbx_audit_revision_group.data_content_type 
_pdbx_audit_revision_group.group 
1 2 'Structure model' 'Database references'    
2 3 'Structure model' 'Data collection'        
3 3 'Structure model' 'Database references'    
4 3 'Structure model' 'Refinement description' 
# 
loop_
_pdbx_audit_revision_category.ordinal 
_pdbx_audit_revision_category.revision_ordinal 
_pdbx_audit_revision_category.data_content_type 
_pdbx_audit_revision_category.category 
1 3 'Structure model' chem_comp_atom                
2 3 'Structure model' chem_comp_bond                
3 3 'Structure model' database_2                    
4 3 'Structure model' pdbx_initial_refinement_model 
# 
loop_
_pdbx_audit_revision_item.ordinal 
_pdbx_audit_revision_item.revision_ordinal 
_pdbx_audit_revision_item.data_content_type 
_pdbx_audit_revision_item.item 
1 3 'Structure model' '_database_2.pdbx_DOI'                
2 3 'Structure model' '_database_2.pdbx_database_accession' 
# 
loop_
_software.name 
_software.classification 
_software.version 
_software.citation_id 
_software.pdbx_ordinal 
HKL-2000  'data collection' .        ? 1 
MOLREP    phasing           .        ? 2 
REFMAC    refinement        5.2.0019 ? 3 
DENZO     'data reduction'  .        ? 4 
SCALEPACK 'data scaling'    .        ? 5 
# 
_pdbx_entry_details.entry_id                 3WOB 
_pdbx_entry_details.nonpolymer_details       ? 
_pdbx_entry_details.sequence_details         
;THE SEQUENCE OF THIS PROTEIN WAS NOT AVAILABLE AT THE UNIPROT KNOWLEDGEBASE DATABASE (UNIPROTKB) AT THE TIME OF DEPOSITION. DNA SEQUENCE FOR EACH CHAIN HAS DDBJ ACCESSION NUMBER AB851481.
;
_pdbx_entry_details.compound_details         ? 
_pdbx_entry_details.source_details           ? 
_pdbx_entry_details.has_ligand_of_interest   ? 
# 
loop_
_pdbx_validate_torsion.id 
_pdbx_validate_torsion.PDB_model_num 
_pdbx_validate_torsion.auth_comp_id 
_pdbx_validate_torsion.auth_asym_id 
_pdbx_validate_torsion.auth_seq_id 
_pdbx_validate_torsion.PDB_ins_code 
_pdbx_validate_torsion.label_alt_id 
_pdbx_validate_torsion.phi 
_pdbx_validate_torsion.psi 
1 1 GLN A 19  ? ? -104.26 -139.58 
2 1 GLU A 36  ? ? -144.82 -153.02 
3 1 ARG A 93  ? ? -133.27 -107.65 
4 1 GLU A 114 ? ? -67.96  73.31   
5 1 TRP A 138 ? ? -129.02 -102.39 
# 
loop_
_pdbx_unobs_or_zero_occ_residues.id 
_pdbx_unobs_or_zero_occ_residues.PDB_model_num 
_pdbx_unobs_or_zero_occ_residues.polymer_flag 
_pdbx_unobs_or_zero_occ_residues.occupancy_flag 
_pdbx_unobs_or_zero_occ_residues.auth_asym_id 
_pdbx_unobs_or_zero_occ_residues.auth_comp_id 
_pdbx_unobs_or_zero_occ_residues.auth_seq_id 
_pdbx_unobs_or_zero_occ_residues.PDB_ins_code 
_pdbx_unobs_or_zero_occ_residues.label_asym_id 
_pdbx_unobs_or_zero_occ_residues.label_comp_id 
_pdbx_unobs_or_zero_occ_residues.label_seq_id 
1 1 Y 1 A GLY 16 ? A GLY 1 
2 1 Y 1 A SER 17 ? A SER 2 
# 
loop_
_chem_comp_atom.comp_id 
_chem_comp_atom.atom_id 
_chem_comp_atom.type_symbol 
_chem_comp_atom.pdbx_aromatic_flag 
_chem_comp_atom.pdbx_stereo_config 
_chem_comp_atom.pdbx_ordinal 
ALA N    N N N 1   
ALA CA   C N S 2   
ALA C    C N N 3   
ALA O    O N N 4   
ALA CB   C N N 5   
ALA OXT  O N N 6   
ALA H    H N N 7   
ALA H2   H N N 8   
ALA HA   H N N 9   
ALA HB1  H N N 10  
ALA HB2  H N N 11  
ALA HB3  H N N 12  
ALA HXT  H N N 13  
ARG N    N N N 14  
ARG CA   C N S 15  
ARG C    C N N 16  
ARG O    O N N 17  
ARG CB   C N N 18  
ARG CG   C N N 19  
ARG CD   C N N 20  
ARG NE   N N N 21  
ARG CZ   C N N 22  
ARG NH1  N N N 23  
ARG NH2  N N N 24  
ARG OXT  O N N 25  
ARG H    H N N 26  
ARG H2   H N N 27  
ARG HA   H N N 28  
ARG HB2  H N N 29  
ARG HB3  H N N 30  
ARG HG2  H N N 31  
ARG HG3  H N N 32  
ARG HD2  H N N 33  
ARG HD3  H N N 34  
ARG HE   H N N 35  
ARG HH11 H N N 36  
ARG HH12 H N N 37  
ARG HH21 H N N 38  
ARG HH22 H N N 39  
ARG HXT  H N N 40  
ASN N    N N N 41  
ASN CA   C N S 42  
ASN C    C N N 43  
ASN O    O N N 44  
ASN CB   C N N 45  
ASN CG   C N N 46  
ASN OD1  O N N 47  
ASN ND2  N N N 48  
ASN OXT  O N N 49  
ASN H    H N N 50  
ASN H2   H N N 51  
ASN HA   H N N 52  
ASN HB2  H N N 53  
ASN HB3  H N N 54  
ASN HD21 H N N 55  
ASN HD22 H N N 56  
ASN HXT  H N N 57  
ASP N    N N N 58  
ASP CA   C N S 59  
ASP C    C N N 60  
ASP O    O N N 61  
ASP CB   C N N 62  
ASP CG   C N N 63  
ASP OD1  O N N 64  
ASP OD2  O N N 65  
ASP OXT  O N N 66  
ASP H    H N N 67  
ASP H2   H N N 68  
ASP HA   H N N 69  
ASP HB2  H N N 70  
ASP HB3  H N N 71  
ASP HD2  H N N 72  
ASP HXT  H N N 73  
GLN N    N N N 74  
GLN CA   C N S 75  
GLN C    C N N 76  
GLN O    O N N 77  
GLN CB   C N N 78  
GLN CG   C N N 79  
GLN CD   C N N 80  
GLN OE1  O N N 81  
GLN NE2  N N N 82  
GLN OXT  O N N 83  
GLN H    H N N 84  
GLN H2   H N N 85  
GLN HA   H N N 86  
GLN HB2  H N N 87  
GLN HB3  H N N 88  
GLN HG2  H N N 89  
GLN HG3  H N N 90  
GLN HE21 H N N 91  
GLN HE22 H N N 92  
GLN HXT  H N N 93  
GLU N    N N N 94  
GLU CA   C N S 95  
GLU C    C N N 96  
GLU O    O N N 97  
GLU CB   C N N 98  
GLU CG   C N N 99  
GLU CD   C N N 100 
GLU OE1  O N N 101 
GLU OE2  O N N 102 
GLU OXT  O N N 103 
GLU H    H N N 104 
GLU H2   H N N 105 
GLU HA   H N N 106 
GLU HB2  H N N 107 
GLU HB3  H N N 108 
GLU HG2  H N N 109 
GLU HG3  H N N 110 
GLU HE2  H N N 111 
GLU HXT  H N N 112 
GLY N    N N N 113 
GLY CA   C N N 114 
GLY C    C N N 115 
GLY O    O N N 116 
GLY OXT  O N N 117 
GLY H    H N N 118 
GLY H2   H N N 119 
GLY HA2  H N N 120 
GLY HA3  H N N 121 
GLY HXT  H N N 122 
HIS N    N N N 123 
HIS CA   C N S 124 
HIS C    C N N 125 
HIS O    O N N 126 
HIS CB   C N N 127 
HIS CG   C Y N 128 
HIS ND1  N Y N 129 
HIS CD2  C Y N 130 
HIS CE1  C Y N 131 
HIS NE2  N Y N 132 
HIS OXT  O N N 133 
HIS H    H N N 134 
HIS H2   H N N 135 
HIS HA   H N N 136 
HIS HB2  H N N 137 
HIS HB3  H N N 138 
HIS HD1  H N N 139 
HIS HD2  H N N 140 
HIS HE1  H N N 141 
HIS HE2  H N N 142 
HIS HXT  H N N 143 
HOH O    O N N 144 
HOH H1   H N N 145 
HOH H2   H N N 146 
ILE N    N N N 147 
ILE CA   C N S 148 
ILE C    C N N 149 
ILE O    O N N 150 
ILE CB   C N S 151 
ILE CG1  C N N 152 
ILE CG2  C N N 153 
ILE CD1  C N N 154 
ILE OXT  O N N 155 
ILE H    H N N 156 
ILE H2   H N N 157 
ILE HA   H N N 158 
ILE HB   H N N 159 
ILE HG12 H N N 160 
ILE HG13 H N N 161 
ILE HG21 H N N 162 
ILE HG22 H N N 163 
ILE HG23 H N N 164 
ILE HD11 H N N 165 
ILE HD12 H N N 166 
ILE HD13 H N N 167 
ILE HXT  H N N 168 
LEU N    N N N 169 
LEU CA   C N S 170 
LEU C    C N N 171 
LEU O    O N N 172 
LEU CB   C N N 173 
LEU CG   C N N 174 
LEU CD1  C N N 175 
LEU CD2  C N N 176 
LEU OXT  O N N 177 
LEU H    H N N 178 
LEU H2   H N N 179 
LEU HA   H N N 180 
LEU HB2  H N N 181 
LEU HB3  H N N 182 
LEU HG   H N N 183 
LEU HD11 H N N 184 
LEU HD12 H N N 185 
LEU HD13 H N N 186 
LEU HD21 H N N 187 
LEU HD22 H N N 188 
LEU HD23 H N N 189 
LEU HXT  H N N 190 
LYS N    N N N 191 
LYS CA   C N S 192 
LYS C    C N N 193 
LYS O    O N N 194 
LYS CB   C N N 195 
LYS CG   C N N 196 
LYS CD   C N N 197 
LYS CE   C N N 198 
LYS NZ   N N N 199 
LYS OXT  O N N 200 
LYS H    H N N 201 
LYS H2   H N N 202 
LYS HA   H N N 203 
LYS HB2  H N N 204 
LYS HB3  H N N 205 
LYS HG2  H N N 206 
LYS HG3  H N N 207 
LYS HD2  H N N 208 
LYS HD3  H N N 209 
LYS HE2  H N N 210 
LYS HE3  H N N 211 
LYS HZ1  H N N 212 
LYS HZ2  H N N 213 
LYS HZ3  H N N 214 
LYS HXT  H N N 215 
MET N    N N N 216 
MET CA   C N S 217 
MET C    C N N 218 
MET O    O N N 219 
MET CB   C N N 220 
MET CG   C N N 221 
MET SD   S N N 222 
MET CE   C N N 223 
MET OXT  O N N 224 
MET H    H N N 225 
MET H2   H N N 226 
MET HA   H N N 227 
MET HB2  H N N 228 
MET HB3  H N N 229 
MET HG2  H N N 230 
MET HG3  H N N 231 
MET HE1  H N N 232 
MET HE2  H N N 233 
MET HE3  H N N 234 
MET HXT  H N N 235 
PHE N    N N N 236 
PHE CA   C N S 237 
PHE C    C N N 238 
PHE O    O N N 239 
PHE CB   C N N 240 
PHE CG   C Y N 241 
PHE CD1  C Y N 242 
PHE CD2  C Y N 243 
PHE CE1  C Y N 244 
PHE CE2  C Y N 245 
PHE CZ   C Y N 246 
PHE OXT  O N N 247 
PHE H    H N N 248 
PHE H2   H N N 249 
PHE HA   H N N 250 
PHE HB2  H N N 251 
PHE HB3  H N N 252 
PHE HD1  H N N 253 
PHE HD2  H N N 254 
PHE HE1  H N N 255 
PHE HE2  H N N 256 
PHE HZ   H N N 257 
PHE HXT  H N N 258 
PRO N    N N N 259 
PRO CA   C N S 260 
PRO C    C N N 261 
PRO O    O N N 262 
PRO CB   C N N 263 
PRO CG   C N N 264 
PRO CD   C N N 265 
PRO OXT  O N N 266 
PRO H    H N N 267 
PRO HA   H N N 268 
PRO HB2  H N N 269 
PRO HB3  H N N 270 
PRO HG2  H N N 271 
PRO HG3  H N N 272 
PRO HD2  H N N 273 
PRO HD3  H N N 274 
PRO HXT  H N N 275 
SER N    N N N 276 
SER CA   C N S 277 
SER C    C N N 278 
SER O    O N N 279 
SER CB   C N N 280 
SER OG   O N N 281 
SER OXT  O N N 282 
SER H    H N N 283 
SER H2   H N N 284 
SER HA   H N N 285 
SER HB2  H N N 286 
SER HB3  H N N 287 
SER HG   H N N 288 
SER HXT  H N N 289 
THR N    N N N 290 
THR CA   C N S 291 
THR C    C N N 292 
THR O    O N N 293 
THR CB   C N R 294 
THR OG1  O N N 295 
THR CG2  C N N 296 
THR OXT  O N N 297 
THR H    H N N 298 
THR H2   H N N 299 
THR HA   H N N 300 
THR HB   H N N 301 
THR HG1  H N N 302 
THR HG21 H N N 303 
THR HG22 H N N 304 
THR HG23 H N N 305 
THR HXT  H N N 306 
TRP N    N N N 307 
TRP CA   C N S 308 
TRP C    C N N 309 
TRP O    O N N 310 
TRP CB   C N N 311 
TRP CG   C Y N 312 
TRP CD1  C Y N 313 
TRP CD2  C Y N 314 
TRP NE1  N Y N 315 
TRP CE2  C Y N 316 
TRP CE3  C Y N 317 
TRP CZ2  C Y N 318 
TRP CZ3  C Y N 319 
TRP CH2  C Y N 320 
TRP OXT  O N N 321 
TRP H    H N N 322 
TRP H2   H N N 323 
TRP HA   H N N 324 
TRP HB2  H N N 325 
TRP HB3  H N N 326 
TRP HD1  H N N 327 
TRP HE1  H N N 328 
TRP HE3  H N N 329 
TRP HZ2  H N N 330 
TRP HZ3  H N N 331 
TRP HH2  H N N 332 
TRP HXT  H N N 333 
TYR N    N N N 334 
TYR CA   C N S 335 
TYR C    C N N 336 
TYR O    O N N 337 
TYR CB   C N N 338 
TYR CG   C Y N 339 
TYR CD1  C Y N 340 
TYR CD2  C Y N 341 
TYR CE1  C Y N 342 
TYR CE2  C Y N 343 
TYR CZ   C Y N 344 
TYR OH   O N N 345 
TYR OXT  O N N 346 
TYR H    H N N 347 
TYR H2   H N N 348 
TYR HA   H N N 349 
TYR HB2  H N N 350 
TYR HB3  H N N 351 
TYR HD1  H N N 352 
TYR HD2  H N N 353 
TYR HE1  H N N 354 
TYR HE2  H N N 355 
TYR HH   H N N 356 
TYR HXT  H N N 357 
VAL N    N N N 358 
VAL CA   C N S 359 
VAL C    C N N 360 
VAL O    O N N 361 
VAL CB   C N N 362 
VAL CG1  C N N 363 
VAL CG2  C N N 364 
VAL OXT  O N N 365 
VAL H    H N N 366 
VAL H2   H N N 367 
VAL HA   H N N 368 
VAL HB   H N N 369 
VAL HG11 H N N 370 
VAL HG12 H N N 371 
VAL HG13 H N N 372 
VAL HG21 H N N 373 
VAL HG22 H N N 374 
VAL HG23 H N N 375 
VAL HXT  H N N 376 
# 
loop_
_chem_comp_bond.comp_id 
_chem_comp_bond.atom_id_1 
_chem_comp_bond.atom_id_2 
_chem_comp_bond.value_order 
_chem_comp_bond.pdbx_aromatic_flag 
_chem_comp_bond.pdbx_stereo_config 
_chem_comp_bond.pdbx_ordinal 
ALA N   CA   sing N N 1   
ALA N   H    sing N N 2   
ALA N   H2   sing N N 3   
ALA CA  C    sing N N 4   
ALA CA  CB   sing N N 5   
ALA CA  HA   sing N N 6   
ALA C   O    doub N N 7   
ALA C   OXT  sing N N 8   
ALA CB  HB1  sing N N 9   
ALA CB  HB2  sing N N 10  
ALA CB  HB3  sing N N 11  
ALA OXT HXT  sing N N 12  
ARG N   CA   sing N N 13  
ARG N   H    sing N N 14  
ARG N   H2   sing N N 15  
ARG CA  C    sing N N 16  
ARG CA  CB   sing N N 17  
ARG CA  HA   sing N N 18  
ARG C   O    doub N N 19  
ARG C   OXT  sing N N 20  
ARG CB  CG   sing N N 21  
ARG CB  HB2  sing N N 22  
ARG CB  HB3  sing N N 23  
ARG CG  CD   sing N N 24  
ARG CG  HG2  sing N N 25  
ARG CG  HG3  sing N N 26  
ARG CD  NE   sing N N 27  
ARG CD  HD2  sing N N 28  
ARG CD  HD3  sing N N 29  
ARG NE  CZ   sing N N 30  
ARG NE  HE   sing N N 31  
ARG CZ  NH1  sing N N 32  
ARG CZ  NH2  doub N N 33  
ARG NH1 HH11 sing N N 34  
ARG NH1 HH12 sing N N 35  
ARG NH2 HH21 sing N N 36  
ARG NH2 HH22 sing N N 37  
ARG OXT HXT  sing N N 38  
ASN N   CA   sing N N 39  
ASN N   H    sing N N 40  
ASN N   H2   sing N N 41  
ASN CA  C    sing N N 42  
ASN CA  CB   sing N N 43  
ASN CA  HA   sing N N 44  
ASN C   O    doub N N 45  
ASN C   OXT  sing N N 46  
ASN CB  CG   sing N N 47  
ASN CB  HB2  sing N N 48  
ASN CB  HB3  sing N N 49  
ASN CG  OD1  doub N N 50  
ASN CG  ND2  sing N N 51  
ASN ND2 HD21 sing N N 52  
ASN ND2 HD22 sing N N 53  
ASN OXT HXT  sing N N 54  
ASP N   CA   sing N N 55  
ASP N   H    sing N N 56  
ASP N   H2   sing N N 57  
ASP CA  C    sing N N 58  
ASP CA  CB   sing N N 59  
ASP CA  HA   sing N N 60  
ASP C   O    doub N N 61  
ASP C   OXT  sing N N 62  
ASP CB  CG   sing N N 63  
ASP CB  HB2  sing N N 64  
ASP CB  HB3  sing N N 65  
ASP CG  OD1  doub N N 66  
ASP CG  OD2  sing N N 67  
ASP OD2 HD2  sing N N 68  
ASP OXT HXT  sing N N 69  
GLN N   CA   sing N N 70  
GLN N   H    sing N N 71  
GLN N   H2   sing N N 72  
GLN CA  C    sing N N 73  
GLN CA  CB   sing N N 74  
GLN CA  HA   sing N N 75  
GLN C   O    doub N N 76  
GLN C   OXT  sing N N 77  
GLN CB  CG   sing N N 78  
GLN CB  HB2  sing N N 79  
GLN CB  HB3  sing N N 80  
GLN CG  CD   sing N N 81  
GLN CG  HG2  sing N N 82  
GLN CG  HG3  sing N N 83  
GLN CD  OE1  doub N N 84  
GLN CD  NE2  sing N N 85  
GLN NE2 HE21 sing N N 86  
GLN NE2 HE22 sing N N 87  
GLN OXT HXT  sing N N 88  
GLU N   CA   sing N N 89  
GLU N   H    sing N N 90  
GLU N   H2   sing N N 91  
GLU CA  C    sing N N 92  
GLU CA  CB   sing N N 93  
GLU CA  HA   sing N N 94  
GLU C   O    doub N N 95  
GLU C   OXT  sing N N 96  
GLU CB  CG   sing N N 97  
GLU CB  HB2  sing N N 98  
GLU CB  HB3  sing N N 99  
GLU CG  CD   sing N N 100 
GLU CG  HG2  sing N N 101 
GLU CG  HG3  sing N N 102 
GLU CD  OE1  doub N N 103 
GLU CD  OE2  sing N N 104 
GLU OE2 HE2  sing N N 105 
GLU OXT HXT  sing N N 106 
GLY N   CA   sing N N 107 
GLY N   H    sing N N 108 
GLY N   H2   sing N N 109 
GLY CA  C    sing N N 110 
GLY CA  HA2  sing N N 111 
GLY CA  HA3  sing N N 112 
GLY C   O    doub N N 113 
GLY C   OXT  sing N N 114 
GLY OXT HXT  sing N N 115 
HIS N   CA   sing N N 116 
HIS N   H    sing N N 117 
HIS N   H2   sing N N 118 
HIS CA  C    sing N N 119 
HIS CA  CB   sing N N 120 
HIS CA  HA   sing N N 121 
HIS C   O    doub N N 122 
HIS C   OXT  sing N N 123 
HIS CB  CG   sing N N 124 
HIS CB  HB2  sing N N 125 
HIS CB  HB3  sing N N 126 
HIS CG  ND1  sing Y N 127 
HIS CG  CD2  doub Y N 128 
HIS ND1 CE1  doub Y N 129 
HIS ND1 HD1  sing N N 130 
HIS CD2 NE2  sing Y N 131 
HIS CD2 HD2  sing N N 132 
HIS CE1 NE2  sing Y N 133 
HIS CE1 HE1  sing N N 134 
HIS NE2 HE2  sing N N 135 
HIS OXT HXT  sing N N 136 
HOH O   H1   sing N N 137 
HOH O   H2   sing N N 138 
ILE N   CA   sing N N 139 
ILE N   H    sing N N 140 
ILE N   H2   sing N N 141 
ILE CA  C    sing N N 142 
ILE CA  CB   sing N N 143 
ILE CA  HA   sing N N 144 
ILE C   O    doub N N 145 
ILE C   OXT  sing N N 146 
ILE CB  CG1  sing N N 147 
ILE CB  CG2  sing N N 148 
ILE CB  HB   sing N N 149 
ILE CG1 CD1  sing N N 150 
ILE CG1 HG12 sing N N 151 
ILE CG1 HG13 sing N N 152 
ILE CG2 HG21 sing N N 153 
ILE CG2 HG22 sing N N 154 
ILE CG2 HG23 sing N N 155 
ILE CD1 HD11 sing N N 156 
ILE CD1 HD12 sing N N 157 
ILE CD1 HD13 sing N N 158 
ILE OXT HXT  sing N N 159 
LEU N   CA   sing N N 160 
LEU N   H    sing N N 161 
LEU N   H2   sing N N 162 
LEU CA  C    sing N N 163 
LEU CA  CB   sing N N 164 
LEU CA  HA   sing N N 165 
LEU C   O    doub N N 166 
LEU C   OXT  sing N N 167 
LEU CB  CG   sing N N 168 
LEU CB  HB2  sing N N 169 
LEU CB  HB3  sing N N 170 
LEU CG  CD1  sing N N 171 
LEU CG  CD2  sing N N 172 
LEU CG  HG   sing N N 173 
LEU CD1 HD11 sing N N 174 
LEU CD1 HD12 sing N N 175 
LEU CD1 HD13 sing N N 176 
LEU CD2 HD21 sing N N 177 
LEU CD2 HD22 sing N N 178 
LEU CD2 HD23 sing N N 179 
LEU OXT HXT  sing N N 180 
LYS N   CA   sing N N 181 
LYS N   H    sing N N 182 
LYS N   H2   sing N N 183 
LYS CA  C    sing N N 184 
LYS CA  CB   sing N N 185 
LYS CA  HA   sing N N 186 
LYS C   O    doub N N 187 
LYS C   OXT  sing N N 188 
LYS CB  CG   sing N N 189 
LYS CB  HB2  sing N N 190 
LYS CB  HB3  sing N N 191 
LYS CG  CD   sing N N 192 
LYS CG  HG2  sing N N 193 
LYS CG  HG3  sing N N 194 
LYS CD  CE   sing N N 195 
LYS CD  HD2  sing N N 196 
LYS CD  HD3  sing N N 197 
LYS CE  NZ   sing N N 198 
LYS CE  HE2  sing N N 199 
LYS CE  HE3  sing N N 200 
LYS NZ  HZ1  sing N N 201 
LYS NZ  HZ2  sing N N 202 
LYS NZ  HZ3  sing N N 203 
LYS OXT HXT  sing N N 204 
MET N   CA   sing N N 205 
MET N   H    sing N N 206 
MET N   H2   sing N N 207 
MET CA  C    sing N N 208 
MET CA  CB   sing N N 209 
MET CA  HA   sing N N 210 
MET C   O    doub N N 211 
MET C   OXT  sing N N 212 
MET CB  CG   sing N N 213 
MET CB  HB2  sing N N 214 
MET CB  HB3  sing N N 215 
MET CG  SD   sing N N 216 
MET CG  HG2  sing N N 217 
MET CG  HG3  sing N N 218 
MET SD  CE   sing N N 219 
MET CE  HE1  sing N N 220 
MET CE  HE2  sing N N 221 
MET CE  HE3  sing N N 222 
MET OXT HXT  sing N N 223 
PHE N   CA   sing N N 224 
PHE N   H    sing N N 225 
PHE N   H2   sing N N 226 
PHE CA  C    sing N N 227 
PHE CA  CB   sing N N 228 
PHE CA  HA   sing N N 229 
PHE C   O    doub N N 230 
PHE C   OXT  sing N N 231 
PHE CB  CG   sing N N 232 
PHE CB  HB2  sing N N 233 
PHE CB  HB3  sing N N 234 
PHE CG  CD1  doub Y N 235 
PHE CG  CD2  sing Y N 236 
PHE CD1 CE1  sing Y N 237 
PHE CD1 HD1  sing N N 238 
PHE CD2 CE2  doub Y N 239 
PHE CD2 HD2  sing N N 240 
PHE CE1 CZ   doub Y N 241 
PHE CE1 HE1  sing N N 242 
PHE CE2 CZ   sing Y N 243 
PHE CE2 HE2  sing N N 244 
PHE CZ  HZ   sing N N 245 
PHE OXT HXT  sing N N 246 
PRO N   CA   sing N N 247 
PRO N   CD   sing N N 248 
PRO N   H    sing N N 249 
PRO CA  C    sing N N 250 
PRO CA  CB   sing N N 251 
PRO CA  HA   sing N N 252 
PRO C   O    doub N N 253 
PRO C   OXT  sing N N 254 
PRO CB  CG   sing N N 255 
PRO CB  HB2  sing N N 256 
PRO CB  HB3  sing N N 257 
PRO CG  CD   sing N N 258 
PRO CG  HG2  sing N N 259 
PRO CG  HG3  sing N N 260 
PRO CD  HD2  sing N N 261 
PRO CD  HD3  sing N N 262 
PRO OXT HXT  sing N N 263 
SER N   CA   sing N N 264 
SER N   H    sing N N 265 
SER N   H2   sing N N 266 
SER CA  C    sing N N 267 
SER CA  CB   sing N N 268 
SER CA  HA   sing N N 269 
SER C   O    doub N N 270 
SER C   OXT  sing N N 271 
SER CB  OG   sing N N 272 
SER CB  HB2  sing N N 273 
SER CB  HB3  sing N N 274 
SER OG  HG   sing N N 275 
SER OXT HXT  sing N N 276 
THR N   CA   sing N N 277 
THR N   H    sing N N 278 
THR N   H2   sing N N 279 
THR CA  C    sing N N 280 
THR CA  CB   sing N N 281 
THR CA  HA   sing N N 282 
THR C   O    doub N N 283 
THR C   OXT  sing N N 284 
THR CB  OG1  sing N N 285 
THR CB  CG2  sing N N 286 
THR CB  HB   sing N N 287 
THR OG1 HG1  sing N N 288 
THR CG2 HG21 sing N N 289 
THR CG2 HG22 sing N N 290 
THR CG2 HG23 sing N N 291 
THR OXT HXT  sing N N 292 
TRP N   CA   sing N N 293 
TRP N   H    sing N N 294 
TRP N   H2   sing N N 295 
TRP CA  C    sing N N 296 
TRP CA  CB   sing N N 297 
TRP CA  HA   sing N N 298 
TRP C   O    doub N N 299 
TRP C   OXT  sing N N 300 
TRP CB  CG   sing N N 301 
TRP CB  HB2  sing N N 302 
TRP CB  HB3  sing N N 303 
TRP CG  CD1  doub Y N 304 
TRP CG  CD2  sing Y N 305 
TRP CD1 NE1  sing Y N 306 
TRP CD1 HD1  sing N N 307 
TRP CD2 CE2  doub Y N 308 
TRP CD2 CE3  sing Y N 309 
TRP NE1 CE2  sing Y N 310 
TRP NE1 HE1  sing N N 311 
TRP CE2 CZ2  sing Y N 312 
TRP CE3 CZ3  doub Y N 313 
TRP CE3 HE3  sing N N 314 
TRP CZ2 CH2  doub Y N 315 
TRP CZ2 HZ2  sing N N 316 
TRP CZ3 CH2  sing Y N 317 
TRP CZ3 HZ3  sing N N 318 
TRP CH2 HH2  sing N N 319 
TRP OXT HXT  sing N N 320 
TYR N   CA   sing N N 321 
TYR N   H    sing N N 322 
TYR N   H2   sing N N 323 
TYR CA  C    sing N N 324 
TYR CA  CB   sing N N 325 
TYR CA  HA   sing N N 326 
TYR C   O    doub N N 327 
TYR C   OXT  sing N N 328 
TYR CB  CG   sing N N 329 
TYR CB  HB2  sing N N 330 
TYR CB  HB3  sing N N 331 
TYR CG  CD1  doub Y N 332 
TYR CG  CD2  sing Y N 333 
TYR CD1 CE1  sing Y N 334 
TYR CD1 HD1  sing N N 335 
TYR CD2 CE2  doub Y N 336 
TYR CD2 HD2  sing N N 337 
TYR CE1 CZ   doub Y N 338 
TYR CE1 HE1  sing N N 339 
TYR CE2 CZ   sing Y N 340 
TYR CE2 HE2  sing N N 341 
TYR CZ  OH   sing N N 342 
TYR OH  HH   sing N N 343 
TYR OXT HXT  sing N N 344 
VAL N   CA   sing N N 345 
VAL N   H    sing N N 346 
VAL N   H2   sing N N 347 
VAL CA  C    sing N N 348 
VAL CA  CB   sing N N 349 
VAL CA  HA   sing N N 350 
VAL C   O    doub N N 351 
VAL C   OXT  sing N N 352 
VAL CB  CG1  sing N N 353 
VAL CB  CG2  sing N N 354 
VAL CB  HB   sing N N 355 
VAL CG1 HG11 sing N N 356 
VAL CG1 HG12 sing N N 357 
VAL CG1 HG13 sing N N 358 
VAL CG2 HG21 sing N N 359 
VAL CG2 HG22 sing N N 360 
VAL CG2 HG23 sing N N 361 
VAL OXT HXT  sing N N 362 
# 
_pdbx_entity_nonpoly.entity_id   2 
_pdbx_entity_nonpoly.name        water 
_pdbx_entity_nonpoly.comp_id     HOH 
# 
_pdbx_initial_refinement_model.id               1 
_pdbx_initial_refinement_model.entity_id_list   ? 
_pdbx_initial_refinement_model.type             'experimental model' 
_pdbx_initial_refinement_model.source_name      PDB 
_pdbx_initial_refinement_model.accession_code   3AQG 
_pdbx_initial_refinement_model.details          ? 
# 
